data_2Z2F
# 
_entry.id   2Z2F 
# 
_audit_conform.dict_name       mmcif_pdbx.dic 
_audit_conform.dict_version    5.397 
_audit_conform.dict_location   http://mmcif.pdb.org/dictionaries/ascii/mmcif_pdbx.dic 
# 
loop_
_database_2.database_id 
_database_2.database_code 
_database_2.pdbx_database_accession 
_database_2.pdbx_DOI 
PDB   2Z2F         pdb_00002z2f 10.2210/pdb2z2f/pdb 
RCSB  RCSB027435   ?            ?                   
WWPDB D_1000027435 ?            ?                   
# 
loop_
_pdbx_audit_revision_history.ordinal 
_pdbx_audit_revision_history.data_content_type 
_pdbx_audit_revision_history.major_revision 
_pdbx_audit_revision_history.minor_revision 
_pdbx_audit_revision_history.revision_date 
1 'Structure model' 1 0 2008-05-27 
2 'Structure model' 1 1 2011-07-13 
3 'Structure model' 1 2 2023-11-01 
4 'Structure model' 1 3 2024-10-09 
# 
_pdbx_audit_revision_details.ordinal             1 
_pdbx_audit_revision_details.revision_ordinal    1 
_pdbx_audit_revision_details.data_content_type   'Structure model' 
_pdbx_audit_revision_details.provider            repository 
_pdbx_audit_revision_details.type                'Initial release' 
_pdbx_audit_revision_details.description         ? 
_pdbx_audit_revision_details.details             ? 
# 
loop_
_pdbx_audit_revision_group.ordinal 
_pdbx_audit_revision_group.revision_ordinal 
_pdbx_audit_revision_group.data_content_type 
_pdbx_audit_revision_group.group 
1 2 'Structure model' 'Version format compliance' 
2 3 'Structure model' 'Data collection'           
3 3 'Structure model' 'Database references'       
4 3 'Structure model' 'Derived calculations'      
5 3 'Structure model' 'Refinement description'    
6 4 'Structure model' 'Structure summary'         
# 
loop_
_pdbx_audit_revision_category.ordinal 
_pdbx_audit_revision_category.revision_ordinal 
_pdbx_audit_revision_category.data_content_type 
_pdbx_audit_revision_category.category 
1 3 'Structure model' chem_comp_atom                
2 3 'Structure model' chem_comp_bond                
3 3 'Structure model' database_2                    
4 3 'Structure model' pdbx_initial_refinement_model 
5 3 'Structure model' struct_site                   
6 4 'Structure model' pdbx_entry_details            
7 4 'Structure model' pdbx_modification_feature     
# 
loop_
_pdbx_audit_revision_item.ordinal 
_pdbx_audit_revision_item.revision_ordinal 
_pdbx_audit_revision_item.data_content_type 
_pdbx_audit_revision_item.item 
1 3 'Structure model' '_database_2.pdbx_DOI'                
2 3 'Structure model' '_database_2.pdbx_database_accession' 
3 3 'Structure model' '_struct_site.pdbx_auth_asym_id'      
4 3 'Structure model' '_struct_site.pdbx_auth_comp_id'      
5 3 'Structure model' '_struct_site.pdbx_auth_seq_id'       
# 
_pdbx_database_status.status_code                     REL 
_pdbx_database_status.entry_id                        2Z2F 
_pdbx_database_status.recvd_initial_deposition_date   2007-05-21 
_pdbx_database_status.deposit_site                    PDBJ 
_pdbx_database_status.process_site                    PDBJ 
_pdbx_database_status.status_code_sf                  REL 
_pdbx_database_status.status_code_mr                  ? 
_pdbx_database_status.SG_entry                        ? 
_pdbx_database_status.pdb_format_compatible           Y 
_pdbx_database_status.status_code_cs                  ? 
_pdbx_database_status.status_code_nmr_data            ? 
_pdbx_database_status.methods_development_category    ? 
# 
loop_
_audit_author.name 
_audit_author.pdbx_ordinal 
'Akieda, D.'   1 
'Nonaka, Y.'   2 
'Watanabe, N.' 3 
'Tanaka, I.'   4 
'Kamiya, M.'   5 
'Aizawa, T.'   6 
'Nitta, K.'    7 
'Demura, M.'   8 
'Kawano, K.'   9 
# 
_citation.id                        primary 
_citation.title                     'Stability of Bovine Stomach Lysozyme in Acidic Condition' 
_citation.journal_abbrev            'To be Published' 
_citation.journal_volume            ? 
_citation.page_first                ? 
_citation.page_last                 ? 
_citation.year                      ? 
_citation.journal_id_ASTM           ? 
_citation.country                   ? 
_citation.journal_id_ISSN           ? 
_citation.journal_id_CSD            0353 
_citation.book_publisher            ? 
_citation.pdbx_database_id_PubMed   ? 
_citation.pdbx_database_id_DOI      ? 
# 
loop_
_citation_author.citation_id 
_citation_author.name 
_citation_author.ordinal 
_citation_author.identifier_ORCID 
primary 'Akieda, D.'   1 ? 
primary 'Nonaka, Y.'   2 ? 
primary 'Watanabe, N.' 3 ? 
primary 'Tanaka, I.'   4 ? 
primary 'Kamiya, M.'   5 ? 
primary 'Aizawa, T.'   6 ? 
primary 'Nitta, K.'    7 ? 
primary 'Demura, M.'   8 ? 
primary 'Kawano, K.'   9 ? 
# 
loop_
_entity.id 
_entity.type 
_entity.src_method 
_entity.pdbx_description 
_entity.formula_weight 
_entity.pdbx_number_of_molecules 
_entity.pdbx_ec 
_entity.pdbx_mutation 
_entity.pdbx_fragment 
_entity.details 
1 polymer     man 'Lysozyme C-2'                  14433.230 1   3.2.1.17 ? ? ? 
2 non-polymer syn 'SODIUM ION'                    22.990    1   ?        ? ? ? 
3 non-polymer syn '(4S)-2-METHYL-2,4-PENTANEDIOL' 118.174   2   ?        ? ? ? 
4 water       nat water                           18.015    216 ?        ? ? ? 
# 
_entity_name_com.entity_id   1 
_entity_name_com.name        'lysozyme 2, 1,4-beta-N-acetylmuramidase C' 
# 
_entity_poly.entity_id                      1 
_entity_poly.type                           'polypeptide(L)' 
_entity_poly.nstd_linkage                   no 
_entity_poly.nstd_monomer                   no 
_entity_poly.pdbx_seq_one_letter_code       
;KVFERCELARTLKKLGLDGYKGVSLANWLCLTKWESSYNTKATNYNPSSESTDYGIFQINSKWWCNDGKTPNAVDGCHVS
CSELMENDIAKAVACAKHIVSEQGITAWVAWKSHCRDHDVSSYVEGCTL
;
_entity_poly.pdbx_seq_one_letter_code_can   
;KVFERCELARTLKKLGLDGYKGVSLANWLCLTKWESSYNTKATNYNPSSESTDYGIFQINSKWWCNDGKTPNAVDGCHVS
CSELMENDIAKAVACAKHIVSEQGITAWVAWKSHCRDHDVSSYVEGCTL
;
_entity_poly.pdbx_strand_id                 A 
_entity_poly.pdbx_target_identifier         ? 
# 
loop_
_pdbx_entity_nonpoly.entity_id 
_pdbx_entity_nonpoly.name 
_pdbx_entity_nonpoly.comp_id 
2 'SODIUM ION'                    NA  
3 '(4S)-2-METHYL-2,4-PENTANEDIOL' MPD 
4 water                           HOH 
# 
loop_
_entity_poly_seq.entity_id 
_entity_poly_seq.num 
_entity_poly_seq.mon_id 
_entity_poly_seq.hetero 
1 1   LYS n 
1 2   VAL n 
1 3   PHE n 
1 4   GLU n 
1 5   ARG n 
1 6   CYS n 
1 7   GLU n 
1 8   LEU n 
1 9   ALA n 
1 10  ARG n 
1 11  THR n 
1 12  LEU n 
1 13  LYS n 
1 14  LYS n 
1 15  LEU n 
1 16  GLY n 
1 17  LEU n 
1 18  ASP n 
1 19  GLY n 
1 20  TYR n 
1 21  LYS n 
1 22  GLY n 
1 23  VAL n 
1 24  SER n 
1 25  LEU n 
1 26  ALA n 
1 27  ASN n 
1 28  TRP n 
1 29  LEU n 
1 30  CYS n 
1 31  LEU n 
1 32  THR n 
1 33  LYS n 
1 34  TRP n 
1 35  GLU n 
1 36  SER n 
1 37  SER n 
1 38  TYR n 
1 39  ASN n 
1 40  THR n 
1 41  LYS n 
1 42  ALA n 
1 43  THR n 
1 44  ASN n 
1 45  TYR n 
1 46  ASN n 
1 47  PRO n 
1 48  SER n 
1 49  SER n 
1 50  GLU n 
1 51  SER n 
1 52  THR n 
1 53  ASP n 
1 54  TYR n 
1 55  GLY n 
1 56  ILE n 
1 57  PHE n 
1 58  GLN n 
1 59  ILE n 
1 60  ASN n 
1 61  SER n 
1 62  LYS n 
1 63  TRP n 
1 64  TRP n 
1 65  CYS n 
1 66  ASN n 
1 67  ASP n 
1 68  GLY n 
1 69  LYS n 
1 70  THR n 
1 71  PRO n 
1 72  ASN n 
1 73  ALA n 
1 74  VAL n 
1 75  ASP n 
1 76  GLY n 
1 77  CYS n 
1 78  HIS n 
1 79  VAL n 
1 80  SER n 
1 81  CYS n 
1 82  SER n 
1 83  GLU n 
1 84  LEU n 
1 85  MET n 
1 86  GLU n 
1 87  ASN n 
1 88  ASP n 
1 89  ILE n 
1 90  ALA n 
1 91  LYS n 
1 92  ALA n 
1 93  VAL n 
1 94  ALA n 
1 95  CYS n 
1 96  ALA n 
1 97  LYS n 
1 98  HIS n 
1 99  ILE n 
1 100 VAL n 
1 101 SER n 
1 102 GLU n 
1 103 GLN n 
1 104 GLY n 
1 105 ILE n 
1 106 THR n 
1 107 ALA n 
1 108 TRP n 
1 109 VAL n 
1 110 ALA n 
1 111 TRP n 
1 112 LYS n 
1 113 SER n 
1 114 HIS n 
1 115 CYS n 
1 116 ARG n 
1 117 ASP n 
1 118 HIS n 
1 119 ASP n 
1 120 VAL n 
1 121 SER n 
1 122 SER n 
1 123 TYR n 
1 124 VAL n 
1 125 GLU n 
1 126 GLY n 
1 127 CYS n 
1 128 THR n 
1 129 LEU n 
# 
_entity_src_gen.entity_id                          1 
_entity_src_gen.pdbx_src_id                        1 
_entity_src_gen.pdbx_alt_source_flag               sample 
_entity_src_gen.pdbx_seq_type                      ? 
_entity_src_gen.pdbx_beg_seq_num                   ? 
_entity_src_gen.pdbx_end_seq_num                   ? 
_entity_src_gen.gene_src_common_name               bovine 
_entity_src_gen.gene_src_genus                     ? 
_entity_src_gen.pdbx_gene_src_gene                 ? 
_entity_src_gen.gene_src_species                   ? 
_entity_src_gen.gene_src_strain                    ? 
_entity_src_gen.gene_src_tissue                    ? 
_entity_src_gen.gene_src_tissue_fraction           ? 
_entity_src_gen.gene_src_details                   ? 
_entity_src_gen.pdbx_gene_src_fragment             ? 
_entity_src_gen.pdbx_gene_src_scientific_name      'Bos taurus' 
_entity_src_gen.pdbx_gene_src_ncbi_taxonomy_id     9913 
_entity_src_gen.pdbx_gene_src_variant              ? 
_entity_src_gen.pdbx_gene_src_cell_line            ? 
_entity_src_gen.pdbx_gene_src_atcc                 ? 
_entity_src_gen.pdbx_gene_src_organ                ? 
_entity_src_gen.pdbx_gene_src_organelle            ? 
_entity_src_gen.pdbx_gene_src_cell                 ? 
_entity_src_gen.pdbx_gene_src_cellular_location    ? 
_entity_src_gen.host_org_common_name               Fungi 
_entity_src_gen.pdbx_host_org_scientific_name      'Pichia pastoris' 
_entity_src_gen.pdbx_host_org_ncbi_taxonomy_id     4922 
_entity_src_gen.host_org_genus                     ? 
_entity_src_gen.pdbx_host_org_gene                 ? 
_entity_src_gen.pdbx_host_org_organ                ? 
_entity_src_gen.host_org_species                   ? 
_entity_src_gen.pdbx_host_org_tissue               ? 
_entity_src_gen.pdbx_host_org_tissue_fraction      ? 
_entity_src_gen.pdbx_host_org_strain               GS115 
_entity_src_gen.pdbx_host_org_variant              ? 
_entity_src_gen.pdbx_host_org_cell_line            ? 
_entity_src_gen.pdbx_host_org_atcc                 ? 
_entity_src_gen.pdbx_host_org_culture_collection   ? 
_entity_src_gen.pdbx_host_org_cell                 ? 
_entity_src_gen.pdbx_host_org_organelle            ? 
_entity_src_gen.pdbx_host_org_cellular_location    ? 
_entity_src_gen.pdbx_host_org_vector_type          PLASMID 
_entity_src_gen.pdbx_host_org_vector               ? 
_entity_src_gen.host_org_details                   ? 
_entity_src_gen.expression_system_id               ? 
_entity_src_gen.plasmid_name                       pPIC3 
_entity_src_gen.plasmid_details                    ? 
_entity_src_gen.pdbx_description                   ? 
# 
loop_
_chem_comp.id 
_chem_comp.type 
_chem_comp.mon_nstd_flag 
_chem_comp.name 
_chem_comp.pdbx_synonyms 
_chem_comp.formula 
_chem_comp.formula_weight 
ALA 'L-peptide linking' y ALANINE                         ? 'C3 H7 N O2'     89.093  
ARG 'L-peptide linking' y ARGININE                        ? 'C6 H15 N4 O2 1' 175.209 
ASN 'L-peptide linking' y ASPARAGINE                      ? 'C4 H8 N2 O3'    132.118 
ASP 'L-peptide linking' y 'ASPARTIC ACID'                 ? 'C4 H7 N O4'     133.103 
CYS 'L-peptide linking' y CYSTEINE                        ? 'C3 H7 N O2 S'   121.158 
GLN 'L-peptide linking' y GLUTAMINE                       ? 'C5 H10 N2 O3'   146.144 
GLU 'L-peptide linking' y 'GLUTAMIC ACID'                 ? 'C5 H9 N O4'     147.129 
GLY 'peptide linking'   y GLYCINE                         ? 'C2 H5 N O2'     75.067  
HIS 'L-peptide linking' y HISTIDINE                       ? 'C6 H10 N3 O2 1' 156.162 
HOH non-polymer         . WATER                           ? 'H2 O'           18.015  
ILE 'L-peptide linking' y ISOLEUCINE                      ? 'C6 H13 N O2'    131.173 
LEU 'L-peptide linking' y LEUCINE                         ? 'C6 H13 N O2'    131.173 
LYS 'L-peptide linking' y LYSINE                          ? 'C6 H15 N2 O2 1' 147.195 
MET 'L-peptide linking' y METHIONINE                      ? 'C5 H11 N O2 S'  149.211 
MPD non-polymer         . '(4S)-2-METHYL-2,4-PENTANEDIOL' ? 'C6 H14 O2'      118.174 
NA  non-polymer         . 'SODIUM ION'                    ? 'Na 1'           22.990  
PHE 'L-peptide linking' y PHENYLALANINE                   ? 'C9 H11 N O2'    165.189 
PRO 'L-peptide linking' y PROLINE                         ? 'C5 H9 N O2'     115.130 
SER 'L-peptide linking' y SERINE                          ? 'C3 H7 N O3'     105.093 
THR 'L-peptide linking' y THREONINE                       ? 'C4 H9 N O3'     119.119 
TRP 'L-peptide linking' y TRYPTOPHAN                      ? 'C11 H12 N2 O2'  204.225 
TYR 'L-peptide linking' y TYROSINE                        ? 'C9 H11 N O3'    181.189 
VAL 'L-peptide linking' y VALINE                          ? 'C5 H11 N O2'    117.146 
# 
loop_
_pdbx_poly_seq_scheme.asym_id 
_pdbx_poly_seq_scheme.entity_id 
_pdbx_poly_seq_scheme.seq_id 
_pdbx_poly_seq_scheme.mon_id 
_pdbx_poly_seq_scheme.ndb_seq_num 
_pdbx_poly_seq_scheme.pdb_seq_num 
_pdbx_poly_seq_scheme.auth_seq_num 
_pdbx_poly_seq_scheme.pdb_mon_id 
_pdbx_poly_seq_scheme.auth_mon_id 
_pdbx_poly_seq_scheme.pdb_strand_id 
_pdbx_poly_seq_scheme.pdb_ins_code 
_pdbx_poly_seq_scheme.hetero 
A 1 1   LYS 1   1   1   LYS LYS A . n 
A 1 2   VAL 2   2   2   VAL VAL A . n 
A 1 3   PHE 3   3   3   PHE PHE A . n 
A 1 4   GLU 4   4   4   GLU GLU A . n 
A 1 5   ARG 5   5   5   ARG ARG A . n 
A 1 6   CYS 6   6   6   CYS CYS A . n 
A 1 7   GLU 7   7   7   GLU GLU A . n 
A 1 8   LEU 8   8   8   LEU LEU A . n 
A 1 9   ALA 9   9   9   ALA ALA A . n 
A 1 10  ARG 10  10  10  ARG ARG A . n 
A 1 11  THR 11  11  11  THR THR A . n 
A 1 12  LEU 12  12  12  LEU LEU A . n 
A 1 13  LYS 13  13  13  LYS LYS A . n 
A 1 14  LYS 14  14  14  LYS LYS A . n 
A 1 15  LEU 15  15  15  LEU LEU A . n 
A 1 16  GLY 16  16  16  GLY GLY A . n 
A 1 17  LEU 17  17  17  LEU LEU A . n 
A 1 18  ASP 18  18  18  ASP ASP A . n 
A 1 19  GLY 19  19  19  GLY GLY A . n 
A 1 20  TYR 20  20  20  TYR TYR A . n 
A 1 21  LYS 21  21  21  LYS LYS A . n 
A 1 22  GLY 22  22  22  GLY GLY A . n 
A 1 23  VAL 23  23  23  VAL VAL A . n 
A 1 24  SER 24  24  24  SER SER A . n 
A 1 25  LEU 25  25  25  LEU LEU A . n 
A 1 26  ALA 26  26  26  ALA ALA A . n 
A 1 27  ASN 27  27  27  ASN ASN A . n 
A 1 28  TRP 28  28  28  TRP TRP A . n 
A 1 29  LEU 29  29  29  LEU LEU A . n 
A 1 30  CYS 30  30  30  CYS CYS A . n 
A 1 31  LEU 31  31  31  LEU LEU A . n 
A 1 32  THR 32  32  32  THR THR A . n 
A 1 33  LYS 33  33  33  LYS LYS A . n 
A 1 34  TRP 34  34  34  TRP TRP A . n 
A 1 35  GLU 35  35  35  GLU GLU A . n 
A 1 36  SER 36  36  36  SER SER A . n 
A 1 37  SER 37  37  37  SER SER A . n 
A 1 38  TYR 38  38  38  TYR TYR A . n 
A 1 39  ASN 39  39  39  ASN ASN A . n 
A 1 40  THR 40  40  40  THR THR A . n 
A 1 41  LYS 41  41  41  LYS LYS A . n 
A 1 42  ALA 42  42  42  ALA ALA A . n 
A 1 43  THR 43  43  43  THR THR A . n 
A 1 44  ASN 44  44  44  ASN ASN A . n 
A 1 45  TYR 45  45  45  TYR TYR A . n 
A 1 46  ASN 46  46  46  ASN ASN A . n 
A 1 47  PRO 47  47  47  PRO PRO A . n 
A 1 48  SER 48  48  48  SER SER A . n 
A 1 49  SER 49  49  49  SER SER A . n 
A 1 50  GLU 50  50  50  GLU GLU A . n 
A 1 51  SER 51  51  51  SER SER A . n 
A 1 52  THR 52  52  52  THR THR A . n 
A 1 53  ASP 53  53  53  ASP ASP A . n 
A 1 54  TYR 54  54  54  TYR TYR A . n 
A 1 55  GLY 55  55  55  GLY GLY A . n 
A 1 56  ILE 56  56  56  ILE ILE A . n 
A 1 57  PHE 57  57  57  PHE PHE A . n 
A 1 58  GLN 58  58  58  GLN GLN A . n 
A 1 59  ILE 59  59  59  ILE ILE A . n 
A 1 60  ASN 60  60  60  ASN ASN A . n 
A 1 61  SER 61  61  61  SER SER A . n 
A 1 62  LYS 62  62  62  LYS LYS A . n 
A 1 63  TRP 63  63  63  TRP TRP A . n 
A 1 64  TRP 64  64  64  TRP TRP A . n 
A 1 65  CYS 65  65  65  CYS CYS A . n 
A 1 66  ASN 66  66  66  ASN ASN A . n 
A 1 67  ASP 67  67  67  ASP ASP A . n 
A 1 68  GLY 68  68  68  GLY GLY A . n 
A 1 69  LYS 69  69  69  LYS LYS A . n 
A 1 70  THR 70  70  70  THR THR A . n 
A 1 71  PRO 71  71  71  PRO PRO A . n 
A 1 72  ASN 72  72  72  ASN ASN A . n 
A 1 73  ALA 73  73  73  ALA ALA A . n 
A 1 74  VAL 74  74  74  VAL VAL A . n 
A 1 75  ASP 75  75  75  ASP ASP A . n 
A 1 76  GLY 76  76  76  GLY GLY A . n 
A 1 77  CYS 77  77  77  CYS CYS A . n 
A 1 78  HIS 78  78  78  HIS HIS A . n 
A 1 79  VAL 79  79  79  VAL VAL A . n 
A 1 80  SER 80  80  80  SER SER A . n 
A 1 81  CYS 81  81  81  CYS CYS A . n 
A 1 82  SER 82  82  82  SER SER A . n 
A 1 83  GLU 83  83  83  GLU GLU A . n 
A 1 84  LEU 84  84  84  LEU LEU A . n 
A 1 85  MET 85  85  85  MET MET A . n 
A 1 86  GLU 86  86  86  GLU GLU A . n 
A 1 87  ASN 87  87  87  ASN ASN A . n 
A 1 88  ASP 88  88  88  ASP ASP A . n 
A 1 89  ILE 89  89  89  ILE ILE A . n 
A 1 90  ALA 90  90  90  ALA ALA A . n 
A 1 91  LYS 91  91  91  LYS LYS A . n 
A 1 92  ALA 92  92  92  ALA ALA A . n 
A 1 93  VAL 93  93  93  VAL VAL A . n 
A 1 94  ALA 94  94  94  ALA ALA A . n 
A 1 95  CYS 95  95  95  CYS CYS A . n 
A 1 96  ALA 96  96  96  ALA ALA A . n 
A 1 97  LYS 97  97  97  LYS LYS A . n 
A 1 98  HIS 98  98  98  HIS HIS A . n 
A 1 99  ILE 99  99  99  ILE ILE A . n 
A 1 100 VAL 100 100 100 VAL VAL A . n 
A 1 101 SER 101 101 101 SER SER A . n 
A 1 102 GLU 102 102 102 GLU GLU A . n 
A 1 103 GLN 103 103 103 GLN GLN A . n 
A 1 104 GLY 104 104 104 GLY GLY A . n 
A 1 105 ILE 105 105 105 ILE ILE A . n 
A 1 106 THR 106 106 106 THR THR A . n 
A 1 107 ALA 107 107 107 ALA ALA A . n 
A 1 108 TRP 108 108 108 TRP TRP A . n 
A 1 109 VAL 109 109 109 VAL VAL A . n 
A 1 110 ALA 110 110 110 ALA ALA A . n 
A 1 111 TRP 111 111 111 TRP TRP A . n 
A 1 112 LYS 112 112 112 LYS LYS A . n 
A 1 113 SER 113 113 113 SER SER A . n 
A 1 114 HIS 114 114 114 HIS HIS A . n 
A 1 115 CYS 115 115 115 CYS CYS A . n 
A 1 116 ARG 116 116 116 ARG ARG A . n 
A 1 117 ASP 117 117 117 ASP ASP A . n 
A 1 118 HIS 118 118 118 HIS HIS A . n 
A 1 119 ASP 119 119 119 ASP ASP A . n 
A 1 120 VAL 120 120 120 VAL VAL A . n 
A 1 121 SER 121 121 121 SER SER A . n 
A 1 122 SER 122 122 122 SER SER A . n 
A 1 123 TYR 123 123 123 TYR TYR A . n 
A 1 124 VAL 124 124 124 VAL VAL A . n 
A 1 125 GLU 125 125 125 GLU GLU A . n 
A 1 126 GLY 126 126 126 GLY GLY A . n 
A 1 127 CYS 127 127 127 CYS CYS A . n 
A 1 128 THR 128 128 128 THR THR A . n 
A 1 129 LEU 129 129 129 LEU LEU A . n 
# 
loop_
_pdbx_nonpoly_scheme.asym_id 
_pdbx_nonpoly_scheme.entity_id 
_pdbx_nonpoly_scheme.mon_id 
_pdbx_nonpoly_scheme.ndb_seq_num 
_pdbx_nonpoly_scheme.pdb_seq_num 
_pdbx_nonpoly_scheme.auth_seq_num 
_pdbx_nonpoly_scheme.pdb_mon_id 
_pdbx_nonpoly_scheme.auth_mon_id 
_pdbx_nonpoly_scheme.pdb_strand_id 
_pdbx_nonpoly_scheme.pdb_ins_code 
B 2 NA  1   2001 2001 NA  NA  A . 
C 3 MPD 1   1001 1001 MPD MPD A . 
D 3 MPD 1   1002 1002 MPD MPD A . 
E 4 HOH 1   2002 1    HOH HOH A . 
E 4 HOH 2   2003 2    HOH HOH A . 
E 4 HOH 3   2004 3    HOH HOH A . 
E 4 HOH 4   2005 4    HOH HOH A . 
E 4 HOH 5   2006 5    HOH HOH A . 
E 4 HOH 6   2007 6    HOH HOH A . 
E 4 HOH 7   2008 7    HOH HOH A . 
E 4 HOH 8   2009 8    HOH HOH A . 
E 4 HOH 9   2010 9    HOH HOH A . 
E 4 HOH 10  2011 10   HOH HOH A . 
E 4 HOH 11  2012 11   HOH HOH A . 
E 4 HOH 12  2013 12   HOH HOH A . 
E 4 HOH 13  2014 13   HOH HOH A . 
E 4 HOH 14  2015 14   HOH HOH A . 
E 4 HOH 15  2016 15   HOH HOH A . 
E 4 HOH 16  2017 16   HOH HOH A . 
E 4 HOH 17  2018 17   HOH HOH A . 
E 4 HOH 18  2019 18   HOH HOH A . 
E 4 HOH 19  2020 19   HOH HOH A . 
E 4 HOH 20  2021 20   HOH HOH A . 
E 4 HOH 21  2022 21   HOH HOH A . 
E 4 HOH 22  2023 22   HOH HOH A . 
E 4 HOH 23  2024 23   HOH HOH A . 
E 4 HOH 24  2025 24   HOH HOH A . 
E 4 HOH 25  2026 25   HOH HOH A . 
E 4 HOH 26  2027 26   HOH HOH A . 
E 4 HOH 27  2028 27   HOH HOH A . 
E 4 HOH 28  2029 28   HOH HOH A . 
E 4 HOH 29  2030 29   HOH HOH A . 
E 4 HOH 30  2031 30   HOH HOH A . 
E 4 HOH 31  2032 31   HOH HOH A . 
E 4 HOH 32  2033 32   HOH HOH A . 
E 4 HOH 33  2034 33   HOH HOH A . 
E 4 HOH 34  2035 34   HOH HOH A . 
E 4 HOH 35  2036 35   HOH HOH A . 
E 4 HOH 36  2037 36   HOH HOH A . 
E 4 HOH 37  2038 37   HOH HOH A . 
E 4 HOH 38  2039 38   HOH HOH A . 
E 4 HOH 39  2040 39   HOH HOH A . 
E 4 HOH 40  2041 40   HOH HOH A . 
E 4 HOH 41  2042 41   HOH HOH A . 
E 4 HOH 42  2043 42   HOH HOH A . 
E 4 HOH 43  2044 43   HOH HOH A . 
E 4 HOH 44  2045 44   HOH HOH A . 
E 4 HOH 45  2046 45   HOH HOH A . 
E 4 HOH 46  2047 46   HOH HOH A . 
E 4 HOH 47  2048 47   HOH HOH A . 
E 4 HOH 48  2049 48   HOH HOH A . 
E 4 HOH 49  2050 49   HOH HOH A . 
E 4 HOH 50  2051 50   HOH HOH A . 
E 4 HOH 51  2052 51   HOH HOH A . 
E 4 HOH 52  2053 52   HOH HOH A . 
E 4 HOH 53  2054 53   HOH HOH A . 
E 4 HOH 54  2055 54   HOH HOH A . 
E 4 HOH 55  2056 55   HOH HOH A . 
E 4 HOH 56  2057 56   HOH HOH A . 
E 4 HOH 57  2058 57   HOH HOH A . 
E 4 HOH 58  2059 58   HOH HOH A . 
E 4 HOH 59  2060 59   HOH HOH A . 
E 4 HOH 60  2061 60   HOH HOH A . 
E 4 HOH 61  2062 61   HOH HOH A . 
E 4 HOH 62  2063 62   HOH HOH A . 
E 4 HOH 63  2064 63   HOH HOH A . 
E 4 HOH 64  2065 64   HOH HOH A . 
E 4 HOH 65  2066 65   HOH HOH A . 
E 4 HOH 66  2067 66   HOH HOH A . 
E 4 HOH 67  2068 67   HOH HOH A . 
E 4 HOH 68  2069 68   HOH HOH A . 
E 4 HOH 69  2070 69   HOH HOH A . 
E 4 HOH 70  2071 70   HOH HOH A . 
E 4 HOH 71  2072 71   HOH HOH A . 
E 4 HOH 72  2073 72   HOH HOH A . 
E 4 HOH 73  2074 73   HOH HOH A . 
E 4 HOH 74  2075 74   HOH HOH A . 
E 4 HOH 75  2076 75   HOH HOH A . 
E 4 HOH 76  2077 76   HOH HOH A . 
E 4 HOH 77  2078 77   HOH HOH A . 
E 4 HOH 78  2079 78   HOH HOH A . 
E 4 HOH 79  2080 79   HOH HOH A . 
E 4 HOH 80  2081 80   HOH HOH A . 
E 4 HOH 81  2082 81   HOH HOH A . 
E 4 HOH 82  2083 82   HOH HOH A . 
E 4 HOH 83  2084 83   HOH HOH A . 
E 4 HOH 84  2085 84   HOH HOH A . 
E 4 HOH 85  2086 85   HOH HOH A . 
E 4 HOH 86  2087 86   HOH HOH A . 
E 4 HOH 87  2088 87   HOH HOH A . 
E 4 HOH 88  2089 88   HOH HOH A . 
E 4 HOH 89  2090 89   HOH HOH A . 
E 4 HOH 90  2091 90   HOH HOH A . 
E 4 HOH 91  2092 91   HOH HOH A . 
E 4 HOH 92  2093 92   HOH HOH A . 
E 4 HOH 93  2094 93   HOH HOH A . 
E 4 HOH 94  2095 94   HOH HOH A . 
E 4 HOH 95  2096 95   HOH HOH A . 
E 4 HOH 96  2097 96   HOH HOH A . 
E 4 HOH 97  2098 97   HOH HOH A . 
E 4 HOH 98  2099 98   HOH HOH A . 
E 4 HOH 99  2100 99   HOH HOH A . 
E 4 HOH 100 2101 100  HOH HOH A . 
E 4 HOH 101 2102 101  HOH HOH A . 
E 4 HOH 102 2103 102  HOH HOH A . 
E 4 HOH 103 2104 103  HOH HOH A . 
E 4 HOH 104 2105 104  HOH HOH A . 
E 4 HOH 105 2106 105  HOH HOH A . 
E 4 HOH 106 2107 106  HOH HOH A . 
E 4 HOH 107 2108 107  HOH HOH A . 
E 4 HOH 108 2109 108  HOH HOH A . 
E 4 HOH 109 2110 109  HOH HOH A . 
E 4 HOH 110 2111 110  HOH HOH A . 
E 4 HOH 111 2112 111  HOH HOH A . 
E 4 HOH 112 2113 112  HOH HOH A . 
E 4 HOH 113 2114 113  HOH HOH A . 
E 4 HOH 114 2115 114  HOH HOH A . 
E 4 HOH 115 2116 115  HOH HOH A . 
E 4 HOH 116 2117 116  HOH HOH A . 
E 4 HOH 117 2118 117  HOH HOH A . 
E 4 HOH 118 2119 118  HOH HOH A . 
E 4 HOH 119 2120 119  HOH HOH A . 
E 4 HOH 120 2121 120  HOH HOH A . 
E 4 HOH 121 2122 121  HOH HOH A . 
E 4 HOH 122 2123 122  HOH HOH A . 
E 4 HOH 123 2124 123  HOH HOH A . 
E 4 HOH 124 2125 124  HOH HOH A . 
E 4 HOH 125 2126 125  HOH HOH A . 
E 4 HOH 126 2127 126  HOH HOH A . 
E 4 HOH 127 2128 127  HOH HOH A . 
E 4 HOH 128 2129 128  HOH HOH A . 
E 4 HOH 129 2130 129  HOH HOH A . 
E 4 HOH 130 2131 130  HOH HOH A . 
E 4 HOH 131 2132 131  HOH HOH A . 
E 4 HOH 132 2133 132  HOH HOH A . 
E 4 HOH 133 2134 133  HOH HOH A . 
E 4 HOH 134 2135 134  HOH HOH A . 
E 4 HOH 135 2136 135  HOH HOH A . 
E 4 HOH 136 2137 136  HOH HOH A . 
E 4 HOH 137 2138 137  HOH HOH A . 
E 4 HOH 138 2139 138  HOH HOH A . 
E 4 HOH 139 2140 139  HOH HOH A . 
E 4 HOH 140 2141 140  HOH HOH A . 
E 4 HOH 141 2142 141  HOH HOH A . 
E 4 HOH 142 2143 142  HOH HOH A . 
E 4 HOH 143 2144 143  HOH HOH A . 
E 4 HOH 144 2145 144  HOH HOH A . 
E 4 HOH 145 2146 145  HOH HOH A . 
E 4 HOH 146 2147 146  HOH HOH A . 
E 4 HOH 147 2148 147  HOH HOH A . 
E 4 HOH 148 2149 148  HOH HOH A . 
E 4 HOH 149 2150 149  HOH HOH A . 
E 4 HOH 150 2151 150  HOH HOH A . 
E 4 HOH 151 2152 151  HOH HOH A . 
E 4 HOH 152 2153 152  HOH HOH A . 
E 4 HOH 153 2154 153  HOH HOH A . 
E 4 HOH 154 2155 154  HOH HOH A . 
E 4 HOH 155 2156 155  HOH HOH A . 
E 4 HOH 156 2157 156  HOH HOH A . 
E 4 HOH 157 2158 157  HOH HOH A . 
E 4 HOH 158 2159 158  HOH HOH A . 
E 4 HOH 159 2160 159  HOH HOH A . 
E 4 HOH 160 2161 160  HOH HOH A . 
E 4 HOH 161 2162 161  HOH HOH A . 
E 4 HOH 162 2163 162  HOH HOH A . 
E 4 HOH 163 2164 163  HOH HOH A . 
E 4 HOH 164 2165 164  HOH HOH A . 
E 4 HOH 165 2166 165  HOH HOH A . 
E 4 HOH 166 2167 166  HOH HOH A . 
E 4 HOH 167 2168 167  HOH HOH A . 
E 4 HOH 168 2169 168  HOH HOH A . 
E 4 HOH 169 2170 169  HOH HOH A . 
E 4 HOH 170 2171 170  HOH HOH A . 
E 4 HOH 171 2172 171  HOH HOH A . 
E 4 HOH 172 2173 172  HOH HOH A . 
E 4 HOH 173 2174 173  HOH HOH A . 
E 4 HOH 174 2175 174  HOH HOH A . 
E 4 HOH 175 2176 175  HOH HOH A . 
E 4 HOH 176 2177 176  HOH HOH A . 
E 4 HOH 177 2178 177  HOH HOH A . 
E 4 HOH 178 2179 178  HOH HOH A . 
E 4 HOH 179 2180 179  HOH HOH A . 
E 4 HOH 180 2181 180  HOH HOH A . 
E 4 HOH 181 2182 181  HOH HOH A . 
E 4 HOH 182 2183 182  HOH HOH A . 
E 4 HOH 183 2184 183  HOH HOH A . 
E 4 HOH 184 2185 184  HOH HOH A . 
E 4 HOH 185 2186 185  HOH HOH A . 
E 4 HOH 186 2187 186  HOH HOH A . 
E 4 HOH 187 2188 187  HOH HOH A . 
E 4 HOH 188 2189 188  HOH HOH A . 
E 4 HOH 189 2190 189  HOH HOH A . 
E 4 HOH 190 2191 190  HOH HOH A . 
E 4 HOH 191 2192 191  HOH HOH A . 
E 4 HOH 192 2193 192  HOH HOH A . 
E 4 HOH 193 2194 193  HOH HOH A . 
E 4 HOH 194 2195 194  HOH HOH A . 
E 4 HOH 195 2196 195  HOH HOH A . 
E 4 HOH 196 2197 196  HOH HOH A . 
E 4 HOH 197 2198 197  HOH HOH A . 
E 4 HOH 198 2199 198  HOH HOH A . 
E 4 HOH 199 2200 199  HOH HOH A . 
E 4 HOH 200 2201 200  HOH HOH A . 
E 4 HOH 201 2202 201  HOH HOH A . 
E 4 HOH 202 2203 202  HOH HOH A . 
E 4 HOH 203 2204 203  HOH HOH A . 
E 4 HOH 204 2205 204  HOH HOH A . 
E 4 HOH 205 2206 205  HOH HOH A . 
E 4 HOH 206 2207 206  HOH HOH A . 
E 4 HOH 207 2208 207  HOH HOH A . 
E 4 HOH 208 2209 208  HOH HOH A . 
E 4 HOH 209 2210 209  HOH HOH A . 
E 4 HOH 210 2211 210  HOH HOH A . 
E 4 HOH 211 2212 211  HOH HOH A . 
E 4 HOH 212 2213 212  HOH HOH A . 
E 4 HOH 213 2214 213  HOH HOH A . 
E 4 HOH 214 2215 214  HOH HOH A . 
E 4 HOH 215 2216 215  HOH HOH A . 
E 4 HOH 216 2217 216  HOH HOH A . 
# 
loop_
_pdbx_unobs_or_zero_occ_atoms.id 
_pdbx_unobs_or_zero_occ_atoms.PDB_model_num 
_pdbx_unobs_or_zero_occ_atoms.polymer_flag 
_pdbx_unobs_or_zero_occ_atoms.occupancy_flag 
_pdbx_unobs_or_zero_occ_atoms.auth_asym_id 
_pdbx_unobs_or_zero_occ_atoms.auth_comp_id 
_pdbx_unobs_or_zero_occ_atoms.auth_seq_id 
_pdbx_unobs_or_zero_occ_atoms.PDB_ins_code 
_pdbx_unobs_or_zero_occ_atoms.auth_atom_id 
_pdbx_unobs_or_zero_occ_atoms.label_alt_id 
_pdbx_unobs_or_zero_occ_atoms.label_asym_id 
_pdbx_unobs_or_zero_occ_atoms.label_comp_id 
_pdbx_unobs_or_zero_occ_atoms.label_seq_id 
_pdbx_unobs_or_zero_occ_atoms.label_atom_id 
1 1 Y 0 A ASN 44 ? CA  B A ASN 44 CA  
2 1 Y 0 A ASN 44 ? CB  B A ASN 44 CB  
3 1 Y 0 A ASN 44 ? CG  B A ASN 44 CG  
4 1 Y 0 A ASN 44 ? OD1 B A ASN 44 OD1 
5 1 Y 0 A ASN 44 ? ND2 B A ASN 44 ND2 
# 
loop_
_software.name 
_software.classification 
_software.version 
_software.citation_id 
_software.pdbx_ordinal 
REFMAC       refinement        5.2.0019 ? 1 
CrystalClear 'data collection' .        ? 2 
HKL-2000     'data reduction'  .        ? 3 
HKL-2000     'data scaling'    .        ? 4 
MOLREP       phasing           .        ? 5 
# 
_cell.entry_id           2Z2F 
_cell.length_a           31.257 
_cell.length_b           56.065 
_cell.length_c           64.050 
_cell.angle_alpha        90.00 
_cell.angle_beta         90.00 
_cell.angle_gamma        90.00 
_cell.Z_PDB              4 
_cell.pdbx_unique_axis   ? 
_cell.length_a_esd       ? 
_cell.length_b_esd       ? 
_cell.length_c_esd       ? 
_cell.angle_alpha_esd    ? 
_cell.angle_beta_esd     ? 
_cell.angle_gamma_esd    ? 
# 
_symmetry.entry_id                         2Z2F 
_symmetry.space_group_name_H-M             'P 21 21 21' 
_symmetry.pdbx_full_space_group_name_H-M   ? 
_symmetry.cell_setting                     ? 
_symmetry.Int_Tables_number                19 
_symmetry.space_group_name_Hall            ? 
# 
_exptl.entry_id          2Z2F 
_exptl.method            'X-RAY DIFFRACTION' 
_exptl.crystals_number   1 
# 
_exptl_crystal.id                    1 
_exptl_crystal.density_meas          ? 
_exptl_crystal.density_Matthews      1.94 
_exptl_crystal.density_percent_sol   36.72 
_exptl_crystal.description           ? 
_exptl_crystal.F_000                 ? 
_exptl_crystal.preparation           ? 
# 
_exptl_crystal_grow.crystal_id      1 
_exptl_crystal_grow.method          'VAPOR DIFFUSION, HANGING DROP' 
_exptl_crystal_grow.temp            293 
_exptl_crystal_grow.temp_details    ? 
_exptl_crystal_grow.pH              7.4 
_exptl_crystal_grow.pdbx_details    'pH 7.4, VAPOR DIFFUSION, HANGING DROP, temperature 293K' 
_exptl_crystal_grow.pdbx_pH_range   . 
# 
_diffrn.id                     1 
_diffrn.ambient_temp           93 
_diffrn.ambient_temp_details   ? 
_diffrn.crystal_id             1 
# 
_diffrn_detector.diffrn_id              1 
_diffrn_detector.detector               'IMAGE PLATE' 
_diffrn_detector.type                   'RIGAKU RAXIS IV++' 
_diffrn_detector.pdbx_collection_date   2006-05-17 
_diffrn_detector.details                ? 
# 
_diffrn_radiation.diffrn_id                        1 
_diffrn_radiation.wavelength_id                    1 
_diffrn_radiation.pdbx_monochromatic_or_laue_m_l   M 
_diffrn_radiation.monochromator                    ? 
_diffrn_radiation.pdbx_diffrn_protocol             'SINGLE WAVELENGTH' 
_diffrn_radiation.pdbx_scattering_type             x-ray 
# 
_diffrn_radiation_wavelength.id           1 
_diffrn_radiation_wavelength.wavelength   1.54 
_diffrn_radiation_wavelength.wt           1.0 
# 
_diffrn_source.diffrn_id                   1 
_diffrn_source.source                      'ROTATING ANODE' 
_diffrn_source.type                        'RIGAKU MICROMAX-007' 
_diffrn_source.pdbx_synchrotron_site       ? 
_diffrn_source.pdbx_synchrotron_beamline   ? 
_diffrn_source.pdbx_wavelength             ? 
_diffrn_source.pdbx_wavelength_list        1.54 
# 
_reflns.entry_id                     2Z2F 
_reflns.observed_criterion_sigma_F   ? 
_reflns.observed_criterion_sigma_I   0 
_reflns.d_resolution_high            1.50 
_reflns.d_resolution_low             50.00 
_reflns.number_all                   18772 
_reflns.number_obs                   17833 
_reflns.percent_possible_obs         95.0 
_reflns.pdbx_Rmerge_I_obs            ? 
_reflns.pdbx_Rsym_value              ? 
_reflns.pdbx_netI_over_sigmaI        36.374 
_reflns.B_iso_Wilson_estimate        13.074 
_reflns.pdbx_redundancy              ? 
_reflns.R_free_details               ? 
_reflns.limit_h_max                  ? 
_reflns.limit_h_min                  ? 
_reflns.limit_k_max                  ? 
_reflns.limit_k_min                  ? 
_reflns.limit_l_max                  ? 
_reflns.limit_l_min                  ? 
_reflns.observed_criterion_F_max     ? 
_reflns.observed_criterion_F_min     ? 
_reflns.pdbx_chi_squared             ? 
_reflns.pdbx_scaling_rejects         ? 
_reflns.pdbx_diffrn_id               1 
_reflns.pdbx_ordinal                 1 
# 
_reflns_shell.d_res_high             1.50 
_reflns_shell.d_res_low              1.55 
_reflns_shell.percent_possible_all   ? 
_reflns_shell.Rmerge_I_obs           ? 
_reflns_shell.pdbx_Rsym_value        ? 
_reflns_shell.meanI_over_sigI_obs    17.272 
_reflns_shell.pdbx_redundancy        ? 
_reflns_shell.percent_possible_obs   ? 
_reflns_shell.number_unique_all      ? 
_reflns_shell.number_measured_all    ? 
_reflns_shell.number_measured_obs    ? 
_reflns_shell.number_unique_obs      ? 
_reflns_shell.pdbx_chi_squared       ? 
_reflns_shell.pdbx_diffrn_id         ? 
_reflns_shell.pdbx_ordinal           1 
# 
_refine.entry_id                                 2Z2F 
_refine.ls_number_reflns_obs                     16849 
_refine.ls_number_reflns_all                     ? 
_refine.pdbx_ls_sigma_I                          ? 
_refine.pdbx_ls_sigma_F                          ? 
_refine.pdbx_data_cutoff_high_absF               ? 
_refine.pdbx_data_cutoff_low_absF                ? 
_refine.pdbx_data_cutoff_high_rms_absF           ? 
_refine.ls_d_res_low                             17.94 
_refine.ls_d_res_high                            1.50 
_refine.ls_percent_reflns_obs                    95.1 
_refine.ls_R_factor_obs                          0.180 
_refine.ls_R_factor_all                          ? 
_refine.ls_R_factor_R_work                       0.178 
_refine.ls_R_factor_R_free                       0.221 
_refine.ls_R_factor_R_free_error                 ? 
_refine.ls_R_factor_R_free_error_details         ? 
_refine.ls_percent_reflns_R_free                 5.1 
_refine.ls_number_reflns_R_free                  910 
_refine.ls_number_parameters                     ? 
_refine.ls_number_restraints                     ? 
_refine.occupancy_min                            ? 
_refine.occupancy_max                            ? 
_refine.correlation_coeff_Fo_to_Fc               0.947 
_refine.correlation_coeff_Fo_to_Fc_free          0.936 
_refine.B_iso_mean                               13.088 
_refine.aniso_B[1][1]                            0.11 
_refine.aniso_B[2][2]                            -0.12 
_refine.aniso_B[3][3]                            0.01 
_refine.aniso_B[1][2]                            0.00 
_refine.aniso_B[1][3]                            0.00 
_refine.aniso_B[2][3]                            0.00 
_refine.solvent_model_details                    MASK 
_refine.solvent_model_param_ksol                 ? 
_refine.solvent_model_param_bsol                 ? 
_refine.pdbx_solvent_vdw_probe_radii             1.40 
_refine.pdbx_solvent_ion_probe_radii             0.80 
_refine.pdbx_solvent_shrinkage_radii             0.80 
_refine.pdbx_ls_cross_valid_method               THROUGHOUT 
_refine.details                                  'HYDROGENS HAVE BEEN ADDED IN THE RIDING POSITIONS' 
_refine.pdbx_starting_model                      'PDB ENTRY 1LZ1' 
_refine.pdbx_method_to_determine_struct          'MOLECULAR REPLACEMENT' 
_refine.pdbx_isotropic_thermal_model             ? 
_refine.pdbx_stereochemistry_target_values       'MAXIMUM LIKELIHOOD' 
_refine.pdbx_stereochem_target_val_spec_case     ? 
_refine.pdbx_R_Free_selection_details            RANDOM 
_refine.pdbx_overall_ESU_R                       0.082 
_refine.pdbx_overall_ESU_R_Free                  0.084 
_refine.overall_SU_ML                            0.041 
_refine.overall_SU_B                             1.041 
_refine.ls_redundancy_reflns_obs                 ? 
_refine.B_iso_min                                ? 
_refine.B_iso_max                                ? 
_refine.overall_SU_R_Cruickshank_DPI             ? 
_refine.overall_SU_R_free                        ? 
_refine.ls_wR_factor_R_free                      ? 
_refine.ls_wR_factor_R_work                      ? 
_refine.overall_FOM_free_R_set                   ? 
_refine.overall_FOM_work_R_set                   ? 
_refine.pdbx_overall_phase_error                 ? 
_refine.pdbx_refine_id                           'X-RAY DIFFRACTION' 
_refine.pdbx_diffrn_id                           1 
_refine.pdbx_TLS_residual_ADP_flag               ? 
_refine.pdbx_overall_SU_R_free_Cruickshank_DPI   ? 
_refine.pdbx_overall_SU_R_Blow_DPI               ? 
_refine.pdbx_overall_SU_R_free_Blow_DPI          ? 
# 
_refine_hist.pdbx_refine_id                   'X-RAY DIFFRACTION' 
_refine_hist.cycle_id                         LAST 
_refine_hist.pdbx_number_atoms_protein        1045 
_refine_hist.pdbx_number_atoms_nucleic_acid   0 
_refine_hist.pdbx_number_atoms_ligand         1 
_refine_hist.number_atoms_solvent             232 
_refine_hist.number_atoms_total               1278 
_refine_hist.d_res_high                       1.50 
_refine_hist.d_res_low                        17.94 
# 
loop_
_refine_ls_restr.type 
_refine_ls_restr.dev_ideal 
_refine_ls_restr.dev_ideal_target 
_refine_ls_restr.weight 
_refine_ls_restr.number 
_refine_ls_restr.pdbx_refine_id 
_refine_ls_restr.pdbx_restraint_function 
r_bond_refined_d         0.009  ? ? ? 'X-RAY DIFFRACTION' ? 
r_angle_refined_deg      1.261  ? ? ? 'X-RAY DIFFRACTION' ? 
r_dihedral_angle_1_deg   6.033  ? ? ? 'X-RAY DIFFRACTION' ? 
r_dihedral_angle_2_deg   41.141 ? ? ? 'X-RAY DIFFRACTION' ? 
r_dihedral_angle_3_deg   10.531 ? ? ? 'X-RAY DIFFRACTION' ? 
r_dihedral_angle_4_deg   12.825 ? ? ? 'X-RAY DIFFRACTION' ? 
r_chiral_restr           0.332  ? ? ? 'X-RAY DIFFRACTION' ? 
r_gen_planes_refined     0.004  ? ? ? 'X-RAY DIFFRACTION' ? 
r_nbd_refined            0.213  ? ? ? 'X-RAY DIFFRACTION' ? 
r_nbtor_refined          0.299  ? ? ? 'X-RAY DIFFRACTION' ? 
r_xyhbond_nbd_refined    0.157  ? ? ? 'X-RAY DIFFRACTION' ? 
r_metal_ion_refomed      0.101  ? ? ? 'X-RAY DIFFRACTION' ? 
r_symmetry_vdw_refined   0.238  ? ? ? 'X-RAY DIFFRACTION' ? 
r_symmetry_hbond_refined 0.231  ? ? ? 'X-RAY DIFFRACTION' ? 
r_mcbond_it              0.588  ? ? ? 'X-RAY DIFFRACTION' ? 
r_mcangle_it             1.114  ? ? ? 'X-RAY DIFFRACTION' ? 
r_scbond_it              1.660  ? ? ? 'X-RAY DIFFRACTION' ? 
r_scangle_it             2.495  ? ? ? 'X-RAY DIFFRACTION' ? 
# 
_refine_ls_shell.pdbx_total_number_of_bins_used   20 
_refine_ls_shell.d_res_high                       1.498 
_refine_ls_shell.d_res_low                        1.537 
_refine_ls_shell.number_reflns_R_work             1153 
_refine_ls_shell.R_factor_R_work                  0.2810 
_refine_ls_shell.percent_reflns_obs               90.37 
_refine_ls_shell.R_factor_R_free                  0.3410 
_refine_ls_shell.R_factor_R_free_error            ? 
_refine_ls_shell.percent_reflns_R_free            ? 
_refine_ls_shell.number_reflns_R_free             57 
_refine_ls_shell.number_reflns_all                ? 
_refine_ls_shell.R_factor_all                     ? 
_refine_ls_shell.number_reflns_obs                ? 
_refine_ls_shell.redundancy_reflns_obs            ? 
_refine_ls_shell.pdbx_refine_id                   'X-RAY DIFFRACTION' 
# 
_struct.entry_id                  2Z2F 
_struct.title                     'X-ray Crystal Structure of Bovine Stomach Lysozyme' 
_struct.pdbx_model_details        ? 
_struct.pdbx_CASP_flag            ? 
_struct.pdbx_model_type_details   ? 
# 
_struct_keywords.entry_id        2Z2F 
_struct_keywords.pdbx_keywords   HYDROLASE 
_struct_keywords.text            'LYSOZYME C, Stomach Lysozyme, 1, 4-BETA-N-Acetylmuramidase C, Bacteriolytic enzyme, Hydrolase' 
# 
loop_
_struct_asym.id 
_struct_asym.pdbx_blank_PDB_chainid_flag 
_struct_asym.pdbx_modified 
_struct_asym.entity_id 
_struct_asym.details 
A N N 1 ? 
B N N 2 ? 
C N N 3 ? 
D N N 3 ? 
E N N 4 ? 
# 
_struct_ref.id                         1 
_struct_ref.db_name                    UNP 
_struct_ref.db_code                    LYSC2_BOVIN 
_struct_ref.pdbx_db_accession          Q06283 
_struct_ref.entity_id                  1 
_struct_ref.pdbx_seq_one_letter_code   
;KVFERCELARTLKKLGLDGYKGVSLANWLCLTKWESSYNTKATNYNPSSESTDYGIFQINSKWWCNDGKTPNAVDGCHVS
CSELMENDIAKAVACAKHIVSEQGITAWVAWKSHCRDHDVSSYVEGCTL
;
_struct_ref.pdbx_align_begin           19 
_struct_ref.pdbx_db_isoform            ? 
# 
_struct_ref_seq.align_id                      1 
_struct_ref_seq.ref_id                        1 
_struct_ref_seq.pdbx_PDB_id_code              2Z2F 
_struct_ref_seq.pdbx_strand_id                A 
_struct_ref_seq.seq_align_beg                 1 
_struct_ref_seq.pdbx_seq_align_beg_ins_code   ? 
_struct_ref_seq.seq_align_end                 129 
_struct_ref_seq.pdbx_seq_align_end_ins_code   ? 
_struct_ref_seq.pdbx_db_accession             Q06283 
_struct_ref_seq.db_align_beg                  19 
_struct_ref_seq.pdbx_db_align_beg_ins_code    ? 
_struct_ref_seq.db_align_end                  147 
_struct_ref_seq.pdbx_db_align_end_ins_code    ? 
_struct_ref_seq.pdbx_auth_seq_align_beg       1 
_struct_ref_seq.pdbx_auth_seq_align_end       129 
# 
_pdbx_struct_assembly.id                   1 
_pdbx_struct_assembly.details              author_and_software_defined_assembly 
_pdbx_struct_assembly.method_details       PISA 
_pdbx_struct_assembly.oligomeric_details   monomeric 
_pdbx_struct_assembly.oligomeric_count     1 
# 
_pdbx_struct_assembly_gen.assembly_id       1 
_pdbx_struct_assembly_gen.oper_expression   1 
_pdbx_struct_assembly_gen.asym_id_list      A,B,C,D,E 
# 
_pdbx_struct_oper_list.id                   1 
_pdbx_struct_oper_list.type                 'identity operation' 
_pdbx_struct_oper_list.name                 1_555 
_pdbx_struct_oper_list.symmetry_operation   x,y,z 
_pdbx_struct_oper_list.matrix[1][1]         1.0000000000 
_pdbx_struct_oper_list.matrix[1][2]         0.0000000000 
_pdbx_struct_oper_list.matrix[1][3]         0.0000000000 
_pdbx_struct_oper_list.vector[1]            0.0000000000 
_pdbx_struct_oper_list.matrix[2][1]         0.0000000000 
_pdbx_struct_oper_list.matrix[2][2]         1.0000000000 
_pdbx_struct_oper_list.matrix[2][3]         0.0000000000 
_pdbx_struct_oper_list.vector[2]            0.0000000000 
_pdbx_struct_oper_list.matrix[3][1]         0.0000000000 
_pdbx_struct_oper_list.matrix[3][2]         0.0000000000 
_pdbx_struct_oper_list.matrix[3][3]         1.0000000000 
_pdbx_struct_oper_list.vector[3]            0.0000000000 
# 
_struct_biol.id        1 
_struct_biol.details   ? 
# 
loop_
_struct_conf.conf_type_id 
_struct_conf.id 
_struct_conf.pdbx_PDB_helix_id 
_struct_conf.beg_label_comp_id 
_struct_conf.beg_label_asym_id 
_struct_conf.beg_label_seq_id 
_struct_conf.pdbx_beg_PDB_ins_code 
_struct_conf.end_label_comp_id 
_struct_conf.end_label_asym_id 
_struct_conf.end_label_seq_id 
_struct_conf.pdbx_end_PDB_ins_code 
_struct_conf.beg_auth_comp_id 
_struct_conf.beg_auth_asym_id 
_struct_conf.beg_auth_seq_id 
_struct_conf.end_auth_comp_id 
_struct_conf.end_auth_asym_id 
_struct_conf.end_auth_seq_id 
_struct_conf.pdbx_PDB_helix_class 
_struct_conf.details 
_struct_conf.pdbx_PDB_helix_length 
HELX_P HELX_P1 1 GLU A 4   ? LEU A 15  ? GLU A 4   LEU A 15  1 ? 12 
HELX_P HELX_P2 2 GLY A 19  ? VAL A 23  ? GLY A 19  VAL A 23  5 ? 5  
HELX_P HELX_P3 3 SER A 24  ? SER A 37  ? SER A 24  SER A 37  1 ? 14 
HELX_P HELX_P4 4 SER A 80  ? GLU A 86  ? SER A 80  GLU A 86  5 ? 7  
HELX_P HELX_P5 5 ILE A 89  ? GLY A 104 ? ILE A 89  GLY A 104 1 ? 16 
HELX_P HELX_P6 6 ILE A 105 ? ALA A 107 ? ILE A 105 ALA A 107 5 ? 3  
HELX_P HELX_P7 7 TRP A 108 ? CYS A 115 ? TRP A 108 CYS A 115 1 ? 8  
HELX_P HELX_P8 8 VAL A 120 ? GLU A 125 ? VAL A 120 GLU A 125 5 ? 6  
# 
_struct_conf_type.id          HELX_P 
_struct_conf_type.criteria    ? 
_struct_conf_type.reference   ? 
# 
loop_
_struct_conn.id 
_struct_conn.conn_type_id 
_struct_conn.pdbx_leaving_atom_flag 
_struct_conn.pdbx_PDB_id 
_struct_conn.ptnr1_label_asym_id 
_struct_conn.ptnr1_label_comp_id 
_struct_conn.ptnr1_label_seq_id 
_struct_conn.ptnr1_label_atom_id 
_struct_conn.pdbx_ptnr1_label_alt_id 
_struct_conn.pdbx_ptnr1_PDB_ins_code 
_struct_conn.pdbx_ptnr1_standard_comp_id 
_struct_conn.ptnr1_symmetry 
_struct_conn.ptnr2_label_asym_id 
_struct_conn.ptnr2_label_comp_id 
_struct_conn.ptnr2_label_seq_id 
_struct_conn.ptnr2_label_atom_id 
_struct_conn.pdbx_ptnr2_label_alt_id 
_struct_conn.pdbx_ptnr2_PDB_ins_code 
_struct_conn.ptnr1_auth_asym_id 
_struct_conn.ptnr1_auth_comp_id 
_struct_conn.ptnr1_auth_seq_id 
_struct_conn.ptnr2_auth_asym_id 
_struct_conn.ptnr2_auth_comp_id 
_struct_conn.ptnr2_auth_seq_id 
_struct_conn.ptnr2_symmetry 
_struct_conn.pdbx_ptnr3_label_atom_id 
_struct_conn.pdbx_ptnr3_label_seq_id 
_struct_conn.pdbx_ptnr3_label_comp_id 
_struct_conn.pdbx_ptnr3_label_asym_id 
_struct_conn.pdbx_ptnr3_label_alt_id 
_struct_conn.pdbx_ptnr3_PDB_ins_code 
_struct_conn.details 
_struct_conn.pdbx_dist_value 
_struct_conn.pdbx_value_order 
_struct_conn.pdbx_role 
disulf1 disulf ? ? A CYS 6  SG ? ? ? 1_555 A CYS 127 SG ? ? A CYS 6  A CYS 127 1_555 ? ? ? ? ? ? ? 2.040 ? ? 
disulf2 disulf ? ? A CYS 30 SG ? ? ? 1_555 A CYS 115 SG ? ? A CYS 30 A CYS 115 1_555 ? ? ? ? ? ? ? 2.056 ? ? 
disulf3 disulf ? ? A CYS 65 SG ? ? ? 1_555 A CYS 81  SG ? ? A CYS 65 A CYS 81  1_555 ? ? ? ? ? ? ? 2.059 ? ? 
disulf4 disulf ? ? A CYS 77 SG ? ? ? 1_555 A CYS 95  SG ? ? A CYS 77 A CYS 95  1_555 ? ? ? ? ? ? ? 2.044 ? ? 
# 
_struct_conn_type.id          disulf 
_struct_conn_type.criteria    ? 
_struct_conn_type.reference   ? 
# 
loop_
_pdbx_modification_feature.ordinal 
_pdbx_modification_feature.label_comp_id 
_pdbx_modification_feature.label_asym_id 
_pdbx_modification_feature.label_seq_id 
_pdbx_modification_feature.label_alt_id 
_pdbx_modification_feature.modified_residue_label_comp_id 
_pdbx_modification_feature.modified_residue_label_asym_id 
_pdbx_modification_feature.modified_residue_label_seq_id 
_pdbx_modification_feature.modified_residue_label_alt_id 
_pdbx_modification_feature.auth_comp_id 
_pdbx_modification_feature.auth_asym_id 
_pdbx_modification_feature.auth_seq_id 
_pdbx_modification_feature.PDB_ins_code 
_pdbx_modification_feature.symmetry 
_pdbx_modification_feature.modified_residue_auth_comp_id 
_pdbx_modification_feature.modified_residue_auth_asym_id 
_pdbx_modification_feature.modified_residue_auth_seq_id 
_pdbx_modification_feature.modified_residue_PDB_ins_code 
_pdbx_modification_feature.modified_residue_symmetry 
_pdbx_modification_feature.comp_id_linking_atom 
_pdbx_modification_feature.modified_residue_id_linking_atom 
_pdbx_modification_feature.modified_residue_id 
_pdbx_modification_feature.ref_pcm_id 
_pdbx_modification_feature.ref_comp_id 
_pdbx_modification_feature.type 
_pdbx_modification_feature.category 
1 CYS A 6  ? CYS A 127 ? CYS A 6  ? 1_555 CYS A 127 ? 1_555 SG SG . . . None 'Disulfide bridge' 
2 CYS A 30 ? CYS A 115 ? CYS A 30 ? 1_555 CYS A 115 ? 1_555 SG SG . . . None 'Disulfide bridge' 
3 CYS A 65 ? CYS A 81  ? CYS A 65 ? 1_555 CYS A 81  ? 1_555 SG SG . . . None 'Disulfide bridge' 
4 CYS A 77 ? CYS A 95  ? CYS A 77 ? 1_555 CYS A 95  ? 1_555 SG SG . . . None 'Disulfide bridge' 
# 
_struct_sheet.id               A 
_struct_sheet.type             ? 
_struct_sheet.number_strands   3 
_struct_sheet.details          ? 
# 
loop_
_struct_sheet_order.sheet_id 
_struct_sheet_order.range_id_1 
_struct_sheet_order.range_id_2 
_struct_sheet_order.offset 
_struct_sheet_order.sense 
A 1 2 ? anti-parallel 
A 2 3 ? anti-parallel 
# 
loop_
_struct_sheet_range.sheet_id 
_struct_sheet_range.id 
_struct_sheet_range.beg_label_comp_id 
_struct_sheet_range.beg_label_asym_id 
_struct_sheet_range.beg_label_seq_id 
_struct_sheet_range.pdbx_beg_PDB_ins_code 
_struct_sheet_range.end_label_comp_id 
_struct_sheet_range.end_label_asym_id 
_struct_sheet_range.end_label_seq_id 
_struct_sheet_range.pdbx_end_PDB_ins_code 
_struct_sheet_range.beg_auth_comp_id 
_struct_sheet_range.beg_auth_asym_id 
_struct_sheet_range.beg_auth_seq_id 
_struct_sheet_range.end_auth_comp_id 
_struct_sheet_range.end_auth_asym_id 
_struct_sheet_range.end_auth_seq_id 
A 1 THR A 43 ? ASN A 46 ? THR A 43 ASN A 46 
A 2 SER A 51 ? TYR A 54 ? SER A 51 TYR A 54 
A 3 ILE A 59 ? ASN A 60 ? ILE A 59 ASN A 60 
# 
loop_
_pdbx_struct_sheet_hbond.sheet_id 
_pdbx_struct_sheet_hbond.range_id_1 
_pdbx_struct_sheet_hbond.range_id_2 
_pdbx_struct_sheet_hbond.range_1_label_atom_id 
_pdbx_struct_sheet_hbond.range_1_label_comp_id 
_pdbx_struct_sheet_hbond.range_1_label_asym_id 
_pdbx_struct_sheet_hbond.range_1_label_seq_id 
_pdbx_struct_sheet_hbond.range_1_PDB_ins_code 
_pdbx_struct_sheet_hbond.range_1_auth_atom_id 
_pdbx_struct_sheet_hbond.range_1_auth_comp_id 
_pdbx_struct_sheet_hbond.range_1_auth_asym_id 
_pdbx_struct_sheet_hbond.range_1_auth_seq_id 
_pdbx_struct_sheet_hbond.range_2_label_atom_id 
_pdbx_struct_sheet_hbond.range_2_label_comp_id 
_pdbx_struct_sheet_hbond.range_2_label_asym_id 
_pdbx_struct_sheet_hbond.range_2_label_seq_id 
_pdbx_struct_sheet_hbond.range_2_PDB_ins_code 
_pdbx_struct_sheet_hbond.range_2_auth_atom_id 
_pdbx_struct_sheet_hbond.range_2_auth_comp_id 
_pdbx_struct_sheet_hbond.range_2_auth_asym_id 
_pdbx_struct_sheet_hbond.range_2_auth_seq_id 
A 1 2 N ASN A 46 ? N ASN A 46 O SER A 51 ? O SER A 51 
A 2 3 N TYR A 54 ? N TYR A 54 O ILE A 59 ? O ILE A 59 
# 
loop_
_struct_site.id 
_struct_site.pdbx_evidence_code 
_struct_site.pdbx_auth_asym_id 
_struct_site.pdbx_auth_comp_id 
_struct_site.pdbx_auth_seq_id 
_struct_site.pdbx_auth_ins_code 
_struct_site.pdbx_num_residues 
_struct_site.details 
AC1 Software A NA  2001 ? 5 'BINDING SITE FOR RESIDUE NA A 2001'  
AC2 Software A MPD 1001 ? 8 'BINDING SITE FOR RESIDUE MPD A 1001' 
AC3 Software A MPD 1002 ? 6 'BINDING SITE FOR RESIDUE MPD A 1002' 
# 
loop_
_struct_site_gen.id 
_struct_site_gen.site_id 
_struct_site_gen.pdbx_num_res 
_struct_site_gen.label_comp_id 
_struct_site_gen.label_asym_id 
_struct_site_gen.label_seq_id 
_struct_site_gen.pdbx_auth_ins_code 
_struct_site_gen.auth_comp_id 
_struct_site_gen.auth_asym_id 
_struct_site_gen.auth_seq_id 
_struct_site_gen.label_atom_id 
_struct_site_gen.label_alt_id 
_struct_site_gen.symmetry 
_struct_site_gen.details 
1  AC1 5 SER A 61  ? SER A 61   . ? 1_555 ? 
2  AC1 5 CYS A 65  ? CYS A 65   . ? 1_555 ? 
3  AC1 5 ALA A 73  ? ALA A 73   . ? 1_555 ? 
4  AC1 5 HOH E .   ? HOH A 2002 . ? 1_555 ? 
5  AC1 5 HOH E .   ? HOH A 2008 . ? 1_555 ? 
6  AC2 8 ARG A 5   ? ARG A 5    . ? 1_455 ? 
7  AC2 8 LYS A 33  ? LYS A 33   . ? 1_455 ? 
8  AC2 8 CYS A 77  ? CYS A 77   . ? 1_555 ? 
9  AC2 8 HIS A 78  ? HIS A 78   . ? 1_555 ? 
10 AC2 8 ALA A 94  ? ALA A 94   . ? 1_555 ? 
11 AC2 8 HOH E .   ? HOH A 2050 . ? 1_455 ? 
12 AC2 8 HOH E .   ? HOH A 2128 . ? 1_555 ? 
13 AC2 8 HOH E .   ? HOH A 2134 . ? 1_455 ? 
14 AC3 6 TYR A 20  ? TYR A 20   . ? 1_555 ? 
15 AC3 6 HIS A 98  ? HIS A 98   . ? 1_555 ? 
16 AC3 6 SER A 101 ? SER A 101  . ? 1_555 ? 
17 AC3 6 SER A 122 ? SER A 122  . ? 1_455 ? 
18 AC3 6 HOH E .   ? HOH A 2019 . ? 1_555 ? 
19 AC3 6 HOH E .   ? HOH A 2086 . ? 1_555 ? 
# 
_pdbx_entry_details.entry_id                   2Z2F 
_pdbx_entry_details.compound_details           ? 
_pdbx_entry_details.source_details             ? 
_pdbx_entry_details.nonpolymer_details         ? 
_pdbx_entry_details.sequence_details           ? 
_pdbx_entry_details.has_ligand_of_interest     ? 
_pdbx_entry_details.has_protein_modification   Y 
# 
loop_
_pdbx_validate_symm_contact.id 
_pdbx_validate_symm_contact.PDB_model_num 
_pdbx_validate_symm_contact.auth_atom_id_1 
_pdbx_validate_symm_contact.auth_asym_id_1 
_pdbx_validate_symm_contact.auth_comp_id_1 
_pdbx_validate_symm_contact.auth_seq_id_1 
_pdbx_validate_symm_contact.PDB_ins_code_1 
_pdbx_validate_symm_contact.label_alt_id_1 
_pdbx_validate_symm_contact.site_symmetry_1 
_pdbx_validate_symm_contact.auth_atom_id_2 
_pdbx_validate_symm_contact.auth_asym_id_2 
_pdbx_validate_symm_contact.auth_comp_id_2 
_pdbx_validate_symm_contact.auth_seq_id_2 
_pdbx_validate_symm_contact.PDB_ins_code_2 
_pdbx_validate_symm_contact.label_alt_id_2 
_pdbx_validate_symm_contact.site_symmetry_2 
_pdbx_validate_symm_contact.dist 
1 1 ND2 A ASN 66   ? B 1_555 O A HOH 2005 ? ? 3_554 1.97 
2 1 OD1 A ASN 66   ? B 1_555 O A HOH 2005 ? ? 3_554 2.03 
3 1 O   A HOH 2111 ? ? 1_555 O A HOH 2192 ? ? 3_554 2.19 
# 
loop_
_chem_comp_atom.comp_id 
_chem_comp_atom.atom_id 
_chem_comp_atom.type_symbol 
_chem_comp_atom.pdbx_aromatic_flag 
_chem_comp_atom.pdbx_stereo_config 
_chem_comp_atom.pdbx_ordinal 
ALA N    N  N N 1   
ALA CA   C  N S 2   
ALA C    C  N N 3   
ALA O    O  N N 4   
ALA CB   C  N N 5   
ALA OXT  O  N N 6   
ALA H    H  N N 7   
ALA H2   H  N N 8   
ALA HA   H  N N 9   
ALA HB1  H  N N 10  
ALA HB2  H  N N 11  
ALA HB3  H  N N 12  
ALA HXT  H  N N 13  
ARG N    N  N N 14  
ARG CA   C  N S 15  
ARG C    C  N N 16  
ARG O    O  N N 17  
ARG CB   C  N N 18  
ARG CG   C  N N 19  
ARG CD   C  N N 20  
ARG NE   N  N N 21  
ARG CZ   C  N N 22  
ARG NH1  N  N N 23  
ARG NH2  N  N N 24  
ARG OXT  O  N N 25  
ARG H    H  N N 26  
ARG H2   H  N N 27  
ARG HA   H  N N 28  
ARG HB2  H  N N 29  
ARG HB3  H  N N 30  
ARG HG2  H  N N 31  
ARG HG3  H  N N 32  
ARG HD2  H  N N 33  
ARG HD3  H  N N 34  
ARG HE   H  N N 35  
ARG HH11 H  N N 36  
ARG HH12 H  N N 37  
ARG HH21 H  N N 38  
ARG HH22 H  N N 39  
ARG HXT  H  N N 40  
ASN N    N  N N 41  
ASN CA   C  N S 42  
ASN C    C  N N 43  
ASN O    O  N N 44  
ASN CB   C  N N 45  
ASN CG   C  N N 46  
ASN OD1  O  N N 47  
ASN ND2  N  N N 48  
ASN OXT  O  N N 49  
ASN H    H  N N 50  
ASN H2   H  N N 51  
ASN HA   H  N N 52  
ASN HB2  H  N N 53  
ASN HB3  H  N N 54  
ASN HD21 H  N N 55  
ASN HD22 H  N N 56  
ASN HXT  H  N N 57  
ASP N    N  N N 58  
ASP CA   C  N S 59  
ASP C    C  N N 60  
ASP O    O  N N 61  
ASP CB   C  N N 62  
ASP CG   C  N N 63  
ASP OD1  O  N N 64  
ASP OD2  O  N N 65  
ASP OXT  O  N N 66  
ASP H    H  N N 67  
ASP H2   H  N N 68  
ASP HA   H  N N 69  
ASP HB2  H  N N 70  
ASP HB3  H  N N 71  
ASP HD2  H  N N 72  
ASP HXT  H  N N 73  
CYS N    N  N N 74  
CYS CA   C  N R 75  
CYS C    C  N N 76  
CYS O    O  N N 77  
CYS CB   C  N N 78  
CYS SG   S  N N 79  
CYS OXT  O  N N 80  
CYS H    H  N N 81  
CYS H2   H  N N 82  
CYS HA   H  N N 83  
CYS HB2  H  N N 84  
CYS HB3  H  N N 85  
CYS HG   H  N N 86  
CYS HXT  H  N N 87  
GLN N    N  N N 88  
GLN CA   C  N S 89  
GLN C    C  N N 90  
GLN O    O  N N 91  
GLN CB   C  N N 92  
GLN CG   C  N N 93  
GLN CD   C  N N 94  
GLN OE1  O  N N 95  
GLN NE2  N  N N 96  
GLN OXT  O  N N 97  
GLN H    H  N N 98  
GLN H2   H  N N 99  
GLN HA   H  N N 100 
GLN HB2  H  N N 101 
GLN HB3  H  N N 102 
GLN HG2  H  N N 103 
GLN HG3  H  N N 104 
GLN HE21 H  N N 105 
GLN HE22 H  N N 106 
GLN HXT  H  N N 107 
GLU N    N  N N 108 
GLU CA   C  N S 109 
GLU C    C  N N 110 
GLU O    O  N N 111 
GLU CB   C  N N 112 
GLU CG   C  N N 113 
GLU CD   C  N N 114 
GLU OE1  O  N N 115 
GLU OE2  O  N N 116 
GLU OXT  O  N N 117 
GLU H    H  N N 118 
GLU H2   H  N N 119 
GLU HA   H  N N 120 
GLU HB2  H  N N 121 
GLU HB3  H  N N 122 
GLU HG2  H  N N 123 
GLU HG3  H  N N 124 
GLU HE2  H  N N 125 
GLU HXT  H  N N 126 
GLY N    N  N N 127 
GLY CA   C  N N 128 
GLY C    C  N N 129 
GLY O    O  N N 130 
GLY OXT  O  N N 131 
GLY H    H  N N 132 
GLY H2   H  N N 133 
GLY HA2  H  N N 134 
GLY HA3  H  N N 135 
GLY HXT  H  N N 136 
HIS N    N  N N 137 
HIS CA   C  N S 138 
HIS C    C  N N 139 
HIS O    O  N N 140 
HIS CB   C  N N 141 
HIS CG   C  Y N 142 
HIS ND1  N  Y N 143 
HIS CD2  C  Y N 144 
HIS CE1  C  Y N 145 
HIS NE2  N  Y N 146 
HIS OXT  O  N N 147 
HIS H    H  N N 148 
HIS H2   H  N N 149 
HIS HA   H  N N 150 
HIS HB2  H  N N 151 
HIS HB3  H  N N 152 
HIS HD1  H  N N 153 
HIS HD2  H  N N 154 
HIS HE1  H  N N 155 
HIS HE2  H  N N 156 
HIS HXT  H  N N 157 
HOH O    O  N N 158 
HOH H1   H  N N 159 
HOH H2   H  N N 160 
ILE N    N  N N 161 
ILE CA   C  N S 162 
ILE C    C  N N 163 
ILE O    O  N N 164 
ILE CB   C  N S 165 
ILE CG1  C  N N 166 
ILE CG2  C  N N 167 
ILE CD1  C  N N 168 
ILE OXT  O  N N 169 
ILE H    H  N N 170 
ILE H2   H  N N 171 
ILE HA   H  N N 172 
ILE HB   H  N N 173 
ILE HG12 H  N N 174 
ILE HG13 H  N N 175 
ILE HG21 H  N N 176 
ILE HG22 H  N N 177 
ILE HG23 H  N N 178 
ILE HD11 H  N N 179 
ILE HD12 H  N N 180 
ILE HD13 H  N N 181 
ILE HXT  H  N N 182 
LEU N    N  N N 183 
LEU CA   C  N S 184 
LEU C    C  N N 185 
LEU O    O  N N 186 
LEU CB   C  N N 187 
LEU CG   C  N N 188 
LEU CD1  C  N N 189 
LEU CD2  C  N N 190 
LEU OXT  O  N N 191 
LEU H    H  N N 192 
LEU H2   H  N N 193 
LEU HA   H  N N 194 
LEU HB2  H  N N 195 
LEU HB3  H  N N 196 
LEU HG   H  N N 197 
LEU HD11 H  N N 198 
LEU HD12 H  N N 199 
LEU HD13 H  N N 200 
LEU HD21 H  N N 201 
LEU HD22 H  N N 202 
LEU HD23 H  N N 203 
LEU HXT  H  N N 204 
LYS N    N  N N 205 
LYS CA   C  N S 206 
LYS C    C  N N 207 
LYS O    O  N N 208 
LYS CB   C  N N 209 
LYS CG   C  N N 210 
LYS CD   C  N N 211 
LYS CE   C  N N 212 
LYS NZ   N  N N 213 
LYS OXT  O  N N 214 
LYS H    H  N N 215 
LYS H2   H  N N 216 
LYS HA   H  N N 217 
LYS HB2  H  N N 218 
LYS HB3  H  N N 219 
LYS HG2  H  N N 220 
LYS HG3  H  N N 221 
LYS HD2  H  N N 222 
LYS HD3  H  N N 223 
LYS HE2  H  N N 224 
LYS HE3  H  N N 225 
LYS HZ1  H  N N 226 
LYS HZ2  H  N N 227 
LYS HZ3  H  N N 228 
LYS HXT  H  N N 229 
MET N    N  N N 230 
MET CA   C  N S 231 
MET C    C  N N 232 
MET O    O  N N 233 
MET CB   C  N N 234 
MET CG   C  N N 235 
MET SD   S  N N 236 
MET CE   C  N N 237 
MET OXT  O  N N 238 
MET H    H  N N 239 
MET H2   H  N N 240 
MET HA   H  N N 241 
MET HB2  H  N N 242 
MET HB3  H  N N 243 
MET HG2  H  N N 244 
MET HG3  H  N N 245 
MET HE1  H  N N 246 
MET HE2  H  N N 247 
MET HE3  H  N N 248 
MET HXT  H  N N 249 
MPD C1   C  N N 250 
MPD C2   C  N N 251 
MPD O2   O  N N 252 
MPD CM   C  N N 253 
MPD C3   C  N N 254 
MPD C4   C  N S 255 
MPD O4   O  N N 256 
MPD C5   C  N N 257 
MPD H11  H  N N 258 
MPD H12  H  N N 259 
MPD H13  H  N N 260 
MPD HO2  H  N N 261 
MPD HM1  H  N N 262 
MPD HM2  H  N N 263 
MPD HM3  H  N N 264 
MPD H31  H  N N 265 
MPD H32  H  N N 266 
MPD H4   H  N N 267 
MPD HO4  H  N N 268 
MPD H51  H  N N 269 
MPD H52  H  N N 270 
MPD H53  H  N N 271 
NA  NA   NA N N 272 
PHE N    N  N N 273 
PHE CA   C  N S 274 
PHE C    C  N N 275 
PHE O    O  N N 276 
PHE CB   C  N N 277 
PHE CG   C  Y N 278 
PHE CD1  C  Y N 279 
PHE CD2  C  Y N 280 
PHE CE1  C  Y N 281 
PHE CE2  C  Y N 282 
PHE CZ   C  Y N 283 
PHE OXT  O  N N 284 
PHE H    H  N N 285 
PHE H2   H  N N 286 
PHE HA   H  N N 287 
PHE HB2  H  N N 288 
PHE HB3  H  N N 289 
PHE HD1  H  N N 290 
PHE HD2  H  N N 291 
PHE HE1  H  N N 292 
PHE HE2  H  N N 293 
PHE HZ   H  N N 294 
PHE HXT  H  N N 295 
PRO N    N  N N 296 
PRO CA   C  N S 297 
PRO C    C  N N 298 
PRO O    O  N N 299 
PRO CB   C  N N 300 
PRO CG   C  N N 301 
PRO CD   C  N N 302 
PRO OXT  O  N N 303 
PRO H    H  N N 304 
PRO HA   H  N N 305 
PRO HB2  H  N N 306 
PRO HB3  H  N N 307 
PRO HG2  H  N N 308 
PRO HG3  H  N N 309 
PRO HD2  H  N N 310 
PRO HD3  H  N N 311 
PRO HXT  H  N N 312 
SER N    N  N N 313 
SER CA   C  N S 314 
SER C    C  N N 315 
SER O    O  N N 316 
SER CB   C  N N 317 
SER OG   O  N N 318 
SER OXT  O  N N 319 
SER H    H  N N 320 
SER H2   H  N N 321 
SER HA   H  N N 322 
SER HB2  H  N N 323 
SER HB3  H  N N 324 
SER HG   H  N N 325 
SER HXT  H  N N 326 
THR N    N  N N 327 
THR CA   C  N S 328 
THR C    C  N N 329 
THR O    O  N N 330 
THR CB   C  N R 331 
THR OG1  O  N N 332 
THR CG2  C  N N 333 
THR OXT  O  N N 334 
THR H    H  N N 335 
THR H2   H  N N 336 
THR HA   H  N N 337 
THR HB   H  N N 338 
THR HG1  H  N N 339 
THR HG21 H  N N 340 
THR HG22 H  N N 341 
THR HG23 H  N N 342 
THR HXT  H  N N 343 
TRP N    N  N N 344 
TRP CA   C  N S 345 
TRP C    C  N N 346 
TRP O    O  N N 347 
TRP CB   C  N N 348 
TRP CG   C  Y N 349 
TRP CD1  C  Y N 350 
TRP CD2  C  Y N 351 
TRP NE1  N  Y N 352 
TRP CE2  C  Y N 353 
TRP CE3  C  Y N 354 
TRP CZ2  C  Y N 355 
TRP CZ3  C  Y N 356 
TRP CH2  C  Y N 357 
TRP OXT  O  N N 358 
TRP H    H  N N 359 
TRP H2   H  N N 360 
TRP HA   H  N N 361 
TRP HB2  H  N N 362 
TRP HB3  H  N N 363 
TRP HD1  H  N N 364 
TRP HE1  H  N N 365 
TRP HE3  H  N N 366 
TRP HZ2  H  N N 367 
TRP HZ3  H  N N 368 
TRP HH2  H  N N 369 
TRP HXT  H  N N 370 
TYR N    N  N N 371 
TYR CA   C  N S 372 
TYR C    C  N N 373 
TYR O    O  N N 374 
TYR CB   C  N N 375 
TYR CG   C  Y N 376 
TYR CD1  C  Y N 377 
TYR CD2  C  Y N 378 
TYR CE1  C  Y N 379 
TYR CE2  C  Y N 380 
TYR CZ   C  Y N 381 
TYR OH   O  N N 382 
TYR OXT  O  N N 383 
TYR H    H  N N 384 
TYR H2   H  N N 385 
TYR HA   H  N N 386 
TYR HB2  H  N N 387 
TYR HB3  H  N N 388 
TYR HD1  H  N N 389 
TYR HD2  H  N N 390 
TYR HE1  H  N N 391 
TYR HE2  H  N N 392 
TYR HH   H  N N 393 
TYR HXT  H  N N 394 
VAL N    N  N N 395 
VAL CA   C  N S 396 
VAL C    C  N N 397 
VAL O    O  N N 398 
VAL CB   C  N N 399 
VAL CG1  C  N N 400 
VAL CG2  C  N N 401 
VAL OXT  O  N N 402 
VAL H    H  N N 403 
VAL H2   H  N N 404 
VAL HA   H  N N 405 
VAL HB   H  N N 406 
VAL HG11 H  N N 407 
VAL HG12 H  N N 408 
VAL HG13 H  N N 409 
VAL HG21 H  N N 410 
VAL HG22 H  N N 411 
VAL HG23 H  N N 412 
VAL HXT  H  N N 413 
# 
loop_
_chem_comp_bond.comp_id 
_chem_comp_bond.atom_id_1 
_chem_comp_bond.atom_id_2 
_chem_comp_bond.value_order 
_chem_comp_bond.pdbx_aromatic_flag 
_chem_comp_bond.pdbx_stereo_config 
_chem_comp_bond.pdbx_ordinal 
ALA N   CA   sing N N 1   
ALA N   H    sing N N 2   
ALA N   H2   sing N N 3   
ALA CA  C    sing N N 4   
ALA CA  CB   sing N N 5   
ALA CA  HA   sing N N 6   
ALA C   O    doub N N 7   
ALA C   OXT  sing N N 8   
ALA CB  HB1  sing N N 9   
ALA CB  HB2  sing N N 10  
ALA CB  HB3  sing N N 11  
ALA OXT HXT  sing N N 12  
ARG N   CA   sing N N 13  
ARG N   H    sing N N 14  
ARG N   H2   sing N N 15  
ARG CA  C    sing N N 16  
ARG CA  CB   sing N N 17  
ARG CA  HA   sing N N 18  
ARG C   O    doub N N 19  
ARG C   OXT  sing N N 20  
ARG CB  CG   sing N N 21  
ARG CB  HB2  sing N N 22  
ARG CB  HB3  sing N N 23  
ARG CG  CD   sing N N 24  
ARG CG  HG2  sing N N 25  
ARG CG  HG3  sing N N 26  
ARG CD  NE   sing N N 27  
ARG CD  HD2  sing N N 28  
ARG CD  HD3  sing N N 29  
ARG NE  CZ   sing N N 30  
ARG NE  HE   sing N N 31  
ARG CZ  NH1  sing N N 32  
ARG CZ  NH2  doub N N 33  
ARG NH1 HH11 sing N N 34  
ARG NH1 HH12 sing N N 35  
ARG NH2 HH21 sing N N 36  
ARG NH2 HH22 sing N N 37  
ARG OXT HXT  sing N N 38  
ASN N   CA   sing N N 39  
ASN N   H    sing N N 40  
ASN N   H2   sing N N 41  
ASN CA  C    sing N N 42  
ASN CA  CB   sing N N 43  
ASN CA  HA   sing N N 44  
ASN C   O    doub N N 45  
ASN C   OXT  sing N N 46  
ASN CB  CG   sing N N 47  
ASN CB  HB2  sing N N 48  
ASN CB  HB3  sing N N 49  
ASN CG  OD1  doub N N 50  
ASN CG  ND2  sing N N 51  
ASN ND2 HD21 sing N N 52  
ASN ND2 HD22 sing N N 53  
ASN OXT HXT  sing N N 54  
ASP N   CA   sing N N 55  
ASP N   H    sing N N 56  
ASP N   H2   sing N N 57  
ASP CA  C    sing N N 58  
ASP CA  CB   sing N N 59  
ASP CA  HA   sing N N 60  
ASP C   O    doub N N 61  
ASP C   OXT  sing N N 62  
ASP CB  CG   sing N N 63  
ASP CB  HB2  sing N N 64  
ASP CB  HB3  sing N N 65  
ASP CG  OD1  doub N N 66  
ASP CG  OD2  sing N N 67  
ASP OD2 HD2  sing N N 68  
ASP OXT HXT  sing N N 69  
CYS N   CA   sing N N 70  
CYS N   H    sing N N 71  
CYS N   H2   sing N N 72  
CYS CA  C    sing N N 73  
CYS CA  CB   sing N N 74  
CYS CA  HA   sing N N 75  
CYS C   O    doub N N 76  
CYS C   OXT  sing N N 77  
CYS CB  SG   sing N N 78  
CYS CB  HB2  sing N N 79  
CYS CB  HB3  sing N N 80  
CYS SG  HG   sing N N 81  
CYS OXT HXT  sing N N 82  
GLN N   CA   sing N N 83  
GLN N   H    sing N N 84  
GLN N   H2   sing N N 85  
GLN CA  C    sing N N 86  
GLN CA  CB   sing N N 87  
GLN CA  HA   sing N N 88  
GLN C   O    doub N N 89  
GLN C   OXT  sing N N 90  
GLN CB  CG   sing N N 91  
GLN CB  HB2  sing N N 92  
GLN CB  HB3  sing N N 93  
GLN CG  CD   sing N N 94  
GLN CG  HG2  sing N N 95  
GLN CG  HG3  sing N N 96  
GLN CD  OE1  doub N N 97  
GLN CD  NE2  sing N N 98  
GLN NE2 HE21 sing N N 99  
GLN NE2 HE22 sing N N 100 
GLN OXT HXT  sing N N 101 
GLU N   CA   sing N N 102 
GLU N   H    sing N N 103 
GLU N   H2   sing N N 104 
GLU CA  C    sing N N 105 
GLU CA  CB   sing N N 106 
GLU CA  HA   sing N N 107 
GLU C   O    doub N N 108 
GLU C   OXT  sing N N 109 
GLU CB  CG   sing N N 110 
GLU CB  HB2  sing N N 111 
GLU CB  HB3  sing N N 112 
GLU CG  CD   sing N N 113 
GLU CG  HG2  sing N N 114 
GLU CG  HG3  sing N N 115 
GLU CD  OE1  doub N N 116 
GLU CD  OE2  sing N N 117 
GLU OE2 HE2  sing N N 118 
GLU OXT HXT  sing N N 119 
GLY N   CA   sing N N 120 
GLY N   H    sing N N 121 
GLY N   H2   sing N N 122 
GLY CA  C    sing N N 123 
GLY CA  HA2  sing N N 124 
GLY CA  HA3  sing N N 125 
GLY C   O    doub N N 126 
GLY C   OXT  sing N N 127 
GLY OXT HXT  sing N N 128 
HIS N   CA   sing N N 129 
HIS N   H    sing N N 130 
HIS N   H2   sing N N 131 
HIS CA  C    sing N N 132 
HIS CA  CB   sing N N 133 
HIS CA  HA   sing N N 134 
HIS C   O    doub N N 135 
HIS C   OXT  sing N N 136 
HIS CB  CG   sing N N 137 
HIS CB  HB2  sing N N 138 
HIS CB  HB3  sing N N 139 
HIS CG  ND1  sing Y N 140 
HIS CG  CD2  doub Y N 141 
HIS ND1 CE1  doub Y N 142 
HIS ND1 HD1  sing N N 143 
HIS CD2 NE2  sing Y N 144 
HIS CD2 HD2  sing N N 145 
HIS CE1 NE2  sing Y N 146 
HIS CE1 HE1  sing N N 147 
HIS NE2 HE2  sing N N 148 
HIS OXT HXT  sing N N 149 
HOH O   H1   sing N N 150 
HOH O   H2   sing N N 151 
ILE N   CA   sing N N 152 
ILE N   H    sing N N 153 
ILE N   H2   sing N N 154 
ILE CA  C    sing N N 155 
ILE CA  CB   sing N N 156 
ILE CA  HA   sing N N 157 
ILE C   O    doub N N 158 
ILE C   OXT  sing N N 159 
ILE CB  CG1  sing N N 160 
ILE CB  CG2  sing N N 161 
ILE CB  HB   sing N N 162 
ILE CG1 CD1  sing N N 163 
ILE CG1 HG12 sing N N 164 
ILE CG1 HG13 sing N N 165 
ILE CG2 HG21 sing N N 166 
ILE CG2 HG22 sing N N 167 
ILE CG2 HG23 sing N N 168 
ILE CD1 HD11 sing N N 169 
ILE CD1 HD12 sing N N 170 
ILE CD1 HD13 sing N N 171 
ILE OXT HXT  sing N N 172 
LEU N   CA   sing N N 173 
LEU N   H    sing N N 174 
LEU N   H2   sing N N 175 
LEU CA  C    sing N N 176 
LEU CA  CB   sing N N 177 
LEU CA  HA   sing N N 178 
LEU C   O    doub N N 179 
LEU C   OXT  sing N N 180 
LEU CB  CG   sing N N 181 
LEU CB  HB2  sing N N 182 
LEU CB  HB3  sing N N 183 
LEU CG  CD1  sing N N 184 
LEU CG  CD2  sing N N 185 
LEU CG  HG   sing N N 186 
LEU CD1 HD11 sing N N 187 
LEU CD1 HD12 sing N N 188 
LEU CD1 HD13 sing N N 189 
LEU CD2 HD21 sing N N 190 
LEU CD2 HD22 sing N N 191 
LEU CD2 HD23 sing N N 192 
LEU OXT HXT  sing N N 193 
LYS N   CA   sing N N 194 
LYS N   H    sing N N 195 
LYS N   H2   sing N N 196 
LYS CA  C    sing N N 197 
LYS CA  CB   sing N N 198 
LYS CA  HA   sing N N 199 
LYS C   O    doub N N 200 
LYS C   OXT  sing N N 201 
LYS CB  CG   sing N N 202 
LYS CB  HB2  sing N N 203 
LYS CB  HB3  sing N N 204 
LYS CG  CD   sing N N 205 
LYS CG  HG2  sing N N 206 
LYS CG  HG3  sing N N 207 
LYS CD  CE   sing N N 208 
LYS CD  HD2  sing N N 209 
LYS CD  HD3  sing N N 210 
LYS CE  NZ   sing N N 211 
LYS CE  HE2  sing N N 212 
LYS CE  HE3  sing N N 213 
LYS NZ  HZ1  sing N N 214 
LYS NZ  HZ2  sing N N 215 
LYS NZ  HZ3  sing N N 216 
LYS OXT HXT  sing N N 217 
MET N   CA   sing N N 218 
MET N   H    sing N N 219 
MET N   H2   sing N N 220 
MET CA  C    sing N N 221 
MET CA  CB   sing N N 222 
MET CA  HA   sing N N 223 
MET C   O    doub N N 224 
MET C   OXT  sing N N 225 
MET CB  CG   sing N N 226 
MET CB  HB2  sing N N 227 
MET CB  HB3  sing N N 228 
MET CG  SD   sing N N 229 
MET CG  HG2  sing N N 230 
MET CG  HG3  sing N N 231 
MET SD  CE   sing N N 232 
MET CE  HE1  sing N N 233 
MET CE  HE2  sing N N 234 
MET CE  HE3  sing N N 235 
MET OXT HXT  sing N N 236 
MPD C1  C2   sing N N 237 
MPD C1  H11  sing N N 238 
MPD C1  H12  sing N N 239 
MPD C1  H13  sing N N 240 
MPD C2  O2   sing N N 241 
MPD C2  CM   sing N N 242 
MPD C2  C3   sing N N 243 
MPD O2  HO2  sing N N 244 
MPD CM  HM1  sing N N 245 
MPD CM  HM2  sing N N 246 
MPD CM  HM3  sing N N 247 
MPD C3  C4   sing N N 248 
MPD C3  H31  sing N N 249 
MPD C3  H32  sing N N 250 
MPD C4  O4   sing N N 251 
MPD C4  C5   sing N N 252 
MPD C4  H4   sing N N 253 
MPD O4  HO4  sing N N 254 
MPD C5  H51  sing N N 255 
MPD C5  H52  sing N N 256 
MPD C5  H53  sing N N 257 
PHE N   CA   sing N N 258 
PHE N   H    sing N N 259 
PHE N   H2   sing N N 260 
PHE CA  C    sing N N 261 
PHE CA  CB   sing N N 262 
PHE CA  HA   sing N N 263 
PHE C   O    doub N N 264 
PHE C   OXT  sing N N 265 
PHE CB  CG   sing N N 266 
PHE CB  HB2  sing N N 267 
PHE CB  HB3  sing N N 268 
PHE CG  CD1  doub Y N 269 
PHE CG  CD2  sing Y N 270 
PHE CD1 CE1  sing Y N 271 
PHE CD1 HD1  sing N N 272 
PHE CD2 CE2  doub Y N 273 
PHE CD2 HD2  sing N N 274 
PHE CE1 CZ   doub Y N 275 
PHE CE1 HE1  sing N N 276 
PHE CE2 CZ   sing Y N 277 
PHE CE2 HE2  sing N N 278 
PHE CZ  HZ   sing N N 279 
PHE OXT HXT  sing N N 280 
PRO N   CA   sing N N 281 
PRO N   CD   sing N N 282 
PRO N   H    sing N N 283 
PRO CA  C    sing N N 284 
PRO CA  CB   sing N N 285 
PRO CA  HA   sing N N 286 
PRO C   O    doub N N 287 
PRO C   OXT  sing N N 288 
PRO CB  CG   sing N N 289 
PRO CB  HB2  sing N N 290 
PRO CB  HB3  sing N N 291 
PRO CG  CD   sing N N 292 
PRO CG  HG2  sing N N 293 
PRO CG  HG3  sing N N 294 
PRO CD  HD2  sing N N 295 
PRO CD  HD3  sing N N 296 
PRO OXT HXT  sing N N 297 
SER N   CA   sing N N 298 
SER N   H    sing N N 299 
SER N   H2   sing N N 300 
SER CA  C    sing N N 301 
SER CA  CB   sing N N 302 
SER CA  HA   sing N N 303 
SER C   O    doub N N 304 
SER C   OXT  sing N N 305 
SER CB  OG   sing N N 306 
SER CB  HB2  sing N N 307 
SER CB  HB3  sing N N 308 
SER OG  HG   sing N N 309 
SER OXT HXT  sing N N 310 
THR N   CA   sing N N 311 
THR N   H    sing N N 312 
THR N   H2   sing N N 313 
THR CA  C    sing N N 314 
THR CA  CB   sing N N 315 
THR CA  HA   sing N N 316 
THR C   O    doub N N 317 
THR C   OXT  sing N N 318 
THR CB  OG1  sing N N 319 
THR CB  CG2  sing N N 320 
THR CB  HB   sing N N 321 
THR OG1 HG1  sing N N 322 
THR CG2 HG21 sing N N 323 
THR CG2 HG22 sing N N 324 
THR CG2 HG23 sing N N 325 
THR OXT HXT  sing N N 326 
TRP N   CA   sing N N 327 
TRP N   H    sing N N 328 
TRP N   H2   sing N N 329 
TRP CA  C    sing N N 330 
TRP CA  CB   sing N N 331 
TRP CA  HA   sing N N 332 
TRP C   O    doub N N 333 
TRP C   OXT  sing N N 334 
TRP CB  CG   sing N N 335 
TRP CB  HB2  sing N N 336 
TRP CB  HB3  sing N N 337 
TRP CG  CD1  doub Y N 338 
TRP CG  CD2  sing Y N 339 
TRP CD1 NE1  sing Y N 340 
TRP CD1 HD1  sing N N 341 
TRP CD2 CE2  doub Y N 342 
TRP CD2 CE3  sing Y N 343 
TRP NE1 CE2  sing Y N 344 
TRP NE1 HE1  sing N N 345 
TRP CE2 CZ2  sing Y N 346 
TRP CE3 CZ3  doub Y N 347 
TRP CE3 HE3  sing N N 348 
TRP CZ2 CH2  doub Y N 349 
TRP CZ2 HZ2  sing N N 350 
TRP CZ3 CH2  sing Y N 351 
TRP CZ3 HZ3  sing N N 352 
TRP CH2 HH2  sing N N 353 
TRP OXT HXT  sing N N 354 
TYR N   CA   sing N N 355 
TYR N   H    sing N N 356 
TYR N   H2   sing N N 357 
TYR CA  C    sing N N 358 
TYR CA  CB   sing N N 359 
TYR CA  HA   sing N N 360 
TYR C   O    doub N N 361 
TYR C   OXT  sing N N 362 
TYR CB  CG   sing N N 363 
TYR CB  HB2  sing N N 364 
TYR CB  HB3  sing N N 365 
TYR CG  CD1  doub Y N 366 
TYR CG  CD2  sing Y N 367 
TYR CD1 CE1  sing Y N 368 
TYR CD1 HD1  sing N N 369 
TYR CD2 CE2  doub Y N 370 
TYR CD2 HD2  sing N N 371 
TYR CE1 CZ   doub Y N 372 
TYR CE1 HE1  sing N N 373 
TYR CE2 CZ   sing Y N 374 
TYR CE2 HE2  sing N N 375 
TYR CZ  OH   sing N N 376 
TYR OH  HH   sing N N 377 
TYR OXT HXT  sing N N 378 
VAL N   CA   sing N N 379 
VAL N   H    sing N N 380 
VAL N   H2   sing N N 381 
VAL CA  C    sing N N 382 
VAL CA  CB   sing N N 383 
VAL CA  HA   sing N N 384 
VAL C   O    doub N N 385 
VAL C   OXT  sing N N 386 
VAL CB  CG1  sing N N 387 
VAL CB  CG2  sing N N 388 
VAL CB  HB   sing N N 389 
VAL CG1 HG11 sing N N 390 
VAL CG1 HG12 sing N N 391 
VAL CG1 HG13 sing N N 392 
VAL CG2 HG21 sing N N 393 
VAL CG2 HG22 sing N N 394 
VAL CG2 HG23 sing N N 395 
VAL OXT HXT  sing N N 396 
# 
_pdbx_initial_refinement_model.id               1 
_pdbx_initial_refinement_model.entity_id_list   ? 
_pdbx_initial_refinement_model.type             'experimental model' 
_pdbx_initial_refinement_model.source_name      PDB 
_pdbx_initial_refinement_model.accession_code   1LZ1 
_pdbx_initial_refinement_model.details          'PDB ENTRY 1LZ1' 
# 
_atom_sites.entry_id                    2Z2F 
_atom_sites.fract_transf_matrix[1][1]   -0.01427031 
_atom_sites.fract_transf_matrix[1][2]   -0.01764452 
_atom_sites.fract_transf_matrix[1][3]   0.02255175 
_atom_sites.fract_transf_matrix[2][1]   0.01305821 
_atom_sites.fract_transf_matrix[2][2]   0.00406998 
_atom_sites.fract_transf_matrix[2][3]   0.01144733 
_atom_sites.fract_transf_matrix[3][1]   -0.00803782 
_atom_sites.fract_transf_matrix[3][2]   0.01252708 
_atom_sites.fract_transf_matrix[3][3]   0.00471503 
_atom_sites.fract_transf_vector[1]      0.128402 
_atom_sites.fract_transf_vector[2]      0.187011 
_atom_sites.fract_transf_vector[3]      -0.252488 
# 
loop_
_atom_type.symbol 
C  
N  
NA 
O  
S  
# 
loop_
_atom_site.group_PDB 
_atom_site.id 
_atom_site.type_symbol 
_atom_site.label_atom_id 
_atom_site.label_alt_id 
_atom_site.label_comp_id 
_atom_site.label_asym_id 
_atom_site.label_entity_id 
_atom_site.label_seq_id 
_atom_site.pdbx_PDB_ins_code 
_atom_site.Cartn_x 
_atom_site.Cartn_y 
_atom_site.Cartn_z 
_atom_site.occupancy 
_atom_site.B_iso_or_equiv 
_atom_site.pdbx_formal_charge 
_atom_site.auth_seq_id 
_atom_site.auth_comp_id 
_atom_site.auth_asym_id 
_atom_site.auth_atom_id 
_atom_site.pdbx_PDB_model_num 
ATOM   1    N  N   . LYS A 1 1   ? 3.876   3.420   12.357  1.00 18.40 ? 1    LYS A N   1 
ATOM   2    C  CA  . LYS A 1 1   ? 2.517   3.432   12.958  1.00 18.10 ? 1    LYS A CA  1 
ATOM   3    C  C   . LYS A 1 1   ? 1.717   2.210   12.533  1.00 17.81 ? 1    LYS A C   1 
ATOM   4    O  O   . LYS A 1 1   ? 1.678   1.874   11.347  1.00 17.22 ? 1    LYS A O   1 
ATOM   5    C  CB  . LYS A 1 1   ? 1.775   4.704   12.556  1.00 18.52 ? 1    LYS A CB  1 
ATOM   6    C  CG  . LYS A 1 1   ? 0.398   4.833   13.162  1.00 18.97 ? 1    LYS A CG  1 
ATOM   7    C  CD  . LYS A 1 1   ? -0.275  6.101   12.723  1.00 20.83 ? 1    LYS A CD  1 
ATOM   8    C  CE  . LYS A 1 1   ? -1.675  6.176   13.314  1.00 21.20 ? 1    LYS A CE  1 
ATOM   9    N  NZ  . LYS A 1 1   ? -2.389  7.412   12.910  1.00 24.21 ? 1    LYS A NZ  1 
ATOM   10   N  N   . VAL A 1 2   ? 1.108   1.547   13.516  1.00 16.33 ? 2    VAL A N   1 
ATOM   11   C  CA  . VAL A 1 2   ? 0.064   0.549   13.271  1.00 15.88 ? 2    VAL A CA  1 
ATOM   12   C  C   . VAL A 1 2   ? -1.306  1.214   13.417  1.00 15.18 ? 2    VAL A C   1 
ATOM   13   O  O   . VAL A 1 2   ? -1.632  1.773   14.469  1.00 15.65 ? 2    VAL A O   1 
ATOM   14   C  CB  . VAL A 1 2   ? 0.172   -0.635  14.234  1.00 16.13 ? 2    VAL A CB  1 
ATOM   15   C  CG1 . VAL A 1 2   ? -0.862  -1.683  13.921  1.00 15.99 ? 2    VAL A CG1 1 
ATOM   16   C  CG2 . VAL A 1 2   ? 1.581   -1.252  14.158  1.00 16.23 ? 2    VAL A CG2 1 
ATOM   17   N  N   . PHE A 1 3   ? -2.096  1.151   12.351  1.00 13.19 ? 3    PHE A N   1 
ATOM   18   C  CA  . PHE A 1 3   ? -3.426  1.741   12.331  1.00 11.69 ? 3    PHE A CA  1 
ATOM   19   C  C   . PHE A 1 3   ? -4.482  0.790   12.862  1.00 10.92 ? 3    PHE A C   1 
ATOM   20   O  O   . PHE A 1 3   ? -4.420  -0.423  12.637  1.00 11.44 ? 3    PHE A O   1 
ATOM   21   C  CB  . PHE A 1 3   ? -3.813  2.091   10.898  1.00 10.94 ? 3    PHE A CB  1 
ATOM   22   C  CG  . PHE A 1 3   ? -3.286  3.411   10.416  1.00 9.53  ? 3    PHE A CG  1 
ATOM   23   C  CD1 . PHE A 1 3   ? -4.090  4.546   10.467  1.00 9.38  ? 3    PHE A CD1 1 
ATOM   24   C  CD2 . PHE A 1 3   ? -2.007  3.526   9.876   1.00 10.30 ? 3    PHE A CD2 1 
ATOM   25   C  CE1 . PHE A 1 3   ? -3.628  5.777   10.013  1.00 10.01 ? 3    PHE A CE1 1 
ATOM   26   C  CE2 . PHE A 1 3   ? -1.531  4.750   9.425   1.00 10.11 ? 3    PHE A CE2 1 
ATOM   27   C  CZ  . PHE A 1 3   ? -2.352  5.889   9.487   1.00 9.26  ? 3    PHE A CZ  1 
ATOM   28   N  N   . GLU A 1 4   ? -5.477  1.358   13.541  1.00 10.63 ? 4    GLU A N   1 
ATOM   29   C  CA  . GLU A 1 4   ? -6.746  0.673   13.738  1.00 10.24 ? 4    GLU A CA  1 
ATOM   30   C  C   . GLU A 1 4   ? -7.503  0.746   12.405  1.00 10.05 ? 4    GLU A C   1 
ATOM   31   O  O   . GLU A 1 4   ? -7.336  1.699   11.643  1.00 9.97  ? 4    GLU A O   1 
ATOM   32   C  CB  . GLU A 1 4   ? -7.543  1.337   14.869  1.00 11.01 ? 4    GLU A CB  1 
ATOM   33   C  CG  . GLU A 1 4   ? -8.854  0.633   15.238  1.00 13.38 ? 4    GLU A CG  1 
ATOM   34   C  CD  . GLU A 1 4   ? -10.084 1.203   14.517  1.00 14.98 ? 4    GLU A CD  1 
ATOM   35   O  OE1 . GLU A 1 4   ? -10.976 0.386   14.147  1.00 15.50 ? 4    GLU A OE1 1 
ATOM   36   O  OE2 . GLU A 1 4   ? -10.164 2.458   14.344  1.00 15.72 ? 4    GLU A OE2 1 
ATOM   37   N  N   . ARG A 1 5   ? -8.346  -0.248  12.136  1.00 9.27  ? 5    ARG A N   1 
ATOM   38   C  CA  . ARG A 1 5   ? -9.020  -0.361  10.836  1.00 8.99  ? 5    ARG A CA  1 
ATOM   39   C  C   . ARG A 1 5   ? -9.845  0.867   10.432  1.00 8.63  ? 5    ARG A C   1 
ATOM   40   O  O   . ARG A 1 5   ? -9.689  1.380   9.323   1.00 8.72  ? 5    ARG A O   1 
ATOM   41   C  CB  . ARG A 1 5   ? -9.891  -1.616  10.793  1.00 8.36  ? 5    ARG A CB  1 
ATOM   42   C  CG  . ARG A 1 5   ? -10.625 -1.848  9.474   1.00 10.02 ? 5    ARG A CG  1 
ATOM   43   C  CD  . ARG A 1 5   ? -11.302 -3.228  9.447   1.00 10.41 ? 5    ARG A CD  1 
ATOM   44   N  NE  . ARG A 1 5   ? -11.941 -3.498  10.728  1.00 12.60 ? 5    ARG A NE  1 
ATOM   45   C  CZ  . ARG A 1 5   ? -13.159 -3.093  11.063  1.00 12.25 ? 5    ARG A CZ  1 
ATOM   46   N  NH1 . ARG A 1 5   ? -13.915 -2.431  10.184  1.00 11.26 ? 5    ARG A NH1 1 
ATOM   47   N  NH2 . ARG A 1 5   ? -13.618 -3.372  12.283  1.00 15.81 ? 5    ARG A NH2 1 
ATOM   48   N  N   . CYS A 1 6   ? -10.748 1.312   11.301  1.00 8.91  ? 6    CYS A N   1 
ATOM   49   C  CA  . CYS A 1 6   ? -11.586 2.467   10.951  1.00 8.84  ? 6    CYS A CA  1 
ATOM   50   C  C   . CYS A 1 6   ? -10.800 3.771   10.885  1.00 8.41  ? 6    CYS A C   1 
ATOM   51   O  O   . CYS A 1 6   ? -11.115 4.634   10.081  1.00 8.46  ? 6    CYS A O   1 
ATOM   52   C  CB  . CYS A 1 6   ? -12.797 2.606   11.881  1.00 9.22  ? 6    CYS A CB  1 
ATOM   53   S  SG  . CYS A 1 6   ? -13.952 1.222   11.747  1.00 10.68 ? 6    CYS A SG  1 
ATOM   54   N  N   . GLU A 1 7   ? -9.774  3.899   11.726  1.00 8.84  ? 7    GLU A N   1 
ATOM   55   C  CA  . GLU A 1 7   ? -8.853  5.035   11.645  1.00 8.94  ? 7    GLU A CA  1 
ATOM   56   C  C   . GLU A 1 7   ? -8.190  5.066   10.266  1.00 8.53  ? 7    GLU A C   1 
ATOM   57   O  O   . GLU A 1 7   ? -8.097  6.117   9.612   1.00 8.62  ? 7    GLU A O   1 
ATOM   58   C  CB  . GLU A 1 7   ? -7.806  4.931   12.762  1.00 9.85  ? 7    GLU A CB  1 
ATOM   59   C  CG  . GLU A 1 7   ? -6.713  5.984   12.733  1.00 12.23 ? 7    GLU A CG  1 
ATOM   60   C  CD  . GLU A 1 7   ? -5.478  5.579   13.530  1.00 14.62 ? 7    GLU A CD  1 
ATOM   61   O  OE1 . GLU A 1 7   ? -5.294  4.369   13.841  1.00 13.38 ? 7    GLU A OE1 1 
ATOM   62   O  OE2 . GLU A 1 7   ? -4.685  6.496   13.844  1.00 16.36 ? 7    GLU A OE2 1 
ATOM   63   N  N   . LEU A 1 8   ? -7.723  3.905   9.815   1.00 7.71  ? 8    LEU A N   1 
ATOM   64   C  CA  . LEU A 1 8   ? -7.157  3.817   8.480   1.00 7.81  ? 8    LEU A CA  1 
ATOM   65   C  C   . LEU A 1 8   ? -8.194  4.128   7.409   1.00 7.38  ? 8    LEU A C   1 
ATOM   66   O  O   . LEU A 1 8   ? -7.907  4.852   6.460   1.00 8.02  ? 8    LEU A O   1 
ATOM   67   C  CB  . LEU A 1 8   ? -6.542  2.438   8.228   1.00 8.13  ? 8    LEU A CB  1 
ATOM   68   C  CG  . LEU A 1 8   ? -5.828  2.276   6.874   1.00 8.99  ? 8    LEU A CG  1 
ATOM   69   C  CD1 . LEU A 1 8   ? -4.715  3.308   6.684   1.00 8.38  ? 8    LEU A CD1 1 
ATOM   70   C  CD2 . LEU A 1 8   ? -5.271  0.873   6.753   1.00 9.17  ? 8    LEU A CD2 1 
ATOM   71   N  N   . ALA A 1 9   ? -9.402  3.588   7.560   1.00 7.09  ? 9    ALA A N   1 
ATOM   72   C  CA  . ALA A 1 9   ? -10.456 3.838   6.585   1.00 7.59  ? 9    ALA A CA  1 
ATOM   73   C  C   . ALA A 1 9   ? -10.697 5.341   6.391   1.00 7.98  ? 9    ALA A C   1 
ATOM   74   O  O   . ALA A 1 9   ? -10.811 5.826   5.260   1.00 8.45  ? 9    ALA A O   1 
ATOM   75   C  CB  . ALA A 1 9   ? -11.741 3.126   7.003   1.00 7.57  ? 9    ALA A CB  1 
ATOM   76   N  N   A ARG A 1 10  ? -10.783 6.061   7.507   0.50 8.09  ? 10   ARG A N   1 
ATOM   77   N  N   B ARG A 1 10  ? -10.779 6.067   7.501   0.50 8.07  ? 10   ARG A N   1 
ATOM   78   C  CA  A ARG A 1 10  ? -10.999 7.507   7.496   0.50 8.36  ? 10   ARG A CA  1 
ATOM   79   C  CA  B ARG A 1 10  ? -11.009 7.508   7.469   0.50 8.29  ? 10   ARG A CA  1 
ATOM   80   C  C   A ARG A 1 10  ? -9.837  8.230   6.819   0.50 8.42  ? 10   ARG A C   1 
ATOM   81   C  C   B ARG A 1 10  ? -9.832  8.255   6.842   0.50 8.42  ? 10   ARG A C   1 
ATOM   82   O  O   A ARG A 1 10  ? -10.045 9.164   6.038   0.50 8.51  ? 10   ARG A O   1 
ATOM   83   O  O   B ARG A 1 10  ? -10.025 9.235   6.116   0.50 8.55  ? 10   ARG A O   1 
ATOM   84   C  CB  A ARG A 1 10  ? -11.182 8.031   8.923   0.50 8.73  ? 10   ARG A CB  1 
ATOM   85   C  CB  B ARG A 1 10  ? -11.292 8.026   8.878   0.50 8.72  ? 10   ARG A CB  1 
ATOM   86   C  CG  A ARG A 1 10  ? -12.385 7.425   9.644   0.50 10.00 ? 10   ARG A CG  1 
ATOM   87   C  CG  B ARG A 1 10  ? -12.688 7.656   9.367   0.50 9.37  ? 10   ARG A CG  1 
ATOM   88   C  CD  A ARG A 1 10  ? -12.707 8.124   10.969  0.50 12.09 ? 10   ARG A CD  1 
ATOM   89   C  CD  B ARG A 1 10  ? -12.796 7.666   10.901  0.50 11.58 ? 10   ARG A CD  1 
ATOM   90   N  NE  A ARG A 1 10  ? -11.583 8.153   11.906  0.50 13.75 ? 10   ARG A NE  1 
ATOM   91   N  NE  B ARG A 1 10  ? -12.635 9.006   11.462  0.50 12.09 ? 10   ARG A NE  1 
ATOM   92   C  CZ  A ARG A 1 10  ? -11.365 7.263   12.873  0.50 13.79 ? 10   ARG A CZ  1 
ATOM   93   C  CZ  B ARG A 1 10  ? -13.601 9.918   11.542  0.50 13.53 ? 10   ARG A CZ  1 
ATOM   94   N  NH1 A ARG A 1 10  ? -10.312 7.405   13.670  0.50 13.66 ? 10   ARG A NH1 1 
ATOM   95   N  NH1 B ARG A 1 10  ? -13.334 11.107  12.069  0.50 14.28 ? 10   ARG A NH1 1 
ATOM   96   N  NH2 A ARG A 1 10  ? -12.180 6.228   13.044  0.50 14.75 ? 10   ARG A NH2 1 
ATOM   97   N  NH2 B ARG A 1 10  ? -14.827 9.652   11.100  0.50 13.78 ? 10   ARG A NH2 1 
ATOM   98   N  N   . THR A 1 11  ? -8.620  7.779   7.113   1.00 8.04  ? 11   THR A N   1 
ATOM   99   C  CA  . THR A 1 11  ? -7.413  8.405   6.560   1.00 8.52  ? 11   THR A CA  1 
ATOM   100  C  C   . THR A 1 11  ? -7.328  8.209   5.048   1.00 8.33  ? 11   THR A C   1 
ATOM   101  O  O   . THR A 1 11  ? -7.079  9.163   4.315   1.00 8.73  ? 11   THR A O   1 
ATOM   102  C  CB  . THR A 1 11  ? -6.149  7.891   7.264   1.00 8.93  ? 11   THR A CB  1 
ATOM   103  O  OG1 . THR A 1 11  ? -6.303  8.090   8.676   1.00 10.32 ? 11   THR A OG1 1 
ATOM   104  C  CG2 . THR A 1 11  ? -4.910  8.650   6.788   1.00 9.62  ? 11   THR A CG2 1 
ATOM   105  N  N   . LEU A 1 12  ? -7.548  6.974   4.598   1.00 8.41  ? 12   LEU A N   1 
ATOM   106  C  CA  . LEU A 1 12  ? -7.536  6.670   3.174   1.00 8.20  ? 12   LEU A CA  1 
ATOM   107  C  C   . LEU A 1 12  ? -8.624  7.433   2.432   1.00 8.66  ? 12   LEU A C   1 
ATOM   108  O  O   . LEU A 1 12  ? -8.394  7.915   1.334   1.00 8.51  ? 12   LEU A O   1 
ATOM   109  C  CB  . LEU A 1 12  ? -7.685  5.163   2.954   1.00 7.40  ? 12   LEU A CB  1 
ATOM   110  C  CG  . LEU A 1 12  ? -6.573  4.230   3.461   1.00 8.75  ? 12   LEU A CG  1 
ATOM   111  C  CD1 . LEU A 1 12  ? -6.938  2.792   3.156   1.00 10.79 ? 12   LEU A CD1 1 
ATOM   112  C  CD2 . LEU A 1 12  ? -5.198  4.574   2.845   1.00 10.56 ? 12   LEU A CD2 1 
ATOM   113  N  N   . LYS A 1 13  ? -9.804  7.559   3.044   1.00 9.08  ? 13   LYS A N   1 
ATOM   114  C  CA  . LYS A 1 13  ? -10.885 8.337   2.422   1.00 9.92  ? 13   LYS A CA  1 
ATOM   115  C  C   . LYS A 1 13  ? -10.537 9.823   2.328   1.00 10.54 ? 13   LYS A C   1 
ATOM   116  O  O   . LYS A 1 13  ? -10.744 10.436  1.281   1.00 10.43 ? 13   LYS A O   1 
ATOM   117  C  CB  . LYS A 1 13  ? -12.226 8.121   3.141   1.00 10.58 ? 13   LYS A CB  1 
ATOM   118  C  CG  . LYS A 1 13  ? -13.420 8.709   2.379   1.00 11.98 ? 13   LYS A CG  1 
ATOM   119  C  CD  . LYS A 1 13  ? -14.737 8.240   2.939   1.00 14.38 ? 13   LYS A CD  1 
ATOM   120  C  CE  . LYS A 1 13  ? -15.897 8.773   2.100   1.00 15.60 ? 13   LYS A CE  1 
ATOM   121  N  NZ  . LYS A 1 13  ? -17.184 8.125   2.485   1.00 19.10 ? 13   LYS A NZ  1 
ATOM   122  N  N   . LYS A 1 14  ? -9.989  10.383  3.408   1.00 10.39 ? 14   LYS A N   1 
ATOM   123  C  CA  . LYS A 1 14  ? -9.554  11.785  3.402   1.00 11.34 ? 14   LYS A CA  1 
ATOM   124  C  C   . LYS A 1 14  ? -8.506  12.039  2.317   1.00 10.65 ? 14   LYS A C   1 
ATOM   125  O  O   . LYS A 1 14  ? -8.495  13.099  1.693   1.00 11.61 ? 14   LYS A O   1 
ATOM   126  C  CB  . LYS A 1 14  ? -8.996  12.205  4.768   1.00 11.95 ? 14   LYS A CB  1 
ATOM   127  C  CG  . LYS A 1 14  ? -8.913  13.719  4.922   1.00 16.59 ? 14   LYS A CG  1 
ATOM   128  C  CD  . LYS A 1 14  ? -7.888  14.166  5.973   1.00 21.75 ? 14   LYS A CD  1 
ATOM   129  C  CE  . LYS A 1 14  ? -6.574  14.578  5.319   1.00 24.49 ? 14   LYS A CE  1 
ATOM   130  N  NZ  . LYS A 1 14  ? -5.660  15.272  6.276   1.00 26.65 ? 14   LYS A NZ  1 
ATOM   131  N  N   . LEU A 1 15  ? -7.638  11.055  2.089   1.00 10.02 ? 15   LEU A N   1 
ATOM   132  C  CA  . LEU A 1 15  ? -6.572  11.174  1.084   1.00 9.43  ? 15   LEU A CA  1 
ATOM   133  C  C   . LEU A 1 15  ? -7.014  10.805  -0.345  1.00 9.31  ? 15   LEU A C   1 
ATOM   134  O  O   . LEU A 1 15  ? -6.183  10.713  -1.247  1.00 9.19  ? 15   LEU A O   1 
ATOM   135  C  CB  . LEU A 1 15  ? -5.324  10.376  1.511   1.00 9.77  ? 15   LEU A CB  1 
ATOM   136  C  CG  . LEU A 1 15  ? -4.592  10.851  2.774   1.00 11.32 ? 15   LEU A CG  1 
ATOM   137  C  CD1 . LEU A 1 15  ? -3.533  9.849   3.217   1.00 12.95 ? 15   LEU A CD1 1 
ATOM   138  C  CD2 . LEU A 1 15  ? -3.959  12.223  2.574   1.00 14.10 ? 15   LEU A CD2 1 
ATOM   139  N  N   . GLY A 1 16  ? -8.317  10.579  -0.531  1.00 8.82  ? 16   GLY A N   1 
ATOM   140  C  CA  . GLY A 1 16  ? -8.893  10.448  -1.866  1.00 9.76  ? 16   GLY A CA  1 
ATOM   141  C  C   . GLY A 1 16  ? -8.795  9.075   -2.505  1.00 9.42  ? 16   GLY A C   1 
ATOM   142  O  O   . GLY A 1 16  ? -8.888  8.959   -3.726  1.00 9.69  ? 16   GLY A O   1 
ATOM   143  N  N   . LEU A 1 17  ? -8.625  8.035   -1.688  1.00 9.13  ? 17   LEU A N   1 
ATOM   144  C  CA  . LEU A 1 17  ? -8.500  6.673   -2.226  1.00 8.76  ? 17   LEU A CA  1 
ATOM   145  C  C   . LEU A 1 17  ? -9.814  5.921   -2.461  1.00 9.39  ? 17   LEU A C   1 
ATOM   146  O  O   . LEU A 1 17  ? -9.811  4.901   -3.166  1.00 8.89  ? 17   LEU A O   1 
ATOM   147  C  CB  . LEU A 1 17  ? -7.584  5.823   -1.348  1.00 9.41  ? 17   LEU A CB  1 
ATOM   148  C  CG  . LEU A 1 17  ? -6.096  5.814   -1.685  1.00 10.20 ? 17   LEU A CG  1 
ATOM   149  C  CD1 . LEU A 1 17  ? -5.442  4.721   -0.867  1.00 9.40  ? 17   LEU A CD1 1 
ATOM   150  C  CD2 . LEU A 1 17  ? -5.762  5.602   -3.164  1.00 9.86  ? 17   LEU A CD2 1 
ATOM   151  N  N   . ASP A 1 18  ? -10.925 6.389   -1.886  1.00 8.93  ? 18   ASP A N   1 
ATOM   152  C  CA  . ASP A 1 18  ? -12.195 5.679   -2.052  1.00 9.25  ? 18   ASP A CA  1 
ATOM   153  C  C   . ASP A 1 18  ? -12.671 5.800   -3.495  1.00 8.90  ? 18   ASP A C   1 
ATOM   154  O  O   . ASP A 1 18  ? -13.067 6.886   -3.940  1.00 9.35  ? 18   ASP A O   1 
ATOM   155  C  CB  . ASP A 1 18  ? -13.278 6.182   -1.074  1.00 9.70  ? 18   ASP A CB  1 
ATOM   156  C  CG  . ASP A 1 18  ? -14.604 5.397   -1.188  1.00 11.22 ? 18   ASP A CG  1 
ATOM   157  O  OD1 . ASP A 1 18  ? -14.607 4.199   -1.582  1.00 11.71 ? 18   ASP A OD1 1 
ATOM   158  O  OD2 . ASP A 1 18  ? -15.663 5.991   -0.860  1.00 14.67 ? 18   ASP A OD2 1 
ATOM   159  N  N   . GLY A 1 19  ? -12.595 4.691   -4.222  1.00 8.26  ? 19   GLY A N   1 
ATOM   160  C  CA  . GLY A 1 19  ? -13.025 4.653   -5.605  1.00 8.42  ? 19   GLY A CA  1 
ATOM   161  C  C   . GLY A 1 19  ? -11.960 5.127   -6.570  1.00 7.83  ? 19   GLY A C   1 
ATOM   162  O  O   . GLY A 1 19  ? -12.222 5.289   -7.772  1.00 8.12  ? 19   GLY A O   1 
ATOM   163  N  N   . TYR A 1 20  ? -10.754 5.356   -6.051  1.00 7.60  ? 20   TYR A N   1 
ATOM   164  C  CA  . TYR A 1 20  ? -9.675  5.877   -6.879  1.00 7.27  ? 20   TYR A CA  1 
ATOM   165  C  C   . TYR A 1 20  ? -9.372  4.886   -7.995  1.00 7.48  ? 20   TYR A C   1 
ATOM   166  O  O   . TYR A 1 20  ? -9.027  3.741   -7.729  1.00 7.41  ? 20   TYR A O   1 
ATOM   167  C  CB  . TYR A 1 20  ? -8.404  6.163   -6.055  1.00 7.26  ? 20   TYR A CB  1 
ATOM   168  C  CG  . TYR A 1 20  ? -7.337  6.803   -6.919  1.00 7.90  ? 20   TYR A CG  1 
ATOM   169  C  CD1 . TYR A 1 20  ? -7.371  8.173   -7.201  1.00 8.03  ? 20   TYR A CD1 1 
ATOM   170  C  CD2 . TYR A 1 20  ? -6.331  6.030   -7.497  1.00 8.31  ? 20   TYR A CD2 1 
ATOM   171  C  CE1 . TYR A 1 20  ? -6.406  8.761   -8.023  1.00 8.07  ? 20   TYR A CE1 1 
ATOM   172  C  CE2 . TYR A 1 20  ? -5.375  6.603   -8.321  1.00 8.75  ? 20   TYR A CE2 1 
ATOM   173  C  CZ  . TYR A 1 20  ? -5.416  7.959   -8.582  1.00 8.75  ? 20   TYR A CZ  1 
ATOM   174  O  OH  . TYR A 1 20  ? -4.448  8.503   -9.410  1.00 9.43  ? 20   TYR A OH  1 
ATOM   175  N  N   . LYS A 1 21  ? -9.512  5.350   -9.236  1.00 7.60  ? 21   LYS A N   1 
ATOM   176  C  CA  . LYS A 1 21  ? -9.352  4.507   -10.423 1.00 8.45  ? 21   LYS A CA  1 
ATOM   177  C  C   . LYS A 1 21  ? -10.151 3.195   -10.288 1.00 7.63  ? 21   LYS A C   1 
ATOM   178  O  O   . LYS A 1 21  ? -9.738  2.138   -10.753 1.00 8.16  ? 21   LYS A O   1 
ATOM   179  C  CB  . LYS A 1 21  ? -7.866  4.252   -10.747 1.00 9.62  ? 21   LYS A CB  1 
ATOM   180  C  CG  . LYS A 1 21  ? -7.023  5.517   -10.940 1.00 11.38 ? 21   LYS A CG  1 
ATOM   181  C  CD  . LYS A 1 21  ? -7.502  6.366   -12.108 1.00 13.01 ? 21   LYS A CD  1 
ATOM   182  C  CE  . LYS A 1 21  ? -6.857  7.767   -12.124 1.00 15.50 ? 21   LYS A CE  1 
ATOM   183  N  NZ  . LYS A 1 21  ? -5.410  7.747   -12.500 1.00 16.16 ? 21   LYS A NZ  1 
ATOM   184  N  N   . GLY A 1 22  ? -11.298 3.295   -9.629  1.00 7.29  ? 22   GLY A N   1 
ATOM   185  C  CA  . GLY A 1 22  ? -12.250 2.187   -9.568  1.00 7.17  ? 22   GLY A CA  1 
ATOM   186  C  C   . GLY A 1 22  ? -12.093 1.224   -8.412  1.00 7.05  ? 22   GLY A C   1 
ATOM   187  O  O   . GLY A 1 22  ? -12.802 0.215   -8.352  1.00 7.92  ? 22   GLY A O   1 
ATOM   188  N  N   . VAL A 1 23  ? -11.150 1.516   -7.505  1.00 6.58  ? 23   VAL A N   1 
ATOM   189  C  CA  . VAL A 1 23  ? -10.869 0.623   -6.378  1.00 6.49  ? 23   VAL A CA  1 
ATOM   190  C  C   . VAL A 1 23  ? -11.549 1.170   -5.131  1.00 6.48  ? 23   VAL A C   1 
ATOM   191  O  O   . VAL A 1 23  ? -11.201 2.242   -4.656  1.00 6.49  ? 23   VAL A O   1 
ATOM   192  C  CB  . VAL A 1 23  ? -9.361  0.503   -6.113  1.00 6.78  ? 23   VAL A CB  1 
ATOM   193  C  CG1 . VAL A 1 23  ? -9.090  -0.446  -4.931  1.00 7.55  ? 23   VAL A CG1 1 
ATOM   194  C  CG2 . VAL A 1 23  ? -8.631  0.022   -7.357  1.00 7.35  ? 23   VAL A CG2 1 
ATOM   195  N  N   . SER A 1 24  ? -12.543 0.449   -4.619  1.00 5.90  ? 24   SER A N   1 
ATOM   196  C  CA  . SER A 1 24  ? -13.280 0.908   -3.449  1.00 5.45  ? 24   SER A CA  1 
ATOM   197  C  C   . SER A 1 24  ? -12.417 0.983   -2.197  1.00 4.86  ? 24   SER A C   1 
ATOM   198  O  O   . SER A 1 24  ? -11.431 0.257   -2.083  1.00 5.23  ? 24   SER A O   1 
ATOM   199  C  CB  . SER A 1 24  ? -14.436 -0.043  -3.160  1.00 5.79  ? 24   SER A CB  1 
ATOM   200  O  OG  . SER A 1 24  ? -13.941 -1.291  -2.703  1.00 6.25  ? 24   SER A OG  1 
ATOM   201  N  N   . LEU A 1 25  ? -12.845 1.813   -1.238  1.00 5.10  ? 25   LEU A N   1 
ATOM   202  C  CA  . LEU A 1 25  ? -12.168 1.899   0.046   1.00 5.11  ? 25   LEU A CA  1 
ATOM   203  C  C   . LEU A 1 25  ? -11.977 0.537   0.708   1.00 5.01  ? 25   LEU A C   1 
ATOM   204  O  O   . LEU A 1 25  ? -10.891 0.227   1.193   1.00 6.00  ? 25   LEU A O   1 
ATOM   205  C  CB  . LEU A 1 25  ? -12.931 2.832   0.978   1.00 5.68  ? 25   LEU A CB  1 
ATOM   206  C  CG  . LEU A 1 25  ? -12.348 3.063   2.365   1.00 7.24  ? 25   LEU A CG  1 
ATOM   207  C  CD1 . LEU A 1 25  ? -10.961 3.693   2.314   1.00 8.52  ? 25   LEU A CD1 1 
ATOM   208  C  CD2 . LEU A 1 25  ? -13.307 3.953   3.161   1.00 8.20  ? 25   LEU A CD2 1 
ATOM   209  N  N   . ALA A 1 26  ? -13.034 -0.274  0.719   1.00 4.91  ? 26   ALA A N   1 
ATOM   210  C  CA  . ALA A 1 26  ? -12.972 -1.594  1.335   1.00 5.14  ? 26   ALA A CA  1 
ATOM   211  C  C   . ALA A 1 26  ? -11.916 -2.466  0.660   1.00 5.53  ? 26   ALA A C   1 
ATOM   212  O  O   . ALA A 1 26  ? -11.258 -3.246  1.329   1.00 6.04  ? 26   ALA A O   1 
ATOM   213  C  CB  . ALA A 1 26  ? -14.333 -2.262  1.293   1.00 6.05  ? 26   ALA A CB  1 
ATOM   214  N  N   . ASN A 1 27  ? -11.756 -2.333  -0.661  1.00 4.96  ? 27   ASN A N   1 
ATOM   215  C  CA  . ASN A 1 27  ? -10.670 -3.044  -1.355  1.00 5.21  ? 27   ASN A CA  1 
ATOM   216  C  C   . ASN A 1 27  ? -9.276  -2.601  -0.913  1.00 5.53  ? 27   ASN A C   1 
ATOM   217  O  O   . ASN A 1 27  ? -8.390  -3.427  -0.711  1.00 5.25  ? 27   ASN A O   1 
ATOM   218  C  CB  . ASN A 1 27  ? -10.809 -2.953  -2.880  1.00 5.78  ? 27   ASN A CB  1 
ATOM   219  C  CG  . ASN A 1 27  ? -11.690 -4.047  -3.437  1.00 7.62  ? 27   ASN A CG  1 
ATOM   220  O  OD1 . ASN A 1 27  ? -11.344 -5.234  -3.369  1.00 8.80  ? 27   ASN A OD1 1 
ATOM   221  N  ND2 . ASN A 1 27  ? -12.824 -3.665  -3.995  1.00 10.56 ? 27   ASN A ND2 1 
ATOM   222  N  N   . TRP A 1 28  ? -9.083  -1.294  -0.763  1.00 4.91  ? 28   TRP A N   1 
ATOM   223  C  CA  . TRP A 1 28  ? -7.827  -0.811  -0.203  1.00 5.27  ? 28   TRP A CA  1 
ATOM   224  C  C   . TRP A 1 28  ? -7.566  -1.319  1.212   1.00 5.08  ? 28   TRP A C   1 
ATOM   225  O  O   . TRP A 1 28  ? -6.419  -1.608  1.556   1.00 6.17  ? 28   TRP A O   1 
ATOM   226  C  CB  . TRP A 1 28  ? -7.725  0.721   -0.211  1.00 5.41  ? 28   TRP A CB  1 
ATOM   227  C  CG  . TRP A 1 28  ? -7.702  1.319   -1.577  1.00 5.53  ? 28   TRP A CG  1 
ATOM   228  C  CD1 . TRP A 1 28  ? -8.689  2.064   -2.167  1.00 6.28  ? 28   TRP A CD1 1 
ATOM   229  C  CD2 . TRP A 1 28  ? -6.643  1.220   -2.536  1.00 5.49  ? 28   TRP A CD2 1 
ATOM   230  N  NE1 . TRP A 1 28  ? -8.305  2.438   -3.439  1.00 6.40  ? 28   TRP A NE1 1 
ATOM   231  C  CE2 . TRP A 1 28  ? -7.047  1.946   -3.685  1.00 6.49  ? 28   TRP A CE2 1 
ATOM   232  C  CE3 . TRP A 1 28  ? -5.386  0.606   -2.529  1.00 5.83  ? 28   TRP A CE3 1 
ATOM   233  C  CZ2 . TRP A 1 28  ? -6.244  2.059   -4.820  1.00 6.14  ? 28   TRP A CZ2 1 
ATOM   234  C  CZ3 . TRP A 1 28  ? -4.585  0.716   -3.654  1.00 6.41  ? 28   TRP A CZ3 1 
ATOM   235  C  CH2 . TRP A 1 28  ? -5.017  1.433   -4.794  1.00 5.96  ? 28   TRP A CH2 1 
ATOM   236  N  N   . LEU A 1 29  ? -8.621  -1.401  2.028   1.00 5.81  ? 29   LEU A N   1 
ATOM   237  C  CA  . LEU A 1 29  ? -8.476  -1.883  3.408   1.00 5.36  ? 29   LEU A CA  1 
ATOM   238  C  C   . LEU A 1 29  ? -8.153  -3.376  3.439   1.00 6.21  ? 29   LEU A C   1 
ATOM   239  O  O   . LEU A 1 29  ? -7.412  -3.847  4.308   1.00 6.72  ? 29   LEU A O   1 
ATOM   240  C  CB  . LEU A 1 29  ? -9.747  -1.597  4.220   1.00 5.91  ? 29   LEU A CB  1 
ATOM   241  C  CG  . LEU A 1 29  ? -9.972  -0.114  4.514   1.00 5.92  ? 29   LEU A CG  1 
ATOM   242  C  CD1 . LEU A 1 29  ? -11.403 0.130   4.953   1.00 7.19  ? 29   LEU A CD1 1 
ATOM   243  C  CD2 . LEU A 1 29  ? -8.962  0.389   5.539   1.00 7.70  ? 29   LEU A CD2 1 
ATOM   244  N  N   . CYS A 1 30  ? -8.737  -4.125  2.510   1.00 5.86  ? 30   CYS A N   1 
ATOM   245  C  CA  . CYS A 1 30  ? -8.406  -5.543  2.419   1.00 6.67  ? 30   CYS A CA  1 
ATOM   246  C  C   . CYS A 1 30  ? -6.945  -5.736  1.951   1.00 6.73  ? 30   CYS A C   1 
ATOM   247  O  O   . CYS A 1 30  ? -6.207  -6.567  2.493   1.00 6.88  ? 30   CYS A O   1 
ATOM   248  C  CB  . CYS A 1 30  ? -9.384  -6.231  1.470   1.00 6.50  ? 30   CYS A CB  1 
ATOM   249  S  SG  . CYS A 1 30  ? -9.139  -8.015  1.307   1.00 8.14  ? 30   CYS A SG  1 
ATOM   250  N  N   . LEU A 1 31  ? -6.527  -4.943  0.966   1.00 6.26  ? 31   LEU A N   1 
ATOM   251  C  CA  . LEU A 1 31  ? -5.183  -5.015  0.401   1.00 6.46  ? 31   LEU A CA  1 
ATOM   252  C  C   . LEU A 1 31  ? -4.137  -4.727  1.479   1.00 6.21  ? 31   LEU A C   1 
ATOM   253  O  O   . LEU A 1 31  ? -3.189  -5.490  1.674   1.00 6.43  ? 31   LEU A O   1 
ATOM   254  C  CB  . LEU A 1 31  ? -5.092  -3.997  -0.744  1.00 7.15  ? 31   LEU A CB  1 
ATOM   255  C  CG  . LEU A 1 31  ? -3.812  -3.801  -1.538  1.00 8.00  ? 31   LEU A CG  1 
ATOM   256  C  CD1 . LEU A 1 31  ? -4.181  -3.299  -2.934  1.00 9.13  ? 31   LEU A CD1 1 
ATOM   257  C  CD2 . LEU A 1 31  ? -2.872  -2.828  -0.843  1.00 8.43  ? 31   LEU A CD2 1 
ATOM   258  N  N   . THR A 1 32  ? -4.328  -3.621  2.194   1.00 6.13  ? 32   THR A N   1 
ATOM   259  C  CA  . THR A 1 32  ? -3.346  -3.169  3.191   1.00 6.50  ? 32   THR A CA  1 
ATOM   260  C  C   . THR A 1 32  ? -3.345  -4.135  4.386   1.00 6.80  ? 32   THR A C   1 
ATOM   261  O  O   . THR A 1 32  ? -2.306  -4.364  4.992   1.00 6.83  ? 32   THR A O   1 
ATOM   262  C  CB  . THR A 1 32  ? -3.663  -1.745  3.567   1.00 6.34  ? 32   THR A CB  1 
ATOM   263  O  OG1 . THR A 1 32  ? -5.046  -1.509  3.994   1.00 2.80  ? 32   THR A OG1 1 
ATOM   264  C  CG2 . THR A 1 32  ? -3.005  -0.748  2.800   1.00 12.24 ? 32   THR A CG2 1 
ATOM   265  N  N   . LYS A 1 33  ? -4.501  -4.735  4.694   1.00 6.48  ? 33   LYS A N   1 
ATOM   266  C  CA  . LYS A 1 33  ? -4.568  -5.726  5.773   1.00 7.61  ? 33   LYS A CA  1 
ATOM   267  C  C   . LYS A 1 33  ? -3.656  -6.893  5.476   1.00 7.43  ? 33   LYS A C   1 
ATOM   268  O  O   . LYS A 1 33  ? -2.828  -7.287  6.302   1.00 7.59  ? 33   LYS A O   1 
ATOM   269  C  CB  . LYS A 1 33  ? -6.007  -6.243  5.910   1.00 7.68  ? 33   LYS A CB  1 
ATOM   270  C  CG  . LYS A 1 33  ? -6.205  -7.387  6.924   1.00 11.28 ? 33   LYS A CG  1 
ATOM   271  C  CD  . LYS A 1 33  ? -6.115  -6.877  8.329   1.00 12.04 ? 33   LYS A CD  1 
ATOM   272  C  CE  . LYS A 1 33  ? -6.532  -7.947  9.345   1.00 12.31 ? 33   LYS A CE  1 
ATOM   273  N  NZ  . LYS A 1 33  ? -5.482  -9.007  9.515   1.00 13.17 ? 33   LYS A NZ  1 
ATOM   274  N  N   . TRP A 1 34  ? -3.809  -7.451  4.283   1.00 7.25  ? 34   TRP A N   1 
ATOM   275  C  CA  . TRP A 1 34  ? -3.074  -8.650  3.935   1.00 8.06  ? 34   TRP A CA  1 
ATOM   276  C  C   . TRP A 1 34  ? -1.623  -8.342  3.599   1.00 8.21  ? 34   TRP A C   1 
ATOM   277  O  O   . TRP A 1 34  ? -0.747  -9.173  3.818   1.00 9.45  ? 34   TRP A O   1 
ATOM   278  C  CB  . TRP A 1 34  ? -3.781  -9.419  2.818   1.00 8.74  ? 34   TRP A CB  1 
ATOM   279  C  CG  . TRP A 1 34  ? -4.996  -10.145 3.357   1.00 9.64  ? 34   TRP A CG  1 
ATOM   280  C  CD1 . TRP A 1 34  ? -6.300  -9.739  3.279   1.00 9.15  ? 34   TRP A CD1 1 
ATOM   281  C  CD2 . TRP A 1 34  ? -5.004  -11.377 4.097   1.00 10.16 ? 34   TRP A CD2 1 
ATOM   282  N  NE1 . TRP A 1 34  ? -7.120  -10.646 3.913   1.00 10.17 ? 34   TRP A NE1 1 
ATOM   283  C  CE2 . TRP A 1 34  ? -6.351  -11.662 4.419   1.00 11.44 ? 34   TRP A CE2 1 
ATOM   284  C  CE3 . TRP A 1 34  ? -4.000  -12.270 4.511   1.00 11.19 ? 34   TRP A CE3 1 
ATOM   285  C  CZ2 . TRP A 1 34  ? -6.726  -12.810 5.138   1.00 10.33 ? 34   TRP A CZ2 1 
ATOM   286  C  CZ3 . TRP A 1 34  ? -4.372  -13.407 5.226   1.00 10.76 ? 34   TRP A CZ3 1 
ATOM   287  C  CH2 . TRP A 1 34  ? -5.723  -13.665 5.536   1.00 10.79 ? 34   TRP A CH2 1 
ATOM   288  N  N   . GLU A 1 35  ? -1.364  -7.149  3.068   1.00 7.01  ? 35   GLU A N   1 
ATOM   289  C  CA  . GLU A 1 35  ? 0.015   -6.757  2.773   1.00 7.11  ? 35   GLU A CA  1 
ATOM   290  C  C   . GLU A 1 35  ? 0.848   -6.509  4.025   1.00 7.28  ? 35   GLU A C   1 
ATOM   291  O  O   . GLU A 1 35  ? 1.980   -6.971  4.107   1.00 7.43  ? 35   GLU A O   1 
ATOM   292  C  CB  . GLU A 1 35  ? 0.068   -5.509  1.884   1.00 7.28  ? 35   GLU A CB  1 
ATOM   293  C  CG  . GLU A 1 35  ? -0.333  -5.733  0.427   1.00 7.50  ? 35   GLU A CG  1 
ATOM   294  C  CD  . GLU A 1 35  ? 0.682   -6.517  -0.399  1.00 10.23 ? 35   GLU A CD  1 
ATOM   295  O  OE1 . GLU A 1 35  ? 1.632   -7.107  0.152   1.00 10.49 ? 35   GLU A OE1 1 
ATOM   296  O  OE2 . GLU A 1 35  ? 0.493   -6.560  -1.625  1.00 12.83 ? 35   GLU A OE2 1 
ATOM   297  N  N   . SER A 1 36  ? 0.299   -5.763  4.982   1.00 7.40  ? 36   SER A N   1 
ATOM   298  C  CA  . SER A 1 36  ? 1.117   -5.168  6.040   1.00 7.52  ? 36   SER A CA  1 
ATOM   299  C  C   . SER A 1 36  ? 0.522   -5.247  7.439   1.00 8.24  ? 36   SER A C   1 
ATOM   300  O  O   . SER A 1 36  ? 1.124   -4.765  8.394   1.00 8.17  ? 36   SER A O   1 
ATOM   301  C  CB  . SER A 1 36  ? 1.309   -3.695  5.718   1.00 7.61  ? 36   SER A CB  1 
ATOM   302  O  OG  . SER A 1 36  ? 0.065   -3.019  5.851   1.00 7.74  ? 36   SER A OG  1 
ATOM   303  N  N   . SER A 1 37  ? -0.676  -5.815  7.558   1.00 7.65  ? 37   SER A N   1 
ATOM   304  C  CA  . SER A 1 37  ? -1.386  -5.804  8.841   1.00 8.93  ? 37   SER A CA  1 
ATOM   305  C  C   . SER A 1 37  ? -1.499  -4.375  9.393   1.00 8.86  ? 37   SER A C   1 
ATOM   306  O  O   . SER A 1 37  ? -1.432  -4.153  10.620  1.00 9.46  ? 37   SER A O   1 
ATOM   307  C  CB  . SER A 1 37  ? -0.713  -6.736  9.865   1.00 9.16  ? 37   SER A CB  1 
ATOM   308  O  OG  . SER A 1 37  ? -0.691  -8.074  9.407   1.00 12.37 ? 37   SER A OG  1 
ATOM   309  N  N   . TYR A 1 38  ? -1.684  -3.415  8.480   1.00 8.53  ? 38   TYR A N   1 
ATOM   310  C  CA  . TYR A 1 38  ? -1.922  -1.995  8.830   1.00 8.74  ? 38   TYR A CA  1 
ATOM   311  C  C   . TYR A 1 38  ? -0.730  -1.343  9.537   1.00 9.86  ? 38   TYR A C   1 
ATOM   312  O  O   . TYR A 1 38  ? -0.883  -0.348  10.235  1.00 10.18 ? 38   TYR A O   1 
ATOM   313  C  CB  . TYR A 1 38  ? -3.198  -1.832  9.681   1.00 9.33  ? 38   TYR A CB  1 
ATOM   314  C  CG  . TYR A 1 38  ? -4.483  -2.264  9.016   1.00 7.64  ? 38   TYR A CG  1 
ATOM   315  C  CD1 . TYR A 1 38  ? -4.606  -2.302  7.623   1.00 8.62  ? 38   TYR A CD1 1 
ATOM   316  C  CD2 . TYR A 1 38  ? -5.590  -2.606  9.785   1.00 7.23  ? 38   TYR A CD2 1 
ATOM   317  C  CE1 . TYR A 1 38  ? -5.789  -2.682  7.014   1.00 9.38  ? 38   TYR A CE1 1 
ATOM   318  C  CE2 . TYR A 1 38  ? -6.795  -2.990  9.177   1.00 7.98  ? 38   TYR A CE2 1 
ATOM   319  C  CZ  . TYR A 1 38  ? -6.881  -3.022  7.788   1.00 8.29  ? 38   TYR A CZ  1 
ATOM   320  O  OH  . TYR A 1 38  ? -8.057  -3.397  7.176   1.00 11.05 ? 38   TYR A OH  1 
ATOM   321  N  N   . ASN A 1 39  ? 0.457   -1.898  9.304   1.00 9.53  ? 39   ASN A N   1 
ATOM   322  C  CA  . ASN A 1 39  ? 1.695   -1.420  9.914   1.00 9.29  ? 39   ASN A CA  1 
ATOM   323  C  C   . ASN A 1 39  ? 2.503   -0.573  8.927   1.00 8.84  ? 39   ASN A C   1 
ATOM   324  O  O   . ASN A 1 39  ? 2.993   -1.102  7.934   1.00 8.19  ? 39   ASN A O   1 
ATOM   325  C  CB  . ASN A 1 39  ? 2.481   -2.651  10.381  1.00 9.28  ? 39   ASN A CB  1 
ATOM   326  C  CG  . ASN A 1 39  ? 3.851   -2.320  10.960  1.00 8.49  ? 39   ASN A CG  1 
ATOM   327  O  OD1 . ASN A 1 39  ? 4.142   -1.183  11.320  1.00 9.46  ? 39   ASN A OD1 1 
ATOM   328  N  ND2 . ASN A 1 39  ? 4.710   -3.335  11.006  1.00 9.76  ? 39   ASN A ND2 1 
ATOM   329  N  N   . THR A 1 40  ? 2.671   0.730   9.201   1.00 9.49  ? 40   THR A N   1 
ATOM   330  C  CA  . THR A 1 40  ? 3.401   1.587   8.258   1.00 10.80 ? 40   THR A CA  1 
ATOM   331  C  C   . THR A 1 40  ? 4.878   1.214   8.183   1.00 9.69  ? 40   THR A C   1 
ATOM   332  O  O   . THR A 1 40  ? 5.529   1.540   7.205   1.00 10.76 ? 40   THR A O   1 
ATOM   333  C  CB  . THR A 1 40  ? 3.299   3.111   8.541   1.00 11.76 ? 40   THR A CB  1 
ATOM   334  O  OG1 . THR A 1 40  ? 4.098   3.425   9.677   1.00 15.43 ? 40   THR A OG1 1 
ATOM   335  C  CG2 . THR A 1 40  ? 1.855   3.549   8.776   1.00 13.36 ? 40   THR A CG2 1 
ATOM   336  N  N   . LYS A 1 41  ? 5.387   0.505   9.191   1.00 8.31  ? 41   LYS A N   1 
ATOM   337  C  CA  . LYS A 1 41  ? 6.797   0.135   9.217   1.00 8.61  ? 41   LYS A CA  1 
ATOM   338  C  C   . LYS A 1 41  ? 7.010   -1.309  8.751   1.00 7.68  ? 41   LYS A C   1 
ATOM   339  O  O   . LYS A 1 41  ? 8.114   -1.847  8.891   1.00 9.42  ? 41   LYS A O   1 
ATOM   340  C  CB  . LYS A 1 41  ? 7.396   0.375   10.611  1.00 8.21  ? 41   LYS A CB  1 
ATOM   341  C  CG  . LYS A 1 41  ? 7.473   1.847   10.982  1.00 10.95 ? 41   LYS A CG  1 
ATOM   342  C  CD  . LYS A 1 41  ? 7.933   2.022   12.413  1.00 14.50 ? 41   LYS A CD  1 
ATOM   343  C  CE  . LYS A 1 41  ? 8.089   3.488   12.762  1.00 15.50 ? 41   LYS A CE  1 
ATOM   344  N  NZ  . LYS A 1 41  ? 8.349   3.653   14.218  1.00 16.19 ? 41   LYS A NZ  1 
ATOM   345  N  N   . ALA A 1 42  ? 5.980   -1.924  8.167   1.00 7.93  ? 42   ALA A N   1 
ATOM   346  C  CA  . ALA A 1 42  ? 6.134   -3.275  7.604   1.00 8.03  ? 42   ALA A CA  1 
ATOM   347  C  C   . ALA A 1 42  ? 7.225   -3.301  6.536   1.00 8.83  ? 42   ALA A C   1 
ATOM   348  O  O   . ALA A 1 42  ? 7.260   -2.437  5.660   1.00 8.08  ? 42   ALA A O   1 
ATOM   349  C  CB  . ALA A 1 42  ? 4.825   -3.784  7.012   1.00 7.96  ? 42   ALA A CB  1 
ATOM   350  N  N   . THR A 1 43  ? 8.110   -4.294  6.615   1.00 9.75  ? 43   THR A N   1 
ATOM   351  C  CA  . THR A 1 43  ? 9.065   -4.536  5.542   1.00 11.25 ? 43   THR A CA  1 
ATOM   352  C  C   . THR A 1 43  ? 9.162   -6.023  5.281   1.00 11.47 ? 43   THR A C   1 
ATOM   353  O  O   . THR A 1 43  ? 9.049   -6.843  6.199   1.00 11.78 ? 43   THR A O   1 
ATOM   354  C  CB  . THR A 1 43  ? 10.495  -4.019  5.840   1.00 11.98 ? 43   THR A CB  1 
ATOM   355  O  OG1 . THR A 1 43  ? 11.045  -4.732  6.952   1.00 14.48 ? 43   THR A OG1 1 
ATOM   356  C  CG2 . THR A 1 43  ? 10.512  -2.530  6.123   1.00 13.65 ? 43   THR A CG2 1 
ATOM   357  N  N   . ASN A 1 44  ? 9.361   -6.373  4.022   1.00 10.85 ? 44   ASN A N   1 
ATOM   358  C  CA  A ASN A 1 44  ? 9.614   -7.757  3.670   1.00 11.30 ? 44   ASN A CA  1 
ATOM   359  C  CA  B ASN A 1 44  ? 9.529   -7.777  3.627   0.00 10.79 ? 44   ASN A CA  1 
ATOM   360  C  C   . ASN A 1 44  ? 10.610  -7.843  2.539   1.00 10.74 ? 44   ASN A C   1 
ATOM   361  O  O   . ASN A 1 44  ? 10.475  -7.184  1.506   1.00 9.75  ? 44   ASN A O   1 
ATOM   362  C  CB  A ASN A 1 44  ? 8.313   -8.456  3.310   1.00 11.51 ? 44   ASN A CB  1 
ATOM   363  C  CB  B ASN A 1 44  ? 8.170   -8.300  3.142   0.00 11.08 ? 44   ASN A CB  1 
ATOM   364  C  CG  A ASN A 1 44  ? 7.442   -8.705  4.525   1.00 15.33 ? 44   ASN A CG  1 
ATOM   365  C  CG  B ASN A 1 44  ? 8.161   -9.793  2.832   0.00 12.46 ? 44   ASN A CG  1 
ATOM   366  O  OD1 A ASN A 1 44  ? 7.645   -9.672  5.268   1.00 19.15 ? 44   ASN A OD1 1 
ATOM   367  O  OD1 B ASN A 1 44  ? 9.032   -10.548 3.267   0.00 14.53 ? 44   ASN A OD1 1 
ATOM   368  N  ND2 A ASN A 1 44  ? 6.474   -7.820  4.748   1.00 16.25 ? 44   ASN A ND2 1 
ATOM   369  N  ND2 B ASN A 1 44  ? 7.150   -10.226 2.080   0.00 13.68 ? 44   ASN A ND2 1 
ATOM   370  N  N   . TYR A 1 45  ? 11.601  -8.697  2.739   1.00 9.94  ? 45   TYR A N   1 
ATOM   371  C  CA  . TYR A 1 45  ? 12.616  -8.933  1.724   1.00 9.80  ? 45   TYR A CA  1 
ATOM   372  C  C   . TYR A 1 45  ? 12.081  -9.859  0.632   1.00 9.58  ? 45   TYR A C   1 
ATOM   373  O  O   . TYR A 1 45  ? 11.461  -10.883 0.916   1.00 9.83  ? 45   TYR A O   1 
ATOM   374  C  CB  . TYR A 1 45  ? 13.869  -9.521  2.382   1.00 10.38 ? 45   TYR A CB  1 
ATOM   375  C  CG  . TYR A 1 45  ? 15.008  -9.772  1.425   1.00 10.58 ? 45   TYR A CG  1 
ATOM   376  C  CD1 . TYR A 1 45  ? 15.470  -11.061 1.207   1.00 11.03 ? 45   TYR A CD1 1 
ATOM   377  C  CD2 . TYR A 1 45  ? 15.619  -8.719  0.755   1.00 11.69 ? 45   TYR A CD2 1 
ATOM   378  C  CE1 . TYR A 1 45  ? 16.517  -11.295 0.331   1.00 10.08 ? 45   TYR A CE1 1 
ATOM   379  C  CE2 . TYR A 1 45  ? 16.667  -8.940  -0.122  1.00 11.55 ? 45   TYR A CE2 1 
ATOM   380  C  CZ  . TYR A 1 45  ? 17.105  -10.230 -0.325  1.00 11.32 ? 45   TYR A CZ  1 
ATOM   381  O  OH  . TYR A 1 45  ? 18.146  -10.466 -1.197  1.00 12.63 ? 45   TYR A OH  1 
ATOM   382  N  N   . ASN A 1 46  ? 12.332  -9.485  -0.624  1.00 8.53  ? 46   ASN A N   1 
ATOM   383  C  CA  . ASN A 1 46  ? 11.958  -10.274 -1.786  1.00 8.84  ? 46   ASN A CA  1 
ATOM   384  C  C   . ASN A 1 46  ? 13.247  -10.786 -2.406  1.00 8.78  ? 46   ASN A C   1 
ATOM   385  O  O   . ASN A 1 46  ? 13.932  -10.048 -3.118  1.00 8.36  ? 46   ASN A O   1 
ATOM   386  C  CB  . ASN A 1 46  ? 11.209  -9.397  -2.808  1.00 8.97  ? 46   ASN A CB  1 
ATOM   387  C  CG  . ASN A 1 46  ? 10.764  -10.161 -4.066  1.00 8.62  ? 46   ASN A CG  1 
ATOM   388  O  OD1 . ASN A 1 46  ? 11.161  -11.315 -4.333  1.00 12.44 ? 46   ASN A OD1 1 
ATOM   389  N  ND2 . ASN A 1 46  ? 9.945   -9.495  -4.872  1.00 12.32 ? 46   ASN A ND2 1 
ATOM   390  N  N   . PRO A 1 47  ? 13.604  -12.048 -2.133  1.00 8.80  ? 47   PRO A N   1 
ATOM   391  C  CA  . PRO A 1 47  ? 14.847  -12.559 -2.676  1.00 9.35  ? 47   PRO A CA  1 
ATOM   392  C  C   . PRO A 1 47  ? 14.820  -12.723 -4.197  1.00 9.61  ? 47   PRO A C   1 
ATOM   393  O  O   . PRO A 1 47  ? 15.879  -12.799 -4.811  1.00 10.91 ? 47   PRO A O   1 
ATOM   394  C  CB  . PRO A 1 47  ? 15.001  -13.917 -1.985  1.00 9.37  ? 47   PRO A CB  1 
ATOM   395  C  CG  . PRO A 1 47  ? 13.608  -14.327 -1.676  1.00 8.66  ? 47   PRO A CG  1 
ATOM   396  C  CD  . PRO A 1 47  ? 12.910  -13.050 -1.297  1.00 8.62  ? 47   PRO A CD  1 
ATOM   397  N  N   . SER A 1 48  ? 13.633  -12.772 -4.800  1.00 10.54 ? 48   SER A N   1 
ATOM   398  C  CA  . SER A 1 48  ? 13.568  -12.972 -6.264  1.00 11.57 ? 48   SER A CA  1 
ATOM   399  C  C   . SER A 1 48  ? 14.228  -11.830 -7.027  1.00 11.41 ? 48   SER A C   1 
ATOM   400  O  O   . SER A 1 48  ? 14.869  -12.045 -8.068  1.00 12.53 ? 48   SER A O   1 
ATOM   401  C  CB  . SER A 1 48  ? 12.135  -13.216 -6.758  1.00 11.97 ? 48   SER A CB  1 
ATOM   402  O  OG  . SER A 1 48  ? 11.331  -12.060 -6.647  1.00 15.35 ? 48   SER A OG  1 
ATOM   403  N  N   . SER A 1 49  ? 14.103  -10.621 -6.480  1.00 10.30 ? 49   SER A N   1 
ATOM   404  C  CA  . SER A 1 49  ? 14.700  -9.437  -7.088  1.00 9.86  ? 49   SER A CA  1 
ATOM   405  C  C   . SER A 1 49  ? 15.668  -8.702  -6.141  1.00 9.14  ? 49   SER A C   1 
ATOM   406  O  O   . SER A 1 49  ? 16.073  -7.564  -6.415  1.00 8.89  ? 49   SER A O   1 
ATOM   407  C  CB  . SER A 1 49  ? 13.591  -8.533  -7.643  1.00 10.58 ? 49   SER A CB  1 
ATOM   408  O  OG  . SER A 1 49  ? 12.717  -8.099  -6.593  1.00 9.04  ? 49   SER A OG  1 
ATOM   409  N  N   . GLU A 1 50  ? 16.043  -9.353  -5.035  1.00 8.33  ? 50   GLU A N   1 
ATOM   410  C  CA  . GLU A 1 50  ? 16.941  -8.775  -4.034  1.00 8.20  ? 50   GLU A CA  1 
ATOM   411  C  C   . GLU A 1 50  ? 16.505  -7.357  -3.660  1.00 7.16  ? 50   GLU A C   1 
ATOM   412  O  O   . GLU A 1 50  ? 17.300  -6.412  -3.642  1.00 7.52  ? 50   GLU A O   1 
ATOM   413  C  CB  . GLU A 1 50  ? 18.389  -8.805  -4.516  1.00 9.35  ? 50   GLU A CB  1 
ATOM   414  C  CG  . GLU A 1 50  ? 19.017  -10.188 -4.492  1.00 13.96 ? 50   GLU A CG  1 
ATOM   415  C  CD  . GLU A 1 50  ? 20.495  -10.110 -4.797  1.00 18.44 ? 50   GLU A CD  1 
ATOM   416  O  OE1 . GLU A 1 50  ? 21.293  -10.053 -3.842  1.00 21.13 ? 50   GLU A OE1 1 
ATOM   417  O  OE2 . GLU A 1 50  ? 20.850  -10.045 -5.990  1.00 22.41 ? 50   GLU A OE2 1 
ATOM   418  N  N   . SER A 1 51  ? 15.222  -7.260  -3.342  1.00 6.49  ? 51   SER A N   1 
ATOM   419  C  CA  . SER A 1 51  ? 14.553  -5.998  -3.110  1.00 6.32  ? 51   SER A CA  1 
ATOM   420  C  C   . SER A 1 51  ? 13.750  -6.105  -1.818  1.00 6.23  ? 51   SER A C   1 
ATOM   421  O  O   . SER A 1 51  ? 13.683  -7.171  -1.214  1.00 6.49  ? 51   SER A O   1 
ATOM   422  C  CB  . SER A 1 51  ? 13.620  -5.691  -4.282  1.00 7.02  ? 51   SER A CB  1 
ATOM   423  O  OG  . SER A 1 51  ? 12.640  -6.700  -4.431  1.00 6.50  ? 51   SER A OG  1 
ATOM   424  N  N   . THR A 1 52  ? 13.142  -4.996  -1.416  1.00 5.75  ? 52   THR A N   1 
ATOM   425  C  CA  . THR A 1 52  ? 12.324  -4.950  -0.213  1.00 6.14  ? 52   THR A CA  1 
ATOM   426  C  C   . THR A 1 52  ? 10.986  -4.275  -0.521  1.00 6.30  ? 52   THR A C   1 
ATOM   427  O  O   . THR A 1 52  ? 10.923  -3.334  -1.318  1.00 5.86  ? 52   THR A O   1 
ATOM   428  C  CB  . THR A 1 52  ? 13.061  -4.220  0.919   1.00 6.92  ? 52   THR A CB  1 
ATOM   429  O  OG1 . THR A 1 52  ? 14.306  -4.888  1.170   1.00 7.95  ? 52   THR A OG1 1 
ATOM   430  C  CG2 . THR A 1 52  ? 12.240  -4.181  2.217   1.00 6.97  ? 52   THR A CG2 1 
ATOM   431  N  N   . ASP A 1 53  ? 9.929   -4.792  0.102   1.00 6.18  ? 53   ASP A N   1 
ATOM   432  C  CA  . ASP A 1 53  ? 8.602   -4.192  0.073   1.00 6.40  ? 53   ASP A CA  1 
ATOM   433  C  C   . ASP A 1 53  ? 8.447   -3.362  1.335   1.00 6.79  ? 53   ASP A C   1 
ATOM   434  O  O   . ASP A 1 53  ? 8.718   -3.853  2.430   1.00 7.00  ? 53   ASP A O   1 
ATOM   435  C  CB  . ASP A 1 53  ? 7.526   -5.283  0.077   1.00 7.15  ? 53   ASP A CB  1 
ATOM   436  C  CG  . ASP A 1 53  ? 7.549   -6.156  -1.171  1.00 9.13  ? 53   ASP A CG  1 
ATOM   437  O  OD1 . ASP A 1 53  ? 7.072   -7.314  -1.092  1.00 12.26 ? 53   ASP A OD1 1 
ATOM   438  O  OD2 . ASP A 1 53  ? 8.019   -5.707  -2.237  1.00 10.59 ? 53   ASP A OD2 1 
ATOM   439  N  N   . TYR A 1 54  ? 7.967   -2.127  1.183   1.00 6.06  ? 54   TYR A N   1 
ATOM   440  C  CA  . TYR A 1 54  ? 7.924   -1.157  2.273   1.00 5.65  ? 54   TYR A CA  1 
ATOM   441  C  C   . TYR A 1 54  ? 6.521   -0.636  2.597   1.00 5.98  ? 54   TYR A C   1 
ATOM   442  O  O   . TYR A 1 54  ? 5.757   -0.255  1.695   1.00 6.00  ? 54   TYR A O   1 
ATOM   443  C  CB  . TYR A 1 54  ? 8.782   0.061   1.930   1.00 5.46  ? 54   TYR A CB  1 
ATOM   444  C  CG  . TYR A 1 54  ? 10.259  -0.198  1.878   1.00 5.57  ? 54   TYR A CG  1 
ATOM   445  C  CD1 . TYR A 1 54  ? 11.035  -0.059  3.030   1.00 4.84  ? 54   TYR A CD1 1 
ATOM   446  C  CD2 . TYR A 1 54  ? 10.882  -0.591  0.690   1.00 6.64  ? 54   TYR A CD2 1 
ATOM   447  C  CE1 . TYR A 1 54  ? 12.396  -0.288  3.006   1.00 5.73  ? 54   TYR A CE1 1 
ATOM   448  C  CE2 . TYR A 1 54  ? 12.261  -0.822  0.656   1.00 6.14  ? 54   TYR A CE2 1 
ATOM   449  C  CZ  . TYR A 1 54  ? 13.006  -0.653  1.807   1.00 5.92  ? 54   TYR A CZ  1 
ATOM   450  O  OH  . TYR A 1 54  ? 14.360  -0.868  1.802   1.00 7.44  ? 54   TYR A OH  1 
ATOM   451  N  N   . GLY A 1 55  ? 6.218   -0.591  3.893   1.00 6.00  ? 55   GLY A N   1 
ATOM   452  C  CA  . GLY A 1 55  ? 5.071   0.167   4.400   1.00 6.06  ? 55   GLY A CA  1 
ATOM   453  C  C   . GLY A 1 55  ? 3.732   -0.507  4.212   1.00 6.53  ? 55   GLY A C   1 
ATOM   454  O  O   . GLY A 1 55  ? 3.653   -1.692  3.870   1.00 6.17  ? 55   GLY A O   1 
ATOM   455  N  N   . ILE A 1 56  ? 2.668   0.262   4.429   1.00 6.94  ? 56   ILE A N   1 
ATOM   456  C  CA  A ILE A 1 56  ? 1.322   -0.285  4.469   0.50 7.41  ? 56   ILE A CA  1 
ATOM   457  C  CA  B ILE A 1 56  ? 1.311   -0.316  4.447   0.50 7.32  ? 56   ILE A CA  1 
ATOM   458  C  C   . ILE A 1 56  ? 0.857   -0.905  3.127   1.00 7.26  ? 56   ILE A C   1 
ATOM   459  O  O   . ILE A 1 56  ? 0.030   -1.832  3.109   1.00 7.60  ? 56   ILE A O   1 
ATOM   460  C  CB  A ILE A 1 56  ? 0.354   0.782   5.074   0.50 8.16  ? 56   ILE A CB  1 
ATOM   461  C  CB  B ILE A 1 56  ? 0.195   0.635   4.978   0.50 7.96  ? 56   ILE A CB  1 
ATOM   462  C  CG1 A ILE A 1 56  ? -0.938  0.156   5.607   0.50 8.38  ? 56   ILE A CG1 1 
ATOM   463  C  CG1 B ILE A 1 56  ? -0.062  1.814   4.032   0.50 7.67  ? 56   ILE A CG1 1 
ATOM   464  C  CG2 A ILE A 1 56  ? 0.196   1.999   4.148   0.50 7.51  ? 56   ILE A CG2 1 
ATOM   465  C  CG2 B ILE A 1 56  ? 0.509   1.102   6.364   0.50 7.63  ? 56   ILE A CG2 1 
ATOM   466  C  CD1 A ILE A 1 56  ? -1.661  1.061   6.581   0.50 9.90  ? 56   ILE A CD1 1 
ATOM   467  C  CD1 B ILE A 1 56  ? -1.387  2.538   4.311   0.50 8.09  ? 56   ILE A CD1 1 
ATOM   468  N  N   . PHE A 1 57  ? 1.416   -0.398  2.021   1.00 6.92  ? 57   PHE A N   1 
ATOM   469  C  CA  . PHE A 1 57  ? 1.093   -0.888  0.682   1.00 6.60  ? 57   PHE A CA  1 
ATOM   470  C  C   . PHE A 1 57  ? 2.142   -1.885  0.176   1.00 6.92  ? 57   PHE A C   1 
ATOM   471  O  O   . PHE A 1 57  ? 2.017   -2.423  -0.930  1.00 7.16  ? 57   PHE A O   1 
ATOM   472  C  CB  . PHE A 1 57  ? 0.975   0.270   -0.316  1.00 6.70  ? 57   PHE A CB  1 
ATOM   473  C  CG  . PHE A 1 57  ? -0.194  1.177   -0.055  1.00 6.44  ? 57   PHE A CG  1 
ATOM   474  C  CD1 . PHE A 1 57  ? -0.009  2.419   0.544   1.00 8.47  ? 57   PHE A CD1 1 
ATOM   475  C  CD2 . PHE A 1 57  ? -1.477  0.786   -0.397  1.00 6.68  ? 57   PHE A CD2 1 
ATOM   476  C  CE1 . PHE A 1 57  ? -1.097  3.275   0.801   1.00 7.40  ? 57   PHE A CE1 1 
ATOM   477  C  CE2 . PHE A 1 57  ? -2.575  1.628   -0.145  1.00 5.99  ? 57   PHE A CE2 1 
ATOM   478  C  CZ  . PHE A 1 57  ? -2.386  2.876   0.450   1.00 6.51  ? 57   PHE A CZ  1 
ATOM   479  N  N   . GLN A 1 58  ? 3.174   -2.117  0.995   1.00 6.63  ? 58   GLN A N   1 
ATOM   480  C  CA  . GLN A 1 58  ? 4.257   -3.042  0.616   1.00 6.99  ? 58   GLN A CA  1 
ATOM   481  C  C   . GLN A 1 58  ? 4.795   -2.750  -0.786  1.00 7.02  ? 58   GLN A C   1 
ATOM   482  O  O   . GLN A 1 58  ? 4.813   -3.604  -1.680  1.00 7.40  ? 58   GLN A O   1 
ATOM   483  C  CB  . GLN A 1 58  ? 3.809   -4.507  0.774   1.00 7.26  ? 58   GLN A CB  1 
ATOM   484  C  CG  . GLN A 1 58  ? 3.729   -4.933  2.239   1.00 6.94  ? 58   GLN A CG  1 
ATOM   485  C  CD  . GLN A 1 58  ? 5.097   -4.995  2.900   1.00 6.70  ? 58   GLN A CD  1 
ATOM   486  O  OE1 . GLN A 1 58  ? 5.773   -6.011  2.824   1.00 8.31  ? 58   GLN A OE1 1 
ATOM   487  N  NE2 . GLN A 1 58  ? 5.504   -3.910  3.560   1.00 5.87  ? 58   GLN A NE2 1 
ATOM   488  N  N   . ILE A 1 59  ? 5.207   -1.506  -0.959  1.00 6.19  ? 59   ILE A N   1 
ATOM   489  C  CA  . ILE A 1 59  ? 5.700   -1.008  -2.243  1.00 6.23  ? 59   ILE A CA  1 
ATOM   490  C  C   . ILE A 1 59  ? 7.154   -1.442  -2.449  1.00 6.11  ? 59   ILE A C   1 
ATOM   491  O  O   . ILE A 1 59  ? 7.997   -1.278  -1.558  1.00 5.39  ? 59   ILE A O   1 
ATOM   492  C  CB  . ILE A 1 59  ? 5.514   0.515   -2.282  1.00 6.17  ? 59   ILE A CB  1 
ATOM   493  C  CG1 . ILE A 1 59  ? 4.013   0.827   -2.374  1.00 6.69  ? 59   ILE A CG1 1 
ATOM   494  C  CG2 . ILE A 1 59  ? 6.341   1.156   -3.427  1.00 5.10  ? 59   ILE A CG2 1 
ATOM   495  C  CD1 . ILE A 1 59  ? 3.636   2.284   -2.128  1.00 7.86  ? 59   ILE A CD1 1 
ATOM   496  N  N   . ASN A 1 60  ? 7.441   -1.981  -3.634  1.00 6.01  ? 60   ASN A N   1 
ATOM   497  C  CA  . ASN A 1 60  ? 8.724   -2.632  -3.882  1.00 6.22  ? 60   ASN A CA  1 
ATOM   498  C  C   . ASN A 1 60  ? 9.827   -1.708  -4.383  1.00 6.22  ? 60   ASN A C   1 
ATOM   499  O  O   . ASN A 1 60  ? 9.616   -0.871  -5.281  1.00 6.06  ? 60   ASN A O   1 
ATOM   500  C  CB  . ASN A 1 60  ? 8.533   -3.793  -4.862  1.00 5.72  ? 60   ASN A CB  1 
ATOM   501  C  CG  . ASN A 1 60  ? 9.799   -4.594  -5.072  1.00 7.22  ? 60   ASN A CG  1 
ATOM   502  O  OD1 . ASN A 1 60  ? 10.489  -4.400  -6.067  1.00 7.59  ? 60   ASN A OD1 1 
ATOM   503  N  ND2 . ASN A 1 60  ? 10.121  -5.482  -4.127  1.00 7.68  ? 60   ASN A ND2 1 
ATOM   504  N  N   . SER A 1 61  ? 11.024  -1.918  -3.846  1.00 6.04  ? 61   SER A N   1 
ATOM   505  C  CA  . SER A 1 61  ? 12.178  -1.095  -4.162  1.00 6.22  ? 61   SER A CA  1 
ATOM   506  C  C   . SER A 1 61  ? 12.799  -1.314  -5.542  1.00 6.42  ? 61   SER A C   1 
ATOM   507  O  O   . SER A 1 61  ? 13.598  -0.476  -5.981  1.00 6.60  ? 61   SER A O   1 
ATOM   508  C  CB  . SER A 1 61  ? 13.247  -1.247  -3.077  1.00 6.21  ? 61   SER A CB  1 
ATOM   509  O  OG  . SER A 1 61  ? 13.713  -2.571  -3.057  1.00 6.41  ? 61   SER A OG  1 
ATOM   510  N  N   . LYS A 1 62  ? 12.483  -2.407  -6.232  1.00 6.34  ? 62   LYS A N   1 
ATOM   511  C  CA  . LYS A 1 62  ? 13.044  -2.550  -7.585  1.00 6.51  ? 62   LYS A CA  1 
ATOM   512  C  C   . LYS A 1 62  ? 12.468  -1.491  -8.517  1.00 6.58  ? 62   LYS A C   1 
ATOM   513  O  O   . LYS A 1 62  ? 13.148  -1.041  -9.455  1.00 6.63  ? 62   LYS A O   1 
ATOM   514  C  CB  . LYS A 1 62  ? 12.862  -3.957  -8.195  1.00 7.30  ? 62   LYS A CB  1 
ATOM   515  C  CG  . LYS A 1 62  ? 13.555  -4.078  -9.563  1.00 9.27  ? 62   LYS A CG  1 
ATOM   516  C  CD  . LYS A 1 62  ? 13.415  -5.444  -10.232 1.00 10.62 ? 62   LYS A CD  1 
ATOM   517  C  CE  . LYS A 1 62  ? 14.102  -5.408  -11.613 1.00 12.38 ? 62   LYS A CE  1 
ATOM   518  N  NZ  . LYS A 1 62  ? 14.348  -6.720  -12.289 1.00 15.73 ? 62   LYS A NZ  1 
ATOM   519  N  N   . TRP A 1 63  ? 11.227  -1.085  -8.242  1.00 6.37  ? 63   TRP A N   1 
ATOM   520  C  CA  . TRP A 1 63  ? 10.480  -0.290  -9.212  1.00 6.70  ? 63   TRP A CA  1 
ATOM   521  C  C   . TRP A 1 63  ? 10.065  1.082   -8.755  1.00 6.56  ? 63   TRP A C   1 
ATOM   522  O  O   . TRP A 1 63  ? 9.983   1.994   -9.579  1.00 5.94  ? 63   TRP A O   1 
ATOM   523  C  CB  . TRP A 1 63  ? 9.210   -1.037  -9.623  1.00 8.35  ? 63   TRP A CB  1 
ATOM   524  C  CG  . TRP A 1 63  ? 9.499   -2.368  -10.190 1.00 9.29  ? 63   TRP A CG  1 
ATOM   525  C  CD1 . TRP A 1 63  ? 9.384   -3.577  -9.558  1.00 11.30 ? 63   TRP A CD1 1 
ATOM   526  C  CD2 . TRP A 1 63  ? 9.978   -2.638  -11.502 1.00 10.57 ? 63   TRP A CD2 1 
ATOM   527  N  NE1 . TRP A 1 63  ? 9.763   -4.589  -10.408 1.00 12.17 ? 63   TRP A NE1 1 
ATOM   528  C  CE2 . TRP A 1 63  ? 10.123  -4.041  -11.613 1.00 11.17 ? 63   TRP A CE2 1 
ATOM   529  C  CE3 . TRP A 1 63  ? 10.278  -1.830  -12.611 1.00 11.71 ? 63   TRP A CE3 1 
ATOM   530  C  CZ2 . TRP A 1 63  ? 10.581  -4.654  -12.784 1.00 12.29 ? 63   TRP A CZ2 1 
ATOM   531  C  CZ3 . TRP A 1 63  ? 10.723  -2.444  -13.780 1.00 12.03 ? 63   TRP A CZ3 1 
ATOM   532  C  CH2 . TRP A 1 63  ? 10.878  -3.840  -13.849 1.00 11.74 ? 63   TRP A CH2 1 
ATOM   533  N  N   . TRP A 1 64  ? 9.768   1.232   -7.465  1.00 5.63  ? 64   TRP A N   1 
ATOM   534  C  CA  . TRP A 1 64  ? 8.918   2.355   -7.046  1.00 6.12  ? 64   TRP A CA  1 
ATOM   535  C  C   . TRP A 1 64  ? 9.521   3.360   -6.083  1.00 6.14  ? 64   TRP A C   1 
ATOM   536  O  O   . TRP A 1 64  ? 9.013   4.466   -5.946  1.00 5.98  ? 64   TRP A O   1 
ATOM   537  C  CB  . TRP A 1 64  ? 7.600   1.837   -6.445  1.00 6.71  ? 64   TRP A CB  1 
ATOM   538  C  CG  . TRP A 1 64  ? 6.880   0.875   -7.335  1.00 7.34  ? 64   TRP A CG  1 
ATOM   539  C  CD1 . TRP A 1 64  ? 6.734   -0.472  -7.136  1.00 8.66  ? 64   TRP A CD1 1 
ATOM   540  C  CD2 . TRP A 1 64  ? 6.242   1.169   -8.586  1.00 8.29  ? 64   TRP A CD2 1 
ATOM   541  N  NE1 . TRP A 1 64  ? 6.024   -1.031  -8.179  1.00 8.83  ? 64   TRP A NE1 1 
ATOM   542  C  CE2 . TRP A 1 64  ? 5.720   -0.048  -9.086  1.00 8.76  ? 64   TRP A CE2 1 
ATOM   543  C  CE3 . TRP A 1 64  ? 6.061   2.344   -9.335  1.00 10.52 ? 64   TRP A CE3 1 
ATOM   544  C  CZ2 . TRP A 1 64  ? 5.026   -0.125  -10.306 1.00 8.98  ? 64   TRP A CZ2 1 
ATOM   545  C  CZ3 . TRP A 1 64  ? 5.346   2.265   -10.542 1.00 10.30 ? 64   TRP A CZ3 1 
ATOM   546  C  CH2 . TRP A 1 64  ? 4.848   1.040   -11.009 1.00 9.77  ? 64   TRP A CH2 1 
ATOM   547  N  N   . CYS A 1 65  ? 10.578  2.972   -5.381  1.00 5.79  ? 65   CYS A N   1 
ATOM   548  C  CA  . CYS A 1 65  ? 11.204  3.890   -4.437  1.00 6.26  ? 65   CYS A CA  1 
ATOM   549  C  C   . CYS A 1 65  ? 12.683  3.603   -4.384  1.00 6.18  ? 65   CYS A C   1 
ATOM   550  O  O   . CYS A 1 65  ? 13.108  2.513   -4.783  1.00 6.38  ? 65   CYS A O   1 
ATOM   551  C  CB  . CYS A 1 65  ? 10.555  3.771   -3.041  1.00 6.37  ? 65   CYS A CB  1 
ATOM   552  S  SG  . CYS A 1 65  ? 10.665  2.122   -2.284  1.00 6.35  ? 65   CYS A SG  1 
ATOM   553  N  N   A ASN A 1 66  ? 13.470  4.568   -3.915  0.50 6.18  ? 66   ASN A N   1 
ATOM   554  N  N   B ASN A 1 66  ? 13.479  4.569   -3.928  0.50 6.58  ? 66   ASN A N   1 
ATOM   555  C  CA  A ASN A 1 66  ? 14.908  4.345   -3.806  0.50 6.31  ? 66   ASN A CA  1 
ATOM   556  C  CA  B ASN A 1 66  ? 14.924  4.340   -3.828  0.50 7.04  ? 66   ASN A CA  1 
ATOM   557  C  C   A ASN A 1 66  ? 15.342  3.937   -2.411  0.50 6.43  ? 66   ASN A C   1 
ATOM   558  C  C   B ASN A 1 66  ? 15.349  3.938   -2.423  0.50 6.87  ? 66   ASN A C   1 
ATOM   559  O  O   A ASN A 1 66  ? 15.008  4.609   -1.434  0.50 6.14  ? 66   ASN A O   1 
ATOM   560  O  O   B ASN A 1 66  ? 14.997  4.605   -1.448  0.50 6.54  ? 66   ASN A O   1 
ATOM   561  C  CB  A ASN A 1 66  ? 15.709  5.554   -4.259  0.50 6.66  ? 66   ASN A CB  1 
ATOM   562  C  CB  B ASN A 1 66  ? 15.731  5.536   -4.335  0.50 7.88  ? 66   ASN A CB  1 
ATOM   563  C  CG  A ASN A 1 66  ? 17.196  5.283   -4.258  0.50 6.37  ? 66   ASN A CG  1 
ATOM   564  C  CG  B ASN A 1 66  ? 15.710  6.702   -3.380  0.50 9.21  ? 66   ASN A CG  1 
ATOM   565  O  OD1 A ASN A 1 66  ? 17.661  4.257   -4.757  0.50 6.20  ? 66   ASN A OD1 1 
ATOM   566  O  OD1 B ASN A 1 66  ? 14.913  7.627   -3.531  0.50 12.46 ? 66   ASN A OD1 1 
ATOM   567  N  ND2 A ASN A 1 66  ? 17.952  6.200   -3.675  0.50 7.32  ? 66   ASN A ND2 1 
ATOM   568  N  ND2 B ASN A 1 66  ? 16.592  6.669   -2.379  0.50 11.45 ? 66   ASN A ND2 1 
ATOM   569  N  N   . ASP A 1 67  ? 16.099  2.841   -2.335  1.00 6.87  ? 67   ASP A N   1 
ATOM   570  C  CA  . ASP A 1 67  ? 16.722  2.435   -1.071  1.00 6.55  ? 67   ASP A CA  1 
ATOM   571  C  C   . ASP A 1 67  ? 18.225  2.185   -1.215  1.00 6.89  ? 67   ASP A C   1 
ATOM   572  O  O   . ASP A 1 67  ? 18.875  1.757   -0.257  1.00 6.87  ? 67   ASP A O   1 
ATOM   573  C  CB  . ASP A 1 67  ? 16.008  1.256   -0.368  1.00 6.64  ? 67   ASP A CB  1 
ATOM   574  C  CG  . ASP A 1 67  ? 16.126  -0.070  -1.108  1.00 6.58  ? 67   ASP A CG  1 
ATOM   575  O  OD1 . ASP A 1 67  ? 16.734  -0.126  -2.194  1.00 6.48  ? 67   ASP A OD1 1 
ATOM   576  O  OD2 . ASP A 1 67  ? 15.617  -1.079  -0.573  1.00 7.00  ? 67   ASP A OD2 1 
ATOM   577  N  N   . GLY A 1 68  ? 18.764  2.426   -2.413  1.00 7.40  ? 68   GLY A N   1 
ATOM   578  C  CA  . GLY A 1 68  ? 20.213  2.332   -2.636  1.00 8.12  ? 68   GLY A CA  1 
ATOM   579  C  C   . GLY A 1 68  ? 20.753  0.921   -2.790  1.00 8.33  ? 68   GLY A C   1 
ATOM   580  O  O   . GLY A 1 68  ? 21.599  0.662   -3.653  1.00 9.29  ? 68   GLY A O   1 
ATOM   581  N  N   . LYS A 1 69  ? 20.293  0.014   -1.934  1.00 8.15  ? 69   LYS A N   1 
ATOM   582  C  CA  . LYS A 1 69  ? 20.865  -1.334  -1.876  1.00 8.51  ? 69   LYS A CA  1 
ATOM   583  C  C   . LYS A 1 69  ? 20.289  -2.302  -2.903  1.00 8.71  ? 69   LYS A C   1 
ATOM   584  O  O   . LYS A 1 69  ? 20.843  -3.380  -3.117  1.00 10.57 ? 69   LYS A O   1 
ATOM   585  C  CB  . LYS A 1 69  ? 20.710  -1.924  -0.474  1.00 8.58  ? 69   LYS A CB  1 
ATOM   586  C  CG  . LYS A 1 69  ? 19.268  -2.103  -0.046  1.00 9.50  ? 69   LYS A CG  1 
ATOM   587  C  CD  . LYS A 1 69  ? 19.202  -2.743  1.339   1.00 10.67 ? 69   LYS A CD  1 
ATOM   588  C  CE  . LYS A 1 69  ? 17.791  -2.671  1.917   1.00 13.51 ? 69   LYS A CE  1 
ATOM   589  N  NZ  . LYS A 1 69  ? 17.782  -3.140  3.334   1.00 17.45 ? 69   LYS A NZ  1 
ATOM   590  N  N   . THR A 1 70  ? 19.184  -1.936  -3.544  1.00 8.04  ? 70   THR A N   1 
ATOM   591  C  CA  . THR A 1 70  ? 18.538  -2.853  -4.483  1.00 7.36  ? 70   THR A CA  1 
ATOM   592  C  C   . THR A 1 70  ? 19.233  -2.816  -5.842  1.00 7.73  ? 70   THR A C   1 
ATOM   593  O  O   . THR A 1 70  ? 19.343  -1.755  -6.433  1.00 7.89  ? 70   THR A O   1 
ATOM   594  C  CB  . THR A 1 70  ? 17.046  -2.525  -4.649  1.00 6.75  ? 70   THR A CB  1 
ATOM   595  O  OG1 . THR A 1 70  ? 16.402  -2.524  -3.362  1.00 5.67  ? 70   THR A OG1 1 
ATOM   596  C  CG2 . THR A 1 70  ? 16.382  -3.549  -5.567  1.00 5.78  ? 70   THR A CG2 1 
ATOM   597  N  N   . PRO A 1 71  ? 19.712  -3.974  -6.335  1.00 7.79  ? 71   PRO A N   1 
ATOM   598  C  CA  . PRO A 1 71  ? 20.374  -3.957  -7.649  1.00 8.48  ? 71   PRO A CA  1 
ATOM   599  C  C   . PRO A 1 71  ? 19.363  -3.752  -8.787  1.00 8.83  ? 71   PRO A C   1 
ATOM   600  O  O   . PRO A 1 71  ? 18.191  -4.075  -8.632  1.00 9.43  ? 71   PRO A O   1 
ATOM   601  C  CB  . PRO A 1 71  ? 21.034  -5.344  -7.733  1.00 8.58  ? 71   PRO A CB  1 
ATOM   602  C  CG  . PRO A 1 71  ? 20.239  -6.211  -6.816  1.00 9.40  ? 71   PRO A CG  1 
ATOM   603  C  CD  . PRO A 1 71  ? 19.672  -5.323  -5.736  1.00 7.70  ? 71   PRO A CD  1 
ATOM   604  N  N   . ASN A 1 72  ? 19.822  -3.210  -9.917  1.00 10.21 ? 72   ASN A N   1 
ATOM   605  C  CA  . ASN A 1 72  ? 18.999  -3.146  -11.140 1.00 11.42 ? 72   ASN A CA  1 
ATOM   606  C  C   . ASN A 1 72  ? 17.652  -2.487  -10.862 1.00 10.47 ? 72   ASN A C   1 
ATOM   607  O  O   . ASN A 1 72  ? 16.590  -3.023  -11.241 1.00 11.48 ? 72   ASN A O   1 
ATOM   608  C  CB  . ASN A 1 72  ? 18.778  -4.544  -11.736 1.00 12.20 ? 72   ASN A CB  1 
ATOM   609  C  CG  . ASN A 1 72  ? 20.070  -5.308  -11.925 1.00 14.62 ? 72   ASN A CG  1 
ATOM   610  O  OD1 . ASN A 1 72  ? 20.139  -6.509  -11.650 1.00 20.96 ? 72   ASN A OD1 1 
ATOM   611  N  ND2 . ASN A 1 72  ? 21.114  -4.610  -12.331 1.00 15.06 ? 72   ASN A ND2 1 
ATOM   612  N  N   . ALA A 1 73  ? 17.702  -1.340  -10.189 1.00 9.88  ? 73   ALA A N   1 
ATOM   613  C  CA  . ALA A 1 73  ? 16.499  -0.714  -9.633  1.00 8.85  ? 73   ALA A CA  1 
ATOM   614  C  C   . ALA A 1 73  ? 16.245  0.705   -10.123 1.00 8.42  ? 73   ALA A C   1 
ATOM   615  O  O   . ALA A 1 73  ? 17.172  1.433   -10.506 1.00 8.33  ? 73   ALA A O   1 
ATOM   616  C  CB  . ALA A 1 73  ? 16.564  -0.723  -8.106  1.00 8.58  ? 73   ALA A CB  1 
ATOM   617  N  N   . VAL A 1 74  ? 14.971  1.083   -10.080 1.00 7.25  ? 74   VAL A N   1 
ATOM   618  C  CA  . VAL A 1 74  ? 14.535  2.449   -10.366 1.00 7.31  ? 74   VAL A CA  1 
ATOM   619  C  C   . VAL A 1 74  ? 13.636  2.961   -9.240  1.00 7.05  ? 74   VAL A C   1 
ATOM   620  O  O   . VAL A 1 74  ? 13.320  2.224   -8.296  1.00 7.59  ? 74   VAL A O   1 
ATOM   621  C  CB  . VAL A 1 74  ? 13.802  2.570   -11.748 1.00 6.33  ? 74   VAL A CB  1 
ATOM   622  C  CG1 . VAL A 1 74  ? 14.790  2.363   -12.894 1.00 8.14  ? 74   VAL A CG1 1 
ATOM   623  C  CG2 . VAL A 1 74  ? 12.623  1.600   -11.860 1.00 8.60  ? 74   VAL A CG2 1 
ATOM   624  N  N   . ASP A 1 75  ? 13.221  4.218   -9.350  1.00 6.59  ? 75   ASP A N   1 
ATOM   625  C  CA  . ASP A 1 75  ? 12.501  4.896   -8.287  1.00 5.94  ? 75   ASP A CA  1 
ATOM   626  C  C   . ASP A 1 75  ? 11.310  5.593   -8.925  1.00 6.60  ? 75   ASP A C   1 
ATOM   627  O  O   . ASP A 1 75  ? 11.328  6.816   -9.146  1.00 7.38  ? 75   ASP A O   1 
ATOM   628  C  CB  . ASP A 1 75  ? 13.459  5.881   -7.600  1.00 6.19  ? 75   ASP A CB  1 
ATOM   629  C  CG  . ASP A 1 75  ? 12.788  6.785   -6.578  1.00 6.80  ? 75   ASP A CG  1 
ATOM   630  O  OD1 . ASP A 1 75  ? 11.604  6.586   -6.242  1.00 7.20  ? 75   ASP A OD1 1 
ATOM   631  O  OD2 . ASP A 1 75  ? 13.495  7.713   -6.117  1.00 8.35  ? 75   ASP A OD2 1 
ATOM   632  N  N   . GLY A 1 76  ? 10.277  4.806   -9.221  1.00 6.42  ? 76   GLY A N   1 
ATOM   633  C  CA  . GLY A 1 76  ? 9.137   5.297   -10.004 1.00 6.95  ? 76   GLY A CA  1 
ATOM   634  C  C   . GLY A 1 76  ? 8.319   6.376   -9.303  1.00 7.00  ? 76   GLY A C   1 
ATOM   635  O  O   . GLY A 1 76  ? 7.754   7.272   -9.960  1.00 8.09  ? 76   GLY A O   1 
ATOM   636  N  N   . CYS A 1 77  ? 8.273   6.332   -7.970  1.00 6.69  ? 77   CYS A N   1 
ATOM   637  C  CA  . CYS A 1 77  ? 7.504   7.326   -7.219  1.00 7.01  ? 77   CYS A CA  1 
ATOM   638  C  C   . CYS A 1 77  ? 8.308   8.560   -6.815  1.00 7.23  ? 77   CYS A C   1 
ATOM   639  O  O   . CYS A 1 77  ? 7.760   9.476   -6.213  1.00 7.68  ? 77   CYS A O   1 
ATOM   640  C  CB  . CYS A 1 77  ? 6.838   6.683   -6.009  1.00 7.24  ? 77   CYS A CB  1 
ATOM   641  S  SG  . CYS A 1 77  ? 5.470   5.625   -6.491  1.00 7.06  ? 77   CYS A SG  1 
ATOM   642  N  N   . HIS A 1 78  ? 9.603   8.568   -7.144  1.00 7.36  ? 78   HIS A N   1 
ATOM   643  C  CA  . HIS A 1 78  ? 10.496  9.684   -6.832  1.00 7.24  ? 78   HIS A CA  1 
ATOM   644  C  C   . HIS A 1 78  ? 10.540  9.919   -5.322  1.00 7.79  ? 78   HIS A C   1 
ATOM   645  O  O   . HIS A 1 78  ? 10.362  11.034  -4.837  1.00 8.09  ? 78   HIS A O   1 
ATOM   646  C  CB  . HIS A 1 78  ? 10.061  10.974  -7.549  1.00 7.90  ? 78   HIS A CB  1 
ATOM   647  C  CG  . HIS A 1 78  ? 9.994   10.877  -9.044  1.00 7.38  ? 78   HIS A CG  1 
ATOM   648  N  ND1 . HIS A 1 78  ? 9.671   11.967  -9.826  1.00 7.83  ? 78   HIS A ND1 1 
ATOM   649  C  CD2 . HIS A 1 78  ? 10.205  9.847   -9.900  1.00 8.00  ? 78   HIS A CD2 1 
ATOM   650  C  CE1 . HIS A 1 78  ? 9.667   11.605  -11.099 1.00 8.02  ? 78   HIS A CE1 1 
ATOM   651  N  NE2 . HIS A 1 78  ? 10.005  10.330  -11.172 1.00 9.72  ? 78   HIS A NE2 1 
ATOM   652  N  N   . VAL A 1 79  ? 10.776  8.845   -4.575  1.00 7.50  ? 79   VAL A N   1 
ATOM   653  C  CA  . VAL A 1 79  ? 10.694  8.923   -3.121  1.00 7.75  ? 79   VAL A CA  1 
ATOM   654  C  C   . VAL A 1 79  ? 11.690  7.948   -2.506  1.00 7.52  ? 79   VAL A C   1 
ATOM   655  O  O   . VAL A 1 79  ? 11.932  6.880   -3.066  1.00 7.78  ? 79   VAL A O   1 
ATOM   656  C  CB  . VAL A 1 79  ? 9.228   8.622   -2.631  1.00 8.43  ? 79   VAL A CB  1 
ATOM   657  C  CG1 . VAL A 1 79  ? 8.845   7.173   -2.876  1.00 8.65  ? 79   VAL A CG1 1 
ATOM   658  C  CG2 . VAL A 1 79  ? 9.018   9.009   -1.176  1.00 10.32 ? 79   VAL A CG2 1 
ATOM   659  N  N   . SER A 1 80  ? 12.270  8.314   -1.371  1.00 7.43  ? 80   SER A N   1 
ATOM   660  C  CA  . SER A 1 80  ? 13.043  7.356   -0.587  1.00 7.09  ? 80   SER A CA  1 
ATOM   661  C  C   . SER A 1 80  ? 12.078  6.307   -0.049  1.00 7.18  ? 80   SER A C   1 
ATOM   662  O  O   . SER A 1 80  ? 10.979  6.634   0.388   1.00 7.11  ? 80   SER A O   1 
ATOM   663  C  CB  . SER A 1 80  ? 13.728  8.052   0.597   1.00 7.62  ? 80   SER A CB  1 
ATOM   664  O  OG  . SER A 1 80  ? 14.224  7.100   1.533   1.00 10.52 ? 80   SER A OG  1 
ATOM   665  N  N   . CYS A 1 81  ? 12.489  5.042   -0.071  1.00 6.21  ? 81   CYS A N   1 
ATOM   666  C  CA  . CYS A 1 81  ? 11.615  3.982   0.441   1.00 6.46  ? 81   CYS A CA  1 
ATOM   667  C  C   . CYS A 1 81  ? 11.251  4.231   1.916   1.00 6.81  ? 81   CYS A C   1 
ATOM   668  O  O   . CYS A 1 81  ? 10.156  3.880   2.355   1.00 6.98  ? 81   CYS A O   1 
ATOM   669  C  CB  . CYS A 1 81  ? 12.285  2.629   0.280   1.00 6.18  ? 81   CYS A CB  1 
ATOM   670  S  SG  . CYS A 1 81  ? 12.534  2.128   -1.421  1.00 6.37  ? 81   CYS A SG  1 
ATOM   671  N  N   . SER A 1 82  ? 12.159  4.867   2.662   1.00 6.93  ? 82   SER A N   1 
ATOM   672  C  CA  . SER A 1 82  ? 11.881  5.235   4.066   1.00 7.68  ? 82   SER A CA  1 
ATOM   673  C  C   . SER A 1 82  ? 10.635  6.107   4.202   1.00 7.61  ? 82   SER A C   1 
ATOM   674  O  O   . SER A 1 82  ? 9.897   5.995   5.189   1.00 8.05  ? 82   SER A O   1 
ATOM   675  C  CB  . SER A 1 82  ? 13.063  5.968   4.706   1.00 8.27  ? 82   SER A CB  1 
ATOM   676  O  OG  . SER A 1 82  ? 12.749  6.385   6.040   1.00 10.79 ? 82   SER A OG  1 
ATOM   677  N  N   . GLU A 1 83  ? 10.425  6.987   3.226   1.00 6.72  ? 83   GLU A N   1 
ATOM   678  C  CA  . GLU A 1 83  ? 9.295   7.920   3.287   1.00 7.96  ? 83   GLU A CA  1 
ATOM   679  C  C   . GLU A 1 83  ? 7.960   7.197   3.117   1.00 8.02  ? 83   GLU A C   1 
ATOM   680  O  O   . GLU A 1 83  ? 6.911   7.748   3.461   1.00 8.35  ? 83   GLU A O   1 
ATOM   681  C  CB  . GLU A 1 83  ? 9.454   9.036   2.251   1.00 8.07  ? 83   GLU A CB  1 
ATOM   682  C  CG  . GLU A 1 83  ? 10.725  9.850   2.427   1.00 10.21 ? 83   GLU A CG  1 
ATOM   683  C  CD  . GLU A 1 83  ? 10.858  10.904  1.336   1.00 11.67 ? 83   GLU A CD  1 
ATOM   684  O  OE1 . GLU A 1 83  ? 10.187  11.953  1.455   1.00 10.61 ? 83   GLU A OE1 1 
ATOM   685  O  OE2 . GLU A 1 83  ? 11.593  10.669  0.348   1.00 12.70 ? 83   GLU A OE2 1 
ATOM   686  N  N   . LEU A 1 84  ? 8.011   5.964   2.601   1.00 7.92  ? 84   LEU A N   1 
ATOM   687  C  CA  . LEU A 1 84  ? 6.807   5.134   2.427   1.00 8.26  ? 84   LEU A CA  1 
ATOM   688  C  C   . LEU A 1 84  ? 6.445   4.368   3.705   1.00 8.91  ? 84   LEU A C   1 
ATOM   689  O  O   . LEU A 1 84  ? 5.528   3.520   3.700   1.00 9.40  ? 84   LEU A O   1 
ATOM   690  C  CB  . LEU A 1 84  ? 6.970   4.171   1.236   1.00 8.01  ? 84   LEU A CB  1 
ATOM   691  C  CG  . LEU A 1 84  ? 7.252   4.874   -0.097  1.00 8.89  ? 84   LEU A CG  1 
ATOM   692  C  CD1 . LEU A 1 84  ? 7.352   3.851   -1.191  1.00 10.79 ? 84   LEU A CD1 1 
ATOM   693  C  CD2 . LEU A 1 84  ? 6.177   5.912   -0.426  1.00 9.59  ? 84   LEU A CD2 1 
ATOM   694  N  N   . MET A 1 85  ? 7.167   4.667   4.784   1.00 9.26  ? 85   MET A N   1 
ATOM   695  C  CA  . MET A 1 85  ? 6.948   4.052   6.095   1.00 10.27 ? 85   MET A CA  1 
ATOM   696  C  C   . MET A 1 85  ? 6.664   5.077   7.190   1.00 11.39 ? 85   MET A C   1 
ATOM   697  O  O   . MET A 1 85  ? 6.684   4.766   8.386   1.00 11.43 ? 85   MET A O   1 
ATOM   698  C  CB  . MET A 1 85  ? 8.132   3.168   6.482   1.00 10.35 ? 85   MET A CB  1 
ATOM   699  C  CG  . MET A 1 85  ? 8.358   2.032   5.510   1.00 10.65 ? 85   MET A CG  1 
ATOM   700  S  SD  . MET A 1 85  ? 9.260   0.686   6.265   1.00 10.59 ? 85   MET A SD  1 
ATOM   701  C  CE  . MET A 1 85  ? 10.881  1.445   6.427   1.00 6.40  ? 85   MET A CE  1 
ATOM   702  N  N   . GLU A 1 86  ? 6.411   6.309   6.786   1.00 12.01 ? 86   GLU A N   1 
ATOM   703  C  CA  A GLU A 1 86  ? 6.125   7.390   7.726   0.50 12.64 ? 86   GLU A CA  1 
ATOM   704  C  CA  B GLU A 1 86  ? 6.153   7.361   7.754   0.50 12.77 ? 86   GLU A CA  1 
ATOM   705  C  C   . GLU A 1 86  ? 4.787   7.171   8.403   1.00 12.82 ? 86   GLU A C   1 
ATOM   706  O  O   . GLU A 1 86  ? 3.881   6.550   7.819   1.00 13.17 ? 86   GLU A O   1 
ATOM   707  C  CB  A GLU A 1 86  ? 6.131   8.735   6.998   0.50 12.77 ? 86   GLU A CB  1 
ATOM   708  C  CB  B GLU A 1 86  ? 6.296   8.738   7.096   0.50 13.00 ? 86   GLU A CB  1 
ATOM   709  C  CG  A GLU A 1 86  ? 7.503   9.120   6.479   0.50 13.07 ? 86   GLU A CG  1 
ATOM   710  C  CG  B GLU A 1 86  ? 7.740   9.081   6.700   0.50 13.94 ? 86   GLU A CG  1 
ATOM   711  C  CD  A GLU A 1 86  ? 7.517   10.406  5.670   0.50 13.09 ? 86   GLU A CD  1 
ATOM   712  C  CD  B GLU A 1 86  ? 8.602   9.562   7.867   0.50 14.58 ? 86   GLU A CD  1 
ATOM   713  O  OE1 A GLU A 1 86  ? 6.440   10.955  5.357   0.50 12.75 ? 86   GLU A OE1 1 
ATOM   714  O  OE1 B GLU A 1 86  ? 8.064   10.219  8.786   0.50 14.76 ? 86   GLU A OE1 1 
ATOM   715  O  OE2 A GLU A 1 86  ? 8.625   10.866  5.336   0.50 13.65 ? 86   GLU A OE2 1 
ATOM   716  O  OE2 B GLU A 1 86  ? 9.832   9.315   7.857   0.50 14.98 ? 86   GLU A OE2 1 
ATOM   717  N  N   . ASN A 1 87  ? 4.648   7.681   9.630   1.00 13.30 ? 87   ASN A N   1 
ATOM   718  C  CA  . ASN A 1 87  ? 3.391   7.543   10.372  1.00 14.24 ? 87   ASN A CA  1 
ATOM   719  C  C   . ASN A 1 87  ? 2.261   8.185   9.606   1.00 14.04 ? 87   ASN A C   1 
ATOM   720  O  O   . ASN A 1 87  ? 1.115   7.735   9.657   1.00 14.18 ? 87   ASN A O   1 
ATOM   721  C  CB  . ASN A 1 87  ? 3.505   8.188   11.752  1.00 14.58 ? 87   ASN A CB  1 
ATOM   722  C  CG  . ASN A 1 87  ? 4.512   7.489   12.638  1.00 17.27 ? 87   ASN A CG  1 
ATOM   723  O  OD1 . ASN A 1 87  ? 4.754   6.293   12.493  1.00 19.22 ? 87   ASN A OD1 1 
ATOM   724  N  ND2 . ASN A 1 87  ? 5.110   8.235   13.564  1.00 20.21 ? 87   ASN A ND2 1 
ATOM   725  N  N   . ASP A 1 88  ? 2.631   9.257   8.910   1.00 14.79 ? 88   ASP A N   1 
ATOM   726  C  CA  . ASP A 1 88  ? 1.775   9.931   7.965   1.00 14.76 ? 88   ASP A CA  1 
ATOM   727  C  C   . ASP A 1 88  ? 1.871   9.192   6.640   1.00 13.97 ? 88   ASP A C   1 
ATOM   728  O  O   . ASP A 1 88  ? 2.932   9.183   5.992   1.00 13.99 ? 88   ASP A O   1 
ATOM   729  C  CB  . ASP A 1 88  ? 2.234   11.379  7.781   1.00 15.52 ? 88   ASP A CB  1 
ATOM   730  C  CG  . ASP A 1 88  ? 1.249   12.196  6.988   1.00 17.36 ? 88   ASP A CG  1 
ATOM   731  O  OD1 . ASP A 1 88  ? 0.811   11.738  5.916   1.00 20.61 ? 88   ASP A OD1 1 
ATOM   732  O  OD2 . ASP A 1 88  ? 0.888   13.296  7.439   1.00 20.89 ? 88   ASP A OD2 1 
ATOM   733  N  N   . ILE A 1 89  ? 0.770   8.560   6.249   1.00 11.96 ? 89   ILE A N   1 
ATOM   734  C  CA  . ILE A 1 89  ? 0.773   7.737   5.030   1.00 11.24 ? 89   ILE A CA  1 
ATOM   735  C  C   . ILE A 1 89  ? 0.590   8.517   3.724   1.00 10.12 ? 89   ILE A C   1 
ATOM   736  O  O   . ILE A 1 89  ? 0.341   7.909   2.682   1.00 9.48  ? 89   ILE A O   1 
ATOM   737  C  CB  . ILE A 1 89  ? -0.248  6.566   5.108   1.00 10.91 ? 89   ILE A CB  1 
ATOM   738  C  CG1 . ILE A 1 89  ? -1.685  7.092   5.268   1.00 12.36 ? 89   ILE A CG1 1 
ATOM   739  C  CG2 . ILE A 1 89  ? 0.147   5.614   6.235   1.00 12.48 ? 89   ILE A CG2 1 
ATOM   740  C  CD1 . ILE A 1 89  ? -2.761  6.027   5.124   1.00 14.16 ? 89   ILE A CD1 1 
ATOM   741  N  N   . ALA A 1 90  ? 0.712   9.845   3.768   1.00 9.62  ? 90   ALA A N   1 
ATOM   742  C  CA  . ALA A 1 90  ? 0.461   10.661  2.582   1.00 9.29  ? 90   ALA A CA  1 
ATOM   743  C  C   . ALA A 1 90  ? 1.310   10.248  1.375   1.00 8.93  ? 90   ALA A C   1 
ATOM   744  O  O   . ALA A 1 90  ? 0.772   10.075  0.273   1.00 9.04  ? 90   ALA A O   1 
ATOM   745  C  CB  . ALA A 1 90  ? 0.647   12.150  2.881   1.00 9.70  ? 90   ALA A CB  1 
ATOM   746  N  N   . LYS A 1 91  ? 2.624   10.106  1.569   1.00 9.04  ? 91   LYS A N   1 
ATOM   747  C  CA  . LYS A 1 91  ? 3.502   9.784   0.449   1.00 9.06  ? 91   LYS A CA  1 
ATOM   748  C  C   . LYS A 1 91  ? 3.244   8.354   -0.031  1.00 8.27  ? 91   LYS A C   1 
ATOM   749  O  O   . LYS A 1 91  ? 3.256   8.079   -1.238  1.00 8.18  ? 91   LYS A O   1 
ATOM   750  C  CB  . LYS A 1 91  ? 4.982   9.997   0.803   1.00 9.88  ? 91   LYS A CB  1 
ATOM   751  C  CG  . LYS A 1 91  ? 5.347   11.433  1.192   1.00 12.21 ? 91   LYS A CG  1 
ATOM   752  C  CD  . LYS A 1 91  ? 6.705   11.467  1.896   1.00 14.42 ? 91   LYS A CD  1 
ATOM   753  C  CE  . LYS A 1 91  ? 7.031   12.817  2.547   1.00 17.05 ? 91   LYS A CE  1 
ATOM   754  N  NZ  . LYS A 1 91  ? 8.351   12.776  3.305   1.00 16.23 ? 91   LYS A NZ  1 
ATOM   755  N  N   . ALA A 1 92  ? 2.987   7.454   0.916   1.00 8.27  ? 92   ALA A N   1 
ATOM   756  C  CA  . ALA A 1 92  ? 2.608   6.083   0.570   1.00 7.12  ? 92   ALA A CA  1 
ATOM   757  C  C   . ALA A 1 92  ? 1.346   6.047   -0.306  1.00 7.03  ? 92   ALA A C   1 
ATOM   758  O  O   . ALA A 1 92  ? 1.313   5.365   -1.332  1.00 7.20  ? 92   ALA A O   1 
ATOM   759  C  CB  . ALA A 1 92  ? 2.411   5.272   1.821   1.00 7.20  ? 92   ALA A CB  1 
ATOM   760  N  N   . VAL A 1 93  ? 0.323   6.820   0.080   1.00 6.83  ? 93   VAL A N   1 
ATOM   761  C  CA  . VAL A 1 93  ? -0.899  6.916   -0.711  1.00 7.10  ? 93   VAL A CA  1 
ATOM   762  C  C   . VAL A 1 93  ? -0.641  7.496   -2.110  1.00 7.15  ? 93   VAL A C   1 
ATOM   763  O  O   . VAL A 1 93  ? -1.167  6.978   -3.097  1.00 7.95  ? 93   VAL A O   1 
ATOM   764  C  CB  . VAL A 1 93  ? -2.001  7.709   0.042   1.00 6.74  ? 93   VAL A CB  1 
ATOM   765  C  CG1 . VAL A 1 93  ? -3.141  8.099   -0.899  1.00 7.56  ? 93   VAL A CG1 1 
ATOM   766  C  CG2 . VAL A 1 93  ? -2.512  6.881   1.236   1.00 8.05  ? 93   VAL A CG2 1 
ATOM   767  N  N   . ALA A 1 94  ? 0.181   8.545   -2.197  1.00 7.08  ? 94   ALA A N   1 
ATOM   768  C  CA  . ALA A 1 94  ? 0.507   9.127   -3.495  1.00 7.39  ? 94   ALA A CA  1 
ATOM   769  C  C   . ALA A 1 94  ? 1.170   8.097   -4.408  1.00 7.35  ? 94   ALA A C   1 
ATOM   770  O  O   . ALA A 1 94  ? 0.854   7.998   -5.607  1.00 8.09  ? 94   ALA A O   1 
ATOM   771  C  CB  . ALA A 1 94  ? 1.414   10.366  -3.326  1.00 8.15  ? 94   ALA A CB  1 
ATOM   772  N  N   . CYS A 1 95  ? 2.084   7.315   -3.833  1.00 7.30  ? 95   CYS A N   1 
ATOM   773  C  CA  . CYS A 1 95  ? 2.776   6.293   -4.607  1.00 7.11  ? 95   CYS A CA  1 
ATOM   774  C  C   . CYS A 1 95  ? 1.817   5.163   -5.032  1.00 7.09  ? 95   CYS A C   1 
ATOM   775  O  O   . CYS A 1 95  ? 1.866   4.701   -6.176  1.00 7.57  ? 95   CYS A O   1 
ATOM   776  C  CB  . CYS A 1 95  ? 3.965   5.751   -3.819  1.00 7.32  ? 95   CYS A CB  1 
ATOM   777  S  SG  . CYS A 1 95  ? 5.022   4.626   -4.765  1.00 6.69  ? 95   CYS A SG  1 
ATOM   778  N  N   . ALA A 1 96  ? 0.936   4.735   -4.124  1.00 6.56  ? 96   ALA A N   1 
ATOM   779  C  CA  . ALA A 1 96  ? -0.098  3.745   -4.467  1.00 6.50  ? 96   ALA A CA  1 
ATOM   780  C  C   . ALA A 1 96  ? -0.964  4.222   -5.642  1.00 6.49  ? 96   ALA A C   1 
ATOM   781  O  O   . ALA A 1 96  ? -1.310  3.428   -6.519  1.00 6.16  ? 96   ALA A O   1 
ATOM   782  C  CB  . ALA A 1 96  ? -0.975  3.429   -3.253  1.00 6.50  ? 96   ALA A CB  1 
ATOM   783  N  N   . LYS A 1 97  ? -1.299  5.520   -5.655  1.00 6.63  ? 97   LYS A N   1 
ATOM   784  C  CA  . LYS A 1 97  ? -2.081  6.083   -6.749  1.00 6.55  ? 97   LYS A CA  1 
ATOM   785  C  C   . LYS A 1 97  ? -1.308  5.961   -8.048  1.00 6.57  ? 97   LYS A C   1 
ATOM   786  O  O   . LYS A 1 97  ? -1.873  5.593   -9.066  1.00 7.08  ? 97   LYS A O   1 
ATOM   787  C  CB  . LYS A 1 97  ? -2.453  7.537   -6.480  1.00 6.89  ? 97   LYS A CB  1 
ATOM   788  C  CG  . LYS A 1 97  ? -3.510  7.687   -5.376  1.00 6.39  ? 97   LYS A CG  1 
ATOM   789  C  CD  . LYS A 1 97  ? -3.758  9.146   -5.064  1.00 7.56  ? 97   LYS A CD  1 
ATOM   790  C  CE  . LYS A 1 97  ? -4.861  9.292   -4.047  1.00 8.38  ? 97   LYS A CE  1 
ATOM   791  N  NZ  . LYS A 1 97  ? -5.068  10.727  -3.788  1.00 7.82  ? 97   LYS A NZ  1 
ATOM   792  N  N   . HIS A 1 98  ? -0.005  6.252   -8.005  1.00 6.73  ? 98   HIS A N   1 
ATOM   793  C  CA  . HIS A 1 98  ? 0.836   6.083   -9.184  1.00 6.88  ? 98   HIS A CA  1 
ATOM   794  C  C   . HIS A 1 98  ? 0.869   4.624   -9.663  1.00 6.86  ? 98   HIS A C   1 
ATOM   795  O  O   . HIS A 1 98  ? 0.679   4.329   -10.841 1.00 7.57  ? 98   HIS A O   1 
ATOM   796  C  CB  . HIS A 1 98  ? 2.258   6.597   -8.899  1.00 7.65  ? 98   HIS A CB  1 
ATOM   797  C  CG  . HIS A 1 98  ? 3.204   6.436   -10.046 1.00 9.28  ? 98   HIS A CG  1 
ATOM   798  N  ND1 . HIS A 1 98  ? 3.097   7.173   -11.207 1.00 12.15 ? 98   HIS A ND1 1 
ATOM   799  C  CD2 . HIS A 1 98  ? 4.273   5.619   -10.214 1.00 10.16 ? 98   HIS A CD2 1 
ATOM   800  C  CE1 . HIS A 1 98  ? 4.063   6.818   -12.040 1.00 10.90 ? 98   HIS A CE1 1 
ATOM   801  N  NE2 . HIS A 1 98  ? 4.794   5.884   -11.458 1.00 11.12 ? 98   HIS A NE2 1 
ATOM   802  N  N   . ILE A 1 99  ? 1.112   3.705   -8.734  1.00 6.48  ? 99   ILE A N   1 
ATOM   803  C  CA  . ILE A 1 99  ? 1.185   2.285   -9.072  1.00 7.25  ? 99   ILE A CA  1 
ATOM   804  C  C   . ILE A 1 99  ? -0.120  1.795   -9.689  1.00 7.72  ? 99   ILE A C   1 
ATOM   805  O  O   . ILE A 1 99  ? -0.101  1.146   -10.739 1.00 8.24  ? 99   ILE A O   1 
ATOM   806  C  CB  . ILE A 1 99  ? 1.551   1.432   -7.836  1.00 6.54  ? 99   ILE A CB  1 
ATOM   807  C  CG1 . ILE A 1 99  ? 2.962   1.794   -7.371  1.00 7.34  ? 99   ILE A CG1 1 
ATOM   808  C  CG2 . ILE A 1 99  ? 1.441   -0.067  -8.142  1.00 7.79  ? 99   ILE A CG2 1 
ATOM   809  C  CD1 . ILE A 1 99  ? 3.324   1.194   -6.034  1.00 8.32  ? 99   ILE A CD1 1 
ATOM   810  N  N   . VAL A 1 100 ? -1.248  2.104   -9.056  1.00 7.33  ? 100  VAL A N   1 
ATOM   811  C  CA  . VAL A 1 100 ? -2.528  1.579   -9.563  1.00 8.02  ? 100  VAL A CA  1 
ATOM   812  C  C   . VAL A 1 100 ? -2.887  2.205   -10.921 1.00 8.43  ? 100  VAL A C   1 
ATOM   813  O  O   . VAL A 1 100 ? -3.500  1.556   -11.781 1.00 9.28  ? 100  VAL A O   1 
ATOM   814  C  CB  . VAL A 1 100 ? -3.682  1.692   -8.511  1.00 7.81  ? 100  VAL A CB  1 
ATOM   815  C  CG1 . VAL A 1 100 ? -4.216  3.111   -8.392  1.00 8.64  ? 100  VAL A CG1 1 
ATOM   816  C  CG2 . VAL A 1 100 ? -4.795  0.709   -8.820  1.00 8.23  ? 100  VAL A CG2 1 
ATOM   817  N  N   . SER A 1 101 ? -2.485  3.457   -11.125 1.00 9.08  ? 101  SER A N   1 
ATOM   818  C  CA  . SER A 1 101 ? -2.718  4.119   -12.409 1.00 9.72  ? 101  SER A CA  1 
ATOM   819  C  C   . SER A 1 101 ? -1.878  3.477   -13.511 1.00 10.91 ? 101  SER A C   1 
ATOM   820  O  O   . SER A 1 101 ? -2.354  3.291   -14.639 1.00 11.22 ? 101  SER A O   1 
ATOM   821  C  CB  . SER A 1 101 ? -2.405  5.612   -12.306 1.00 9.71  ? 101  SER A CB  1 
ATOM   822  O  OG  . SER A 1 101 ? -3.263  6.256   -11.390 1.00 9.86  ? 101  SER A OG  1 
ATOM   823  N  N   . GLU A 1 102 ? -0.627  3.144   -13.182 1.00 11.97 ? 102  GLU A N   1 
ATOM   824  C  CA  . GLU A 1 102 ? 0.312   2.551   -14.144 1.00 13.60 ? 102  GLU A CA  1 
ATOM   825  C  C   . GLU A 1 102 ? 0.032   1.083   -14.434 1.00 14.55 ? 102  GLU A C   1 
ATOM   826  O  O   . GLU A 1 102 ? 0.042   0.663   -15.597 1.00 15.38 ? 102  GLU A O   1 
ATOM   827  C  CB  . GLU A 1 102 ? 1.748   2.691   -13.628 1.00 14.05 ? 102  GLU A CB  1 
ATOM   828  C  CG  . GLU A 1 102 ? 2.285   4.121   -13.661 1.00 16.07 ? 102  GLU A CG  1 
ATOM   829  C  CD  . GLU A 1 102 ? 2.646   4.573   -15.071 1.00 19.44 ? 102  GLU A CD  1 
ATOM   830  O  OE1 . GLU A 1 102 ? 3.542   3.950   -15.686 1.00 21.10 ? 102  GLU A OE1 1 
ATOM   831  O  OE2 . GLU A 1 102 ? 2.027   5.539   -15.564 1.00 21.70 ? 102  GLU A OE2 1 
ATOM   832  N  N   . GLN A 1 103 ? -0.229  0.309   -13.384 1.00 15.10 ? 103  GLN A N   1 
ATOM   833  C  CA  . GLN A 1 103 ? -0.240  -1.157  -13.488 1.00 15.75 ? 103  GLN A CA  1 
ATOM   834  C  C   . GLN A 1 103 ? -1.561  -1.816  -13.097 1.00 15.42 ? 103  GLN A C   1 
ATOM   835  O  O   . GLN A 1 103 ? -1.744  -3.027  -13.301 1.00 16.45 ? 103  GLN A O   1 
ATOM   836  C  CB  . GLN A 1 103 ? 0.908   -1.758  -12.659 1.00 16.04 ? 103  GLN A CB  1 
ATOM   837  C  CG  . GLN A 1 103 ? 2.311   -1.389  -13.146 1.00 18.63 ? 103  GLN A CG  1 
ATOM   838  C  CD  . GLN A 1 103 ? 2.657   -1.971  -14.519 1.00 21.97 ? 103  GLN A CD  1 
ATOM   839  O  OE1 . GLN A 1 103 ? 2.163   -3.037  -14.897 1.00 24.23 ? 103  GLN A OE1 1 
ATOM   840  N  NE2 . GLN A 1 103 ? 3.520   -1.273  -15.262 1.00 22.97 ? 103  GLN A NE2 1 
ATOM   841  N  N   . GLY A 1 104 ? -2.473  -1.040  -12.527 1.00 14.66 ? 104  GLY A N   1 
ATOM   842  C  CA  . GLY A 1 104 ? -3.766  -1.560  -12.119 1.00 14.03 ? 104  GLY A CA  1 
ATOM   843  C  C   . GLY A 1 104 ? -3.738  -2.218  -10.752 1.00 13.65 ? 104  GLY A C   1 
ATOM   844  O  O   . GLY A 1 104 ? -2.675  -2.419  -10.166 1.00 13.85 ? 104  GLY A O   1 
ATOM   845  N  N   . ILE A 1 105 ? -4.919  -2.559  -10.254 1.00 12.49 ? 105  ILE A N   1 
ATOM   846  C  CA  . ILE A 1 105 ? -5.065  -3.130  -8.906  1.00 12.37 ? 105  ILE A CA  1 
ATOM   847  C  C   . ILE A 1 105 ? -4.395  -4.512  -8.791  1.00 12.78 ? 105  ILE A C   1 
ATOM   848  O  O   . ILE A 1 105 ? -4.001  -4.928  -7.693  1.00 11.93 ? 105  ILE A O   1 
ATOM   849  C  CB  . ILE A 1 105 ? -6.557  -3.179  -8.478  1.00 12.19 ? 105  ILE A CB  1 
ATOM   850  C  CG1 . ILE A 1 105 ? -6.701  -3.490  -6.982  1.00 12.13 ? 105  ILE A CG1 1 
ATOM   851  C  CG2 . ILE A 1 105 ? -7.330  -4.165  -9.344  1.00 12.31 ? 105  ILE A CG2 1 
ATOM   852  C  CD1 . ILE A 1 105 ? -5.975  -2.511  -6.064  1.00 12.36 ? 105  ILE A CD1 1 
ATOM   853  N  N   . THR A 1 106 ? -4.243  -5.200  -9.920  1.00 13.55 ? 106  THR A N   1 
ATOM   854  C  CA  . THR A 1 106 ? -3.583  -6.514  -9.945  1.00 14.58 ? 106  THR A CA  1 
ATOM   855  C  C   . THR A 1 106 ? -2.087  -6.408  -9.697  1.00 14.63 ? 106  THR A C   1 
ATOM   856  O  O   . THR A 1 106 ? -1.381  -7.432  -9.640  1.00 15.02 ? 106  THR A O   1 
ATOM   857  C  CB  . THR A 1 106 ? -3.817  -7.253  -11.283 1.00 15.19 ? 106  THR A CB  1 
ATOM   858  O  OG1 . THR A 1 106 ? -3.403  -6.427  -12.383 1.00 16.50 ? 106  THR A OG1 1 
ATOM   859  C  CG2 . THR A 1 106 ? -5.276  -7.628  -11.424 1.00 16.36 ? 106  THR A CG2 1 
ATOM   860  N  N   . ALA A 1 107 ? -1.591  -5.181  -9.547  1.00 13.97 ? 107  ALA A N   1 
ATOM   861  C  CA  . ALA A 1 107 ? -0.194  -4.980  -9.188  1.00 13.82 ? 107  ALA A CA  1 
ATOM   862  C  C   . ALA A 1 107 ? 0.093   -5.594  -7.824  1.00 13.63 ? 107  ALA A C   1 
ATOM   863  O  O   . ALA A 1 107 ? 1.230   -5.962  -7.540  1.00 14.96 ? 107  ALA A O   1 
ATOM   864  C  CB  . ALA A 1 107 ? 0.163   -3.505  -9.183  1.00 13.44 ? 107  ALA A CB  1 
ATOM   865  N  N   . TRP A 1 108 ? -0.942  -5.691  -6.988  1.00 12.45 ? 108  TRP A N   1 
ATOM   866  C  CA  . TRP A 1 108 ? -0.813  -6.266  -5.654  1.00 12.00 ? 108  TRP A CA  1 
ATOM   867  C  C   . TRP A 1 108 ? -1.286  -7.706  -5.653  1.00 12.59 ? 108  TRP A C   1 
ATOM   868  O  O   . TRP A 1 108 ? -2.474  -7.981  -5.664  1.00 11.95 ? 108  TRP A O   1 
ATOM   869  C  CB  . TRP A 1 108 ? -1.593  -5.452  -4.620  1.00 11.01 ? 108  TRP A CB  1 
ATOM   870  C  CG  . TRP A 1 108 ? -0.973  -4.123  -4.251  1.00 10.90 ? 108  TRP A CG  1 
ATOM   871  C  CD1 . TRP A 1 108 ? -0.113  -3.877  -3.218  1.00 9.42  ? 108  TRP A CD1 1 
ATOM   872  C  CD2 . TRP A 1 108 ? -1.199  -2.855  -4.888  1.00 8.30  ? 108  TRP A CD2 1 
ATOM   873  N  NE1 . TRP A 1 108 ? 0.229   -2.545  -3.182  1.00 8.67  ? 108  TRP A NE1 1 
ATOM   874  C  CE2 . TRP A 1 108 ? -0.427  -1.891  -4.192  1.00 9.09  ? 108  TRP A CE2 1 
ATOM   875  C  CE3 . TRP A 1 108 ? -1.976  -2.440  -5.980  1.00 9.46  ? 108  TRP A CE3 1 
ATOM   876  C  CZ2 . TRP A 1 108 ? -0.404  -0.538  -4.550  1.00 8.76  ? 108  TRP A CZ2 1 
ATOM   877  C  CZ3 . TRP A 1 108 ? -1.952  -1.094  -6.340  1.00 8.95  ? 108  TRP A CZ3 1 
ATOM   878  C  CH2 . TRP A 1 108 ? -1.177  -0.158  -5.622  1.00 9.15  ? 108  TRP A CH2 1 
ATOM   879  N  N   . VAL A 1 109 ? -0.325  -8.624  -5.646  1.00 13.73 ? 109  VAL A N   1 
ATOM   880  C  CA  . VAL A 1 109 ? -0.618  -10.048 -5.596  1.00 14.40 ? 109  VAL A CA  1 
ATOM   881  C  C   . VAL A 1 109 ? -1.442  -10.420 -4.350  1.00 13.60 ? 109  VAL A C   1 
ATOM   882  O  O   . VAL A 1 109 ? -2.353  -11.247 -4.439  1.00 13.37 ? 109  VAL A O   1 
ATOM   883  C  CB  . VAL A 1 109 ? 0.695   -10.880 -5.721  1.00 14.79 ? 109  VAL A CB  1 
ATOM   884  C  CG1 . VAL A 1 109 ? 0.457   -12.368 -5.474  1.00 16.42 ? 109  VAL A CG1 1 
ATOM   885  C  CG2 . VAL A 1 109 ? 1.327   -10.651 -7.102  1.00 16.61 ? 109  VAL A CG2 1 
ATOM   886  N  N   . ALA A 1 110 ? -1.161  -9.773  -3.215  1.00 12.77 ? 110  ALA A N   1 
ATOM   887  C  CA  . ALA A 1 110 ? -1.934  -10.023 -1.987  1.00 12.27 ? 110  ALA A CA  1 
ATOM   888  C  C   . ALA A 1 110 ? -3.408  -9.712  -2.199  1.00 11.54 ? 110  ALA A C   1 
ATOM   889  O  O   . ALA A 1 110 ? -4.270  -10.420 -1.681  1.00 11.52 ? 110  ALA A O   1 
ATOM   890  C  CB  . ALA A 1 110 ? -1.392  -9.218  -0.812  1.00 12.93 ? 110  ALA A CB  1 
ATOM   891  N  N   . TRP A 1 111 ? -3.690  -8.650  -2.956  1.00 11.23 ? 111  TRP A N   1 
ATOM   892  C  CA  . TRP A 1 111 ? -5.070  -8.328  -3.307  1.00 11.44 ? 111  TRP A CA  1 
ATOM   893  C  C   . TRP A 1 111 ? -5.696  -9.420  -4.177  1.00 11.43 ? 111  TRP A C   1 
ATOM   894  O  O   . TRP A 1 111 ? -6.829  -9.847  -3.914  1.00 10.69 ? 111  TRP A O   1 
ATOM   895  C  CB  . TRP A 1 111 ? -5.182  -6.944  -3.976  1.00 11.10 ? 111  TRP A CB  1 
ATOM   896  C  CG  . TRP A 1 111 ? -6.598  -6.615  -4.380  1.00 10.89 ? 111  TRP A CG  1 
ATOM   897  C  CD1 . TRP A 1 111 ? -7.546  -6.015  -3.613  1.00 10.28 ? 111  TRP A CD1 1 
ATOM   898  C  CD2 . TRP A 1 111 ? -7.221  -6.893  -5.647  1.00 11.24 ? 111  TRP A CD2 1 
ATOM   899  N  NE1 . TRP A 1 111 ? -8.735  -5.910  -4.311  1.00 10.23 ? 111  TRP A NE1 1 
ATOM   900  C  CE2 . TRP A 1 111 ? -8.560  -6.438  -5.564  1.00 11.16 ? 111  TRP A CE2 1 
ATOM   901  C  CE3 . TRP A 1 111 ? -6.779  -7.476  -6.844  1.00 11.99 ? 111  TRP A CE3 1 
ATOM   902  C  CZ2 . TRP A 1 111 ? -9.458  -6.546  -6.638  1.00 12.22 ? 111  TRP A CZ2 1 
ATOM   903  C  CZ3 . TRP A 1 111 ? -7.679  -7.590  -7.906  1.00 11.88 ? 111  TRP A CZ3 1 
ATOM   904  C  CH2 . TRP A 1 111 ? -9.002  -7.123  -7.790  1.00 12.01 ? 111  TRP A CH2 1 
ATOM   905  N  N   . LYS A 1 112 ? -4.952  -9.898  -5.181  1.00 11.98 ? 112  LYS A N   1 
ATOM   906  C  CA  . LYS A 1 112 ? -5.456  -10.964 -6.048  1.00 12.66 ? 112  LYS A CA  1 
ATOM   907  C  C   . LYS A 1 112 ? -5.773  -12.222 -5.252  1.00 12.66 ? 112  LYS A C   1 
ATOM   908  O  O   . LYS A 1 112 ? -6.766  -12.883 -5.518  1.00 13.21 ? 112  LYS A O   1 
ATOM   909  C  CB  . LYS A 1 112 ? -4.448  -11.314 -7.146  1.00 13.23 ? 112  LYS A CB  1 
ATOM   910  C  CG  . LYS A 1 112 ? -4.119  -10.182 -8.096  1.00 14.54 ? 112  LYS A CG  1 
ATOM   911  C  CD  . LYS A 1 112 ? -2.892  -10.509 -8.959  1.00 17.67 ? 112  LYS A CD  1 
ATOM   912  C  CE  . LYS A 1 112 ? -3.237  -11.454 -10.096 1.00 18.67 ? 112  LYS A CE  1 
ATOM   913  N  NZ  . LYS A 1 112 ? -1.992  -11.927 -10.787 1.00 17.61 ? 112  LYS A NZ  1 
ATOM   914  N  N   . SER A 1 113 ? -4.928  -12.544 -4.275  1.00 13.11 ? 113  SER A N   1 
ATOM   915  C  CA  . SER A 1 113 ? -5.064  -13.791 -3.534  1.00 13.02 ? 113  SER A CA  1 
ATOM   916  C  C   . SER A 1 113 ? -6.091  -13.763 -2.404  1.00 12.93 ? 113  SER A C   1 
ATOM   917  O  O   . SER A 1 113 ? -6.673  -14.801 -2.046  1.00 13.16 ? 113  SER A O   1 
ATOM   918  C  CB  . SER A 1 113 ? -3.703  -14.215 -2.981  1.00 13.90 ? 113  SER A CB  1 
ATOM   919  O  OG  . SER A 1 113 ? -2.821  -14.496 -4.046  1.00 15.41 ? 113  SER A OG  1 
ATOM   920  N  N   . HIS A 1 114 ? -6.301  -12.585 -1.821  1.00 11.71 ? 114  HIS A N   1 
ATOM   921  C  CA  . HIS A 1 114 ? -7.106  -12.500 -0.611  1.00 11.13 ? 114  HIS A CA  1 
ATOM   922  C  C   . HIS A 1 114 ? -8.359  -11.648 -0.731  1.00 10.75 ? 114  HIS A C   1 
ATOM   923  O  O   . HIS A 1 114 ? -9.242  -11.750 0.114   1.00 10.97 ? 114  HIS A O   1 
ATOM   924  C  CB  . HIS A 1 114 ? -6.256  -11.981 0.554   1.00 11.66 ? 114  HIS A CB  1 
ATOM   925  C  CG  . HIS A 1 114 ? -5.149  -12.904 0.955   1.00 12.39 ? 114  HIS A CG  1 
ATOM   926  N  ND1 . HIS A 1 114 ? -5.362  -14.049 1.693   1.00 15.65 ? 114  HIS A ND1 1 
ATOM   927  C  CD2 . HIS A 1 114 ? -3.813  -12.834 0.743   1.00 14.02 ? 114  HIS A CD2 1 
ATOM   928  C  CE1 . HIS A 1 114 ? -4.208  -14.661 1.895   1.00 16.09 ? 114  HIS A CE1 1 
ATOM   929  N  NE2 . HIS A 1 114 ? -3.252  -13.942 1.337   1.00 14.57 ? 114  HIS A NE2 1 
ATOM   930  N  N   . CYS A 1 115 ? -8.427  -10.805 -1.760  1.00 9.81  ? 115  CYS A N   1 
ATOM   931  C  CA  . CYS A 1 115 ? -9.465  -9.773  -1.819  1.00 10.27 ? 115  CYS A CA  1 
ATOM   932  C  C   . CYS A 1 115 ? -10.318 -9.832  -3.072  1.00 10.42 ? 115  CYS A C   1 
ATOM   933  O  O   . CYS A 1 115 ? -11.537 -9.701  -2.985  1.00 10.20 ? 115  CYS A O   1 
ATOM   934  C  CB  . CYS A 1 115 ? -8.850  -8.380  -1.692  1.00 9.82  ? 115  CYS A CB  1 
ATOM   935  S  SG  . CYS A 1 115 ? -7.786  -8.162  -0.235  1.00 9.42  ? 115  CYS A SG  1 
ATOM   936  N  N   . ARG A 1 116 ? -9.676  -10.016 -4.220  1.00 11.03 ? 116  ARG A N   1 
ATOM   937  C  CA  . ARG A 1 116 ? -10.393 -10.142 -5.487  1.00 12.48 ? 116  ARG A CA  1 
ATOM   938  C  C   . ARG A 1 116 ? -11.373 -11.291 -5.365  1.00 13.47 ? 116  ARG A C   1 
ATOM   939  O  O   . ARG A 1 116 ? -11.018 -12.344 -4.816  1.00 13.54 ? 116  ARG A O   1 
ATOM   940  C  CB  . ARG A 1 116 ? -9.417  -10.455 -6.618  1.00 12.80 ? 116  ARG A CB  1 
ATOM   941  C  CG  . ARG A 1 116 ? -10.072 -10.532 -7.992  1.00 13.24 ? 116  ARG A CG  1 
ATOM   942  C  CD  . ARG A 1 116 ? -9.175  -11.238 -8.987  1.00 16.60 ? 116  ARG A CD  1 
ATOM   943  N  NE  . ARG A 1 116 ? -9.071  -12.650 -8.631  1.00 20.01 ? 116  ARG A NE  1 
ATOM   944  C  CZ  . ARG A 1 116 ? -8.077  -13.464 -8.969  1.00 22.73 ? 116  ARG A CZ  1 
ATOM   945  N  NH1 . ARG A 1 116 ? -7.059  -13.027 -9.709  1.00 23.83 ? 116  ARG A NH1 1 
ATOM   946  N  NH2 . ARG A 1 116 ? -8.106  -14.729 -8.556  1.00 22.47 ? 116  ARG A NH2 1 
ATOM   947  N  N   . ASP A 1 117 ? -12.598 -11.112 -5.857  1.00 14.39 ? 117  ASP A N   1 
ATOM   948  C  CA  . ASP A 1 117 ? -13.586 -12.225 -5.796  1.00 16.52 ? 117  ASP A CA  1 
ATOM   949  C  C   . ASP A 1 117 ? -13.919 -12.689 -4.354  1.00 16.37 ? 117  ASP A C   1 
ATOM   950  O  O   . ASP A 1 117 ? -14.337 -13.840 -4.105  1.00 16.27 ? 117  ASP A O   1 
ATOM   951  C  CB  . ASP A 1 117 ? -13.122 -13.439 -6.624  1.00 17.34 ? 117  ASP A CB  1 
ATOM   952  C  CG  . ASP A 1 117 ? -12.825 -13.098 -8.078  1.00 20.07 ? 117  ASP A CG  1 
ATOM   953  O  OD1 . ASP A 1 117 ? -13.616 -12.364 -8.714  1.00 22.73 ? 117  ASP A OD1 1 
ATOM   954  O  OD2 . ASP A 1 117 ? -11.797 -13.593 -8.586  1.00 22.39 ? 117  ASP A OD2 1 
ATOM   955  N  N   . HIS A 1 118 ? -13.694 -11.785 -3.403  1.00 15.28 ? 118  HIS A N   1 
ATOM   956  C  CA  . HIS A 1 118 ? -14.167 -11.933 -2.045  1.00 15.50 ? 118  HIS A CA  1 
ATOM   957  C  C   . HIS A 1 118 ? -15.087 -10.742 -1.789  1.00 14.60 ? 118  HIS A C   1 
ATOM   958  O  O   . HIS A 1 118 ? -14.896 -9.673  -2.362  1.00 13.89 ? 118  HIS A O   1 
ATOM   959  C  CB  . HIS A 1 118 ? -12.991 -11.891 -1.056  1.00 15.99 ? 118  HIS A CB  1 
ATOM   960  C  CG  . HIS A 1 118 ? -12.053 -13.059 -1.160  1.00 17.04 ? 118  HIS A CG  1 
ATOM   961  N  ND1 . HIS A 1 118 ? -11.076 -13.149 -2.129  1.00 19.94 ? 118  HIS A ND1 1 
ATOM   962  C  CD2 . HIS A 1 118 ? -11.931 -14.172 -0.400  1.00 19.27 ? 118  HIS A CD2 1 
ATOM   963  C  CE1 . HIS A 1 118 ? -10.397 -14.271 -1.964  1.00 19.65 ? 118  HIS A CE1 1 
ATOM   964  N  NE2 . HIS A 1 118 ? -10.899 -14.914 -0.925  1.00 19.20 ? 118  HIS A NE2 1 
ATOM   965  N  N   . ASP A 1 119 ? -16.079 -10.924 -0.931  1.00 14.59 ? 119  ASP A N   1 
ATOM   966  C  CA  . ASP A 1 119 ? -16.875 -9.806  -0.448  1.00 14.84 ? 119  ASP A CA  1 
ATOM   967  C  C   . ASP A 1 119 ? -16.019 -9.071  0.595   1.00 13.94 ? 119  ASP A C   1 
ATOM   968  O  O   . ASP A 1 119 ? -15.652 -9.648  1.619   1.00 14.45 ? 119  ASP A O   1 
ATOM   969  C  CB  . ASP A 1 119 ? -18.171 -10.370 0.149   1.00 16.15 ? 119  ASP A CB  1 
ATOM   970  C  CG  . ASP A 1 119 ? -18.828 -9.448  1.152   1.00 18.55 ? 119  ASP A CG  1 
ATOM   971  O  OD1 . ASP A 1 119 ? -19.509 -10.003 2.044   1.00 20.98 ? 119  ASP A OD1 1 
ATOM   972  O  OD2 . ASP A 1 119 ? -18.692 -8.198  1.044   1.00 19.64 ? 119  ASP A OD2 1 
ATOM   973  N  N   . VAL A 1 120 ? -15.666 -7.815  0.319   1.00 12.38 ? 120  VAL A N   1 
ATOM   974  C  CA  . VAL A 1 120 ? -14.771 -7.065  1.219   1.00 11.49 ? 120  VAL A CA  1 
ATOM   975  C  C   . VAL A 1 120 ? -15.494 -6.000  2.037   1.00 11.35 ? 120  VAL A C   1 
ATOM   976  O  O   . VAL A 1 120 ? -14.859 -5.216  2.749   1.00 9.98  ? 120  VAL A O   1 
ATOM   977  C  CB  . VAL A 1 120 ? -13.559 -6.424  0.469   1.00 11.02 ? 120  VAL A CB  1 
ATOM   978  C  CG1 . VAL A 1 120 ? -12.612 -7.514  -0.040  1.00 12.18 ? 120  VAL A CG1 1 
ATOM   979  C  CG2 . VAL A 1 120 ? -14.042 -5.499  -0.660  1.00 11.87 ? 120  VAL A CG2 1 
ATOM   980  N  N   . SER A 1 121 ? -16.822 -5.997  1.932   1.00 11.49 ? 121  SER A N   1 
ATOM   981  C  CA  . SER A 1 121 ? -17.691 -5.045  2.628   1.00 12.58 ? 121  SER A CA  1 
ATOM   982  C  C   . SER A 1 121 ? -17.412 -4.949  4.128   1.00 12.10 ? 121  SER A C   1 
ATOM   983  O  O   . SER A 1 121 ? -17.561 -3.866  4.733   1.00 12.66 ? 121  SER A O   1 
ATOM   984  C  CB  . SER A 1 121 ? -19.171 -5.425  2.417   1.00 12.57 ? 121  SER A CB  1 
ATOM   985  O  OG  . SER A 1 121 ? -19.454 -6.691  3.014   1.00 14.57 ? 121  SER A OG  1 
ATOM   986  N  N   . SER A 1 122 ? -17.021 -6.069  4.733   1.00 12.22 ? 122  SER A N   1 
ATOM   987  C  CA  . SER A 1 122 ? -16.782 -6.101  6.183   1.00 12.04 ? 122  SER A CA  1 
ATOM   988  C  C   . SER A 1 122 ? -15.657 -5.164  6.616   1.00 11.33 ? 122  SER A C   1 
ATOM   989  O  O   . SER A 1 122 ? -15.610 -4.749  7.772   1.00 11.42 ? 122  SER A O   1 
ATOM   990  C  CB  . SER A 1 122 ? -16.528 -7.527  6.696   1.00 12.56 ? 122  SER A CB  1 
ATOM   991  O  OG  . SER A 1 122 ? -15.309 -8.053  6.196   1.00 14.92 ? 122  SER A OG  1 
ATOM   992  N  N   . TYR A 1 123 ? -14.769 -4.801  5.687   1.00 9.68  ? 123  TYR A N   1 
ATOM   993  C  CA  . TYR A 1 123 ? -13.666 -3.912  6.047   1.00 9.69  ? 123  TYR A CA  1 
ATOM   994  C  C   . TYR A 1 123 ? -14.104 -2.535  6.511   1.00 9.76  ? 123  TYR A C   1 
ATOM   995  O  O   . TYR A 1 123 ? -13.381 -1.889  7.264   1.00 9.94  ? 123  TYR A O   1 
ATOM   996  C  CB  . TYR A 1 123 ? -12.597 -3.845  4.947   1.00 8.76  ? 123  TYR A CB  1 
ATOM   997  C  CG  . TYR A 1 123 ? -11.713 -5.055  5.036   1.00 8.98  ? 123  TYR A CG  1 
ATOM   998  C  CD1 . TYR A 1 123 ? -10.624 -5.076  5.893   1.00 8.53  ? 123  TYR A CD1 1 
ATOM   999  C  CD2 . TYR A 1 123 ? -12.015 -6.204  4.318   1.00 9.41  ? 123  TYR A CD2 1 
ATOM   1000 C  CE1 . TYR A 1 123 ? -9.835  -6.197  6.023   1.00 10.07 ? 123  TYR A CE1 1 
ATOM   1001 C  CE2 . TYR A 1 123 ? -11.244 -7.349  4.438   1.00 10.42 ? 123  TYR A CE2 1 
ATOM   1002 C  CZ  . TYR A 1 123 ? -10.133 -7.331  5.285   1.00 9.13  ? 123  TYR A CZ  1 
ATOM   1003 O  OH  . TYR A 1 123 ? -9.366  -8.470  5.399   1.00 11.83 ? 123  TYR A OH  1 
ATOM   1004 N  N   . VAL A 1 124 ? -15.295 -2.095  6.109   1.00 9.05  ? 124  VAL A N   1 
ATOM   1005 C  CA  . VAL A 1 124 ? -15.808 -0.800  6.589   1.00 10.07 ? 124  VAL A CA  1 
ATOM   1006 C  C   . VAL A 1 124 ? -16.861 -0.928  7.700   1.00 9.91  ? 124  VAL A C   1 
ATOM   1007 O  O   . VAL A 1 124 ? -17.437 0.067   8.140   1.00 9.92  ? 124  VAL A O   1 
ATOM   1008 C  CB  . VAL A 1 124 ? -16.296 0.122   5.432   1.00 9.75  ? 124  VAL A CB  1 
ATOM   1009 C  CG1 . VAL A 1 124 ? -15.146 0.457   4.472   1.00 9.63  ? 124  VAL A CG1 1 
ATOM   1010 C  CG2 . VAL A 1 124 ? -17.493 -0.475  4.686   1.00 11.87 ? 124  VAL A CG2 1 
ATOM   1011 N  N   . GLU A 1 125 ? -17.087 -2.159  8.166   1.00 10.63 ? 125  GLU A N   1 
ATOM   1012 C  CA  . GLU A 1 125 ? -18.099 -2.416  9.191   1.00 11.29 ? 125  GLU A CA  1 
ATOM   1013 C  C   . GLU A 1 125 ? -17.784 -1.613  10.453  1.00 11.72 ? 125  GLU A C   1 
ATOM   1014 O  O   . GLU A 1 125 ? -16.656 -1.643  10.948  1.00 11.70 ? 125  GLU A O   1 
ATOM   1015 C  CB  . GLU A 1 125 ? -18.127 -3.922  9.481   1.00 11.96 ? 125  GLU A CB  1 
ATOM   1016 C  CG  . GLU A 1 125 ? -19.148 -4.384  10.498  1.00 13.80 ? 125  GLU A CG  1 
ATOM   1017 C  CD  . GLU A 1 125 ? -19.084 -5.886  10.700  1.00 15.66 ? 125  GLU A CD  1 
ATOM   1018 O  OE1 . GLU A 1 125 ? -19.078 -6.310  11.873  1.00 15.88 ? 125  GLU A OE1 1 
ATOM   1019 O  OE2 . GLU A 1 125 ? -19.002 -6.629  9.685   1.00 15.75 ? 125  GLU A OE2 1 
ATOM   1020 N  N   . GLY A 1 126 ? -18.778 -0.867  10.944  1.00 12.41 ? 126  GLY A N   1 
ATOM   1021 C  CA  . GLY A 1 126 ? -18.622 -0.085  12.172  1.00 13.48 ? 126  GLY A CA  1 
ATOM   1022 C  C   . GLY A 1 126 ? -17.813 1.197   12.060  1.00 13.78 ? 126  GLY A C   1 
ATOM   1023 O  O   . GLY A 1 126 ? -17.569 1.862   13.075  1.00 14.56 ? 126  GLY A O   1 
ATOM   1024 N  N   . CYS A 1 127 ? -17.406 1.562   10.841  1.00 13.23 ? 127  CYS A N   1 
ATOM   1025 C  CA  . CYS A 1 127 ? -16.628 2.789   10.627  1.00 13.20 ? 127  CYS A CA  1 
ATOM   1026 C  C   . CYS A 1 127 ? -17.526 3.964   10.230  1.00 13.85 ? 127  CYS A C   1 
ATOM   1027 O  O   . CYS A 1 127 ? -18.407 3.818   9.397   1.00 15.26 ? 127  CYS A O   1 
ATOM   1028 C  CB  . CYS A 1 127 ? -15.563 2.590   9.539   1.00 12.57 ? 127  CYS A CB  1 
ATOM   1029 S  SG  . CYS A 1 127 ? -14.425 1.198   9.763   1.00 10.89 ? 127  CYS A SG  1 
ATOM   1030 N  N   . THR A 1 128 ? -17.284 5.126   10.827  1.00 13.73 ? 128  THR A N   1 
ATOM   1031 C  CA  . THR A 1 128 ? -17.956 6.360   10.428  1.00 13.98 ? 128  THR A CA  1 
ATOM   1032 C  C   . THR A 1 128 ? -17.199 6.978   9.264   1.00 13.95 ? 128  THR A C   1 
ATOM   1033 O  O   . THR A 1 128 ? -16.036 7.374   9.410   1.00 14.39 ? 128  THR A O   1 
ATOM   1034 C  CB  . THR A 1 128 ? -17.999 7.373   11.586  1.00 13.97 ? 128  THR A CB  1 
ATOM   1035 O  OG1 . THR A 1 128 ? -18.558 6.747   12.741  1.00 15.61 ? 128  THR A OG1 1 
ATOM   1036 C  CG2 . THR A 1 128 ? -18.830 8.596   11.209  1.00 14.14 ? 128  THR A CG2 1 
ATOM   1037 N  N   . LEU A 1 129 ? -17.850 7.053   8.108   1.00 14.17 ? 129  LEU A N   1 
ATOM   1038 C  CA  . LEU A 1 129 ? -17.195 7.556   6.902   1.00 14.46 ? 129  LEU A CA  1 
ATOM   1039 C  C   . LEU A 1 129 ? -18.028 8.605   6.171   1.00 15.00 ? 129  LEU A C   1 
ATOM   1040 O  O   . LEU A 1 129 ? -19.064 9.062   6.682   1.00 15.85 ? 129  LEU A O   1 
ATOM   1041 C  CB  . LEU A 1 129 ? -16.844 6.386   5.973   1.00 14.27 ? 129  LEU A CB  1 
ATOM   1042 C  CG  . LEU A 1 129 ? -15.812 5.409   6.539   1.00 14.37 ? 129  LEU A CG  1 
ATOM   1043 C  CD1 . LEU A 1 129 ? -15.916 4.044   5.870   1.00 13.69 ? 129  LEU A CD1 1 
ATOM   1044 C  CD2 . LEU A 1 129 ? -14.387 5.961   6.444   1.00 14.01 ? 129  LEU A CD2 1 
ATOM   1045 O  OXT . LEU A 1 129 ? -17.673 9.028   5.067   1.00 15.28 ? 129  LEU A OXT 1 
HETATM 1046 NA NA  . NA  B 2 .   ? 14.520  1.552   -6.361  1.00 6.49  ? 2001 NA  A NA  1 
HETATM 1047 C  C1  . MPD C 3 .   ? 6.477   11.216  -9.653  1.00 20.17 ? 1001 MPD A C1  1 
HETATM 1048 C  C2  . MPD C 3 .   ? 4.975   11.099  -9.908  1.00 20.13 ? 1001 MPD A C2  1 
HETATM 1049 O  O2  . MPD C 3 .   ? 4.343   12.379  -9.645  1.00 18.47 ? 1001 MPD A O2  1 
HETATM 1050 C  CM  . MPD C 3 .   ? 4.749   10.799  -11.387 1.00 20.71 ? 1001 MPD A CM  1 
HETATM 1051 C  C3  . MPD C 3 .   ? 4.340   10.022  -9.017  1.00 19.65 ? 1001 MPD A C3  1 
HETATM 1052 C  C4  . MPD C 3 .   ? 4.708   10.178  -7.540  1.00 20.93 ? 1001 MPD A C4  1 
HETATM 1053 O  O4  . MPD C 3 .   ? 4.588   11.531  -7.161  1.00 22.93 ? 1001 MPD A O4  1 
HETATM 1054 C  C5  . MPD C 3 .   ? 3.829   9.323   -6.634  1.00 19.54 ? 1001 MPD A C5  1 
HETATM 1055 C  C1  . MPD D 3 .   ? 0.228   8.257   -12.620 1.00 26.50 ? 1002 MPD A C1  1 
HETATM 1056 C  C2  . MPD D 3 .   ? 0.819   9.639   -12.367 1.00 27.40 ? 1002 MPD A C2  1 
HETATM 1057 O  O2  . MPD D 3 .   ? 1.988   9.499   -11.516 1.00 28.06 ? 1002 MPD A O2  1 
HETATM 1058 C  CM  . MPD D 3 .   ? 1.313   10.219  -13.685 1.00 27.01 ? 1002 MPD A CM  1 
HETATM 1059 C  C3  . MPD D 3 .   ? -0.177  10.606  -11.710 1.00 27.17 ? 1002 MPD A C3  1 
HETATM 1060 C  C4  . MPD D 3 .   ? -0.986  10.087  -10.514 1.00 28.02 ? 1002 MPD A C4  1 
HETATM 1061 O  O4  . MPD D 3 .   ? -1.903  9.094   -10.915 1.00 28.36 ? 1002 MPD A O4  1 
HETATM 1062 C  C5  . MPD D 3 .   ? -0.107  9.517   -9.412  1.00 26.83 ? 1002 MPD A C5  1 
HETATM 1063 O  O   . HOH E 4 .   ? 16.207  1.128   -4.675  1.00 6.58  ? 2002 HOH A O   1 
HETATM 1064 O  O   . HOH E 4 .   ? -16.022 0.646   0.134   1.00 7.53  ? 2003 HOH A O   1 
HETATM 1065 O  O   . HOH E 4 .   ? 3.650   1.708   1.619   1.00 8.53  ? 2004 HOH A O   1 
HETATM 1066 O  O   . HOH E 4 .   ? -15.174 -4.660  -5.476  1.00 9.37  ? 2005 HOH A O   1 
HETATM 1067 O  O   . HOH E 4 .   ? -11.646 8.978   -0.950  1.00 10.71 ? 2006 HOH A O   1 
HETATM 1068 O  O   . HOH E 4 .   ? 16.531  6.236   0.243   1.00 9.14  ? 2007 HOH A O   1 
HETATM 1069 O  O   . HOH E 4 .   ? 16.190  3.213   -6.940  1.00 8.41  ? 2008 HOH A O   1 
HETATM 1070 O  O   . HOH E 4 .   ? 3.308   2.974   5.187   1.00 15.15 ? 2009 HOH A O   1 
HETATM 1071 O  O   . HOH E 4 .   ? 4.111   7.754   3.662   1.00 8.41  ? 2010 HOH A O   1 
HETATM 1072 O  O   . HOH E 4 .   ? 18.779  0.709   -5.371  1.00 8.94  ? 2011 HOH A O   1 
HETATM 1073 O  O   . HOH E 4 .   ? 5.259   -2.931  -5.211  1.00 13.35 ? 2012 HOH A O   1 
HETATM 1074 O  O   . HOH E 4 .   ? 16.197  -3.856  -0.445  1.00 15.51 ? 2013 HOH A O   1 
HETATM 1075 O  O   . HOH E 4 .   ? 5.461   -8.079  1.008   1.00 12.20 ? 2014 HOH A O   1 
HETATM 1076 O  O   . HOH E 4 .   ? 18.282  -5.205  -1.425  1.00 14.19 ? 2015 HOH A O   1 
HETATM 1077 O  O   . HOH E 4 .   ? 14.821  5.909   -11.139 1.00 17.33 ? 2016 HOH A O   1 
HETATM 1078 O  O   . HOH E 4 .   ? -5.588  1.650   -13.582 1.00 10.23 ? 2017 HOH A O   1 
HETATM 1079 O  O   . HOH E 4 .   ? -7.425  0.976   -11.503 1.00 12.15 ? 2018 HOH A O   1 
HETATM 1080 O  O   . HOH E 4 .   ? 0.235   10.224  -7.049  1.00 13.98 ? 2019 HOH A O   1 
HETATM 1081 O  O   . HOH E 4 .   ? 18.447  -13.807 -3.977  1.00 15.12 ? 2020 HOH A O   1 
HETATM 1082 O  O   . HOH E 4 .   ? -10.081 -10.739 4.360   1.00 16.12 ? 2021 HOH A O   1 
HETATM 1083 O  O   . HOH E 4 .   ? 16.661  -6.344  -8.681  1.00 14.41 ? 2022 HOH A O   1 
HETATM 1084 O  O   . HOH E 4 .   ? -2.276  11.598  -3.096  1.00 15.05 ? 2023 HOH A O   1 
HETATM 1085 O  O   . HOH E 4 .   ? 10.711  -6.844  -7.480  1.00 13.29 ? 2024 HOH A O   1 
HETATM 1086 O  O   . HOH E 4 .   ? -6.972  -12.625 9.322   1.00 16.35 ? 2025 HOH A O   1 
HETATM 1087 O  O   . HOH E 4 .   ? 3.980   10.658  4.146   1.00 13.42 ? 2026 HOH A O   1 
HETATM 1088 O  O   . HOH E 4 .   ? -10.178 8.066   -9.814  1.00 15.57 ? 2027 HOH A O   1 
HETATM 1089 O  O   . HOH E 4 .   ? -1.369  11.769  -0.496  1.00 20.46 ? 2028 HOH A O   1 
HETATM 1090 O  O   . HOH E 4 .   ? 9.144   5.443   9.728   1.00 16.44 ? 2029 HOH A O   1 
HETATM 1091 O  O   . HOH E 4 .   ? 3.691   5.608   5.271   1.00 12.32 ? 2030 HOH A O   1 
HETATM 1092 O  O   . HOH E 4 .   ? 10.676  -1.288  9.237   1.00 17.78 ? 2031 HOH A O   1 
HETATM 1093 O  O   . HOH E 4 .   ? 18.979  -12.956 -1.542  1.00 22.14 ? 2032 HOH A O   1 
HETATM 1094 O  O   . HOH E 4 .   ? 7.342   -6.184  8.845   1.00 26.26 ? 2033 HOH A O   1 
HETATM 1095 O  O   . HOH E 4 .   ? 9.037   2.545   -12.203 1.00 16.90 ? 2034 HOH A O   1 
HETATM 1096 O  O   . HOH E 4 .   ? 3.228   -5.900  -2.552  1.00 16.17 ? 2035 HOH A O   1 
HETATM 1097 O  O   . HOH E 4 .   ? 15.965  8.379   -6.853  1.00 18.96 ? 2036 HOH A O   1 
HETATM 1098 O  O   . HOH E 4 .   ? 5.192   4.477   14.589  1.00 21.22 ? 2037 HOH A O   1 
HETATM 1099 O  O   . HOH E 4 .   ? 10.888  6.827   7.731   1.00 17.44 ? 2038 HOH A O   1 
HETATM 1100 O  O   . HOH E 4 .   ? -16.629 -1.825  -1.519  1.00 22.46 ? 2039 HOH A O   1 
HETATM 1101 O  O   . HOH E 4 .   ? -14.874 5.291   12.776  1.00 14.69 ? 2040 HOH A O   1 
HETATM 1102 O  O   . HOH E 4 .   ? -13.308 -8.656  -7.406  1.00 19.61 ? 2041 HOH A O   1 
HETATM 1103 O  O   . HOH E 4 .   ? 5.681   -4.022  -7.919  1.00 21.47 ? 2042 HOH A O   1 
HETATM 1104 O  O   . HOH E 4 .   ? 14.989  -5.850  3.551   1.00 21.07 ? 2043 HOH A O   1 
HETATM 1105 O  O   . HOH E 4 .   ? -16.505 -8.915  3.981   1.00 23.04 ? 2044 HOH A O   1 
HETATM 1106 O  O   . HOH E 4 .   ? 15.271  -2.378  4.037   1.00 17.69 ? 2045 HOH A O   1 
HETATM 1107 O  O   . HOH E 4 .   ? 7.816   -7.849  -4.005  1.00 16.01 ? 2046 HOH A O   1 
HETATM 1108 O  O   . HOH E 4 .   ? 5.315   8.753   -3.036  1.00 15.15 ? 2047 HOH A O   1 
HETATM 1109 O  O   . HOH E 4 .   ? 3.558   -5.768  9.603   1.00 18.07 ? 2048 HOH A O   1 
HETATM 1110 O  O   . HOH E 4 .   ? 2.812   -2.741  -4.840  1.00 27.32 ? 2049 HOH A O   1 
HETATM 1111 O  O   . HOH E 4 .   ? -8.012  -2.751  13.603  1.00 19.05 ? 2050 HOH A O   1 
HETATM 1112 O  O   . HOH E 4 .   ? -1.558  9.499   7.831   1.00 25.43 ? 2051 HOH A O   1 
HETATM 1113 O  O   . HOH E 4 .   ? -5.365  -11.114 7.709   1.00 22.46 ? 2052 HOH A O   1 
HETATM 1114 O  O   . HOH E 4 .   ? -5.129  -2.951  13.514  1.00 14.42 ? 2053 HOH A O   1 
HETATM 1115 O  O   . HOH E 4 .   ? -1.318  8.686   11.037  1.00 26.35 ? 2054 HOH A O   1 
HETATM 1116 O  O   . HOH E 4 .   ? -21.339 -0.929  9.721   1.00 25.32 ? 2055 HOH A O   1 
HETATM 1117 O  O   . HOH E 4 .   ? 9.127   13.100  -0.900  1.00 23.43 ? 2056 HOH A O   1 
HETATM 1118 O  O   . HOH E 4 .   ? -0.756  -5.440  -12.997 1.00 31.46 ? 2057 HOH A O   1 
HETATM 1119 O  O   . HOH E 4 .   ? 2.365   -7.686  -5.774  1.00 22.48 ? 2058 HOH A O   1 
HETATM 1120 O  O   . HOH E 4 .   ? -19.935 -3.313  6.379   1.00 19.26 ? 2059 HOH A O   1 
HETATM 1121 O  O   . HOH E 4 .   ? -8.951  -13.912 -4.613  1.00 32.77 ? 2060 HOH A O   1 
HETATM 1122 O  O   . HOH E 4 .   ? 23.772  2.602   -2.467  1.00 17.67 ? 2061 HOH A O   1 
HETATM 1123 O  O   . HOH E 4 .   ? 1.826   2.325   16.263  1.00 18.80 ? 2062 HOH A O   1 
HETATM 1124 O  O   . HOH E 4 .   ? 1.328   -8.451  -3.130  1.00 16.34 ? 2063 HOH A O   1 
HETATM 1125 O  O   . HOH E 4 .   ? -13.903 9.383   -3.078  1.00 22.68 ? 2064 HOH A O   1 
HETATM 1126 O  O   . HOH E 4 .   ? -5.094  9.037   13.292  1.00 29.83 ? 2065 HOH A O   1 
HETATM 1127 O  O   . HOH E 4 .   ? -17.210 -6.428  -1.516  1.00 26.44 ? 2066 HOH A O   1 
HETATM 1128 O  O   . HOH E 4 .   ? -19.092 2.338   7.238   1.00 23.28 ? 2067 HOH A O   1 
HETATM 1129 O  O   . HOH E 4 .   ? -4.858  -10.874 -13.204 1.00 22.01 ? 2068 HOH A O   1 
HETATM 1130 O  O   . HOH E 4 .   ? -7.808  -15.029 2.493   1.00 24.54 ? 2069 HOH A O   1 
HETATM 1131 O  O   . HOH E 4 .   ? -15.631 -2.059  13.479  1.00 23.05 ? 2070 HOH A O   1 
HETATM 1132 O  O   . HOH E 4 .   ? -0.217  -14.902 -3.476  1.00 26.96 ? 2071 HOH A O   1 
HETATM 1133 O  O   . HOH E 4 .   ? -4.829  6.514   -15.195 1.00 28.98 ? 2072 HOH A O   1 
HETATM 1134 O  O   . HOH E 4 .   ? -4.356  9.133   10.344  1.00 28.76 ? 2073 HOH A O   1 
HETATM 1135 O  O   . HOH E 4 .   ? -17.043 -11.792 2.581   1.00 30.07 ? 2074 HOH A O   1 
HETATM 1136 O  O   . HOH E 4 .   ? -20.620 6.141   7.856   1.00 24.16 ? 2075 HOH A O   1 
HETATM 1137 O  O   . HOH E 4 .   ? -9.127  10.869  -5.559  1.00 23.48 ? 2076 HOH A O   1 
HETATM 1138 O  O   . HOH E 4 .   ? -6.482  11.990  -5.843  1.00 18.01 ? 2077 HOH A O   1 
HETATM 1139 O  O   . HOH E 4 .   ? 18.862  -7.792  -9.901  1.00 26.41 ? 2078 HOH A O   1 
HETATM 1140 O  O   . HOH E 4 .   ? 13.253  11.804  -4.086  1.00 19.41 ? 2079 HOH A O   1 
HETATM 1141 O  O   . HOH E 4 .   ? 8.641   -11.048 -7.047  1.00 31.77 ? 2080 HOH A O   1 
HETATM 1142 O  O   . HOH E 4 .   ? 13.657  8.063   -10.169 1.00 26.98 ? 2081 HOH A O   1 
HETATM 1143 O  O   . HOH E 4 .   ? 13.126  -6.287  5.532   1.00 26.80 ? 2082 HOH A O   1 
HETATM 1144 O  O   . HOH E 4 .   ? -2.440  11.593  6.165   1.00 37.10 ? 2083 HOH A O   1 
HETATM 1145 O  O   . HOH E 4 .   ? -0.831  7.640   16.026  1.00 33.55 ? 2084 HOH A O   1 
HETATM 1146 O  O   . HOH E 4 .   ? 8.358   12.102  -3.318  1.00 21.70 ? 2085 HOH A O   1 
HETATM 1147 O  O   . HOH E 4 .   ? -0.397  6.593   -15.081 1.00 22.08 ? 2086 HOH A O   1 
HETATM 1148 O  O   . HOH E 4 .   ? -7.313  13.293  -3.167  1.00 36.97 ? 2087 HOH A O   1 
HETATM 1149 O  O   . HOH E 4 .   ? -15.939 8.737   -1.279  1.00 27.26 ? 2088 HOH A O   1 
HETATM 1150 O  O   . HOH E 4 .   ? -11.935 8.553   -5.908  1.00 22.38 ? 2089 HOH A O   1 
HETATM 1151 O  O   . HOH E 4 .   ? -12.904 12.633  2.104   1.00 36.60 ? 2090 HOH A O   1 
HETATM 1152 O  O   . HOH E 4 .   ? 17.010  -7.137  -13.022 1.00 22.07 ? 2091 HOH A O   1 
HETATM 1153 O  O   . HOH E 4 .   ? -7.559  14.192  -0.707  1.00 27.90 ? 2092 HOH A O   1 
HETATM 1154 O  O   . HOH E 4 .   ? 9.011   -7.996  8.367   1.00 22.06 ? 2093 HOH A O   1 
HETATM 1155 O  O   . HOH E 4 .   ? 20.117  -0.082  -9.245  1.00 33.33 ? 2094 HOH A O   1 
HETATM 1156 O  O   . HOH E 4 .   ? -8.535  -16.223 0.240   1.00 32.82 ? 2095 HOH A O   1 
HETATM 1157 O  O   . HOH E 4 .   ? -17.595 -4.032  -0.599  1.00 23.67 ? 2096 HOH A O   1 
HETATM 1158 O  O   . HOH E 4 .   ? -11.174 -13.581 -11.218 1.00 38.28 ? 2097 HOH A O   1 
HETATM 1159 O  O   . HOH E 4 .   ? -13.241 1.631   15.793  1.00 39.59 ? 2098 HOH A O   1 
HETATM 1160 O  O   . HOH E 4 .   ? 0.882   -9.032  7.406   1.00 27.22 ? 2099 HOH A O   1 
HETATM 1161 O  O   . HOH E 4 .   ? 3.772   14.005  4.883   1.00 28.87 ? 2100 HOH A O   1 
HETATM 1162 O  O   . HOH E 4 .   ? 10.862  -10.919 -9.293  1.00 31.68 ? 2101 HOH A O   1 
HETATM 1163 O  O   . HOH E 4 .   ? 10.041  -7.585  -10.219 1.00 26.34 ? 2102 HOH A O   1 
HETATM 1164 O  O   . HOH E 4 .   ? -18.348 -7.931  -3.596  1.00 27.17 ? 2103 HOH A O   1 
HETATM 1165 O  O   . HOH E 4 .   ? -10.935 -2.158  15.015  1.00 36.87 ? 2104 HOH A O   1 
HETATM 1166 O  O   . HOH E 4 .   ? 14.829  -10.361 6.006   1.00 34.38 ? 2105 HOH A O   1 
HETATM 1167 O  O   . HOH E 4 .   ? -17.822 -1.346  1.049   1.00 36.42 ? 2106 HOH A O   1 
HETATM 1168 O  O   . HOH E 4 .   ? -15.165 3.224   14.808  1.00 29.79 ? 2107 HOH A O   1 
HETATM 1169 O  O   . HOH E 4 .   ? 5.184   -7.215  7.834   1.00 26.81 ? 2108 HOH A O   1 
HETATM 1170 O  O   . HOH E 4 .   ? -11.222 -11.432 2.100   1.00 23.80 ? 2109 HOH A O   1 
HETATM 1171 O  O   . HOH E 4 .   ? 1.678   1.735   -18.070 1.00 28.82 ? 2110 HOH A O   1 
HETATM 1172 O  O   . HOH E 4 .   ? 9.015   13.466  -5.564  1.00 32.13 ? 2111 HOH A O   1 
HETATM 1173 O  O   . HOH E 4 .   ? 13.655  10.791  -6.610  1.00 32.70 ? 2112 HOH A O   1 
HETATM 1174 O  O   . HOH E 4 .   ? 22.727  -2.981  -10.002 1.00 22.70 ? 2113 HOH A O   1 
HETATM 1175 O  O   . HOH E 4 .   ? 20.165  -8.903  -0.523  1.00 38.88 ? 2114 HOH A O   1 
HETATM 1176 O  O   . HOH E 4 .   ? -9.978  10.058  11.764  1.00 29.09 ? 2115 HOH A O   1 
HETATM 1177 O  O   . HOH E 4 .   ? 9.144   1.419   15.708  1.00 35.41 ? 2116 HOH A O   1 
HETATM 1178 O  O   . HOH E 4 .   ? 13.010  -10.855 -10.962 1.00 35.71 ? 2117 HOH A O   1 
HETATM 1179 O  O   . HOH E 4 .   ? -21.228 3.735   11.062  1.00 36.84 ? 2118 HOH A O   1 
HETATM 1180 O  O   . HOH E 4 .   ? 3.684   3.151   -18.076 1.00 25.14 ? 2119 HOH A O   1 
HETATM 1181 O  O   . HOH E 4 .   ? 14.875  -14.570 -9.196  1.00 30.96 ? 2120 HOH A O   1 
HETATM 1182 O  O   . HOH E 4 .   ? -10.884 12.866  -4.530  1.00 27.77 ? 2121 HOH A O   1 
HETATM 1183 O  O   . HOH E 4 .   ? -4.760  -14.711 -10.017 1.00 40.26 ? 2122 HOH A O   1 
HETATM 1184 O  O   . HOH E 4 .   ? -20.115 -1.330  2.477   1.00 30.05 ? 2123 HOH A O   1 
HETATM 1185 O  O   . HOH E 4 .   ? 20.954  -5.702  -1.336  1.00 40.84 ? 2124 HOH A O   1 
HETATM 1186 O  O   . HOH E 4 .   ? -7.645  -16.655 4.656   1.00 32.47 ? 2125 HOH A O   1 
HETATM 1187 O  O   . HOH E 4 .   ? 4.428   -9.198  -6.753  1.00 32.40 ? 2126 HOH A O   1 
HETATM 1188 O  O   . HOH E 4 .   ? -20.647 5.076   5.091   1.00 32.02 ? 2127 HOH A O   1 
HETATM 1189 O  O   . HOH E 4 .   ? 5.831   11.024  -4.421  1.00 44.64 ? 2128 HOH A O   1 
HETATM 1190 O  O   . HOH E 4 .   ? 8.084   -7.729  -6.713  1.00 25.65 ? 2129 HOH A O   1 
HETATM 1191 O  O   . HOH E 4 .   ? -6.355  -13.207 -13.400 1.00 33.05 ? 2130 HOH A O   1 
HETATM 1192 O  O   . HOH E 4 .   ? 3.460   -7.922  6.042   1.00 28.98 ? 2131 HOH A O   1 
HETATM 1193 O  O   . HOH E 4 .   ? -8.924  -13.161 -12.686 1.00 38.60 ? 2132 HOH A O   1 
HETATM 1194 O  O   . HOH E 4 .   ? 21.806  -0.448  -7.178  1.00 31.39 ? 2133 HOH A O   1 
HETATM 1195 O  O   . HOH E 4 .   ? -12.009 -4.892  14.383  1.00 32.97 ? 2134 HOH A O   1 
HETATM 1196 O  O   . HOH E 4 .   ? 18.197  3.921   -11.208 1.00 25.16 ? 2135 HOH A O   1 
HETATM 1197 O  O   . HOH E 4 .   ? 5.456   11.356  8.984   1.00 23.12 ? 2136 HOH A O   1 
HETATM 1198 O  O   . HOH E 4 .   ? 11.038  1.135   10.718  1.00 19.99 ? 2137 HOH A O   1 
HETATM 1199 O  O   . HOH E 4 .   ? 13.623  -12.458 5.202   1.00 23.58 ? 2138 HOH A O   1 
HETATM 1200 O  O   . HOH E 4 .   ? 13.811  11.663  -9.077  1.00 20.45 ? 2139 HOH A O   1 
HETATM 1201 O  O   . HOH E 4 .   ? 0.218   -12.855 -1.722  1.00 18.67 ? 2140 HOH A O   1 
HETATM 1202 O  O   . HOH E 4 .   ? 7.720   0.502   -13.880 1.00 30.88 ? 2141 HOH A O   1 
HETATM 1203 O  O   . HOH E 4 .   ? 2.361   -10.822 -2.225  1.00 23.39 ? 2142 HOH A O   1 
HETATM 1204 O  O   . HOH E 4 .   ? -19.138 2.933   4.526   1.00 28.12 ? 2143 HOH A O   1 
HETATM 1205 O  O   . HOH E 4 .   ? -20.357 -9.542  -3.064  1.00 29.99 ? 2144 HOH A O   1 
HETATM 1206 O  O   . HOH E 4 .   ? -5.343  12.580  -8.152  1.00 22.14 ? 2145 HOH A O   1 
HETATM 1207 O  O   . HOH E 4 .   ? -7.126  14.705  -8.641  1.00 29.74 ? 2146 HOH A O   1 
HETATM 1208 O  O   . HOH E 4 .   ? 3.750   14.240  2.383   1.00 26.28 ? 2147 HOH A O   1 
HETATM 1209 O  O   . HOH E 4 .   ? 16.879  5.143   -8.879  1.00 18.66 ? 2148 HOH A O   1 
HETATM 1210 O  O   . HOH E 4 .   ? 1.462   9.065   14.283  1.00 30.16 ? 2149 HOH A O   1 
HETATM 1211 O  O   . HOH E 4 .   ? -20.176 -7.908  -1.006  1.00 24.00 ? 2150 HOH A O   1 
HETATM 1212 O  O   . HOH E 4 .   ? 21.830  -10.655 0.891   1.00 39.29 ? 2151 HOH A O   1 
HETATM 1213 O  O   . HOH E 4 .   ? 16.643  -11.797 4.593   1.00 45.91 ? 2152 HOH A O   1 
HETATM 1214 O  O   . HOH E 4 .   ? -2.307  -9.550  -13.794 1.00 39.67 ? 2153 HOH A O   1 
HETATM 1215 O  O   . HOH E 4 .   ? 18.621  -12.979 2.809   1.00 47.52 ? 2154 HOH A O   1 
HETATM 1216 O  O   . HOH E 4 .   ? 18.053  6.837   -7.261  1.00 27.63 ? 2155 HOH A O   1 
HETATM 1217 O  O   . HOH E 4 .   ? -8.167  10.831  9.153   1.00 32.04 ? 2156 HOH A O   1 
HETATM 1218 O  O   . HOH E 4 .   ? -7.903  11.774  -9.427  1.00 37.50 ? 2157 HOH A O   1 
HETATM 1219 O  O   . HOH E 4 .   ? 18.170  -9.783  3.661   1.00 35.93 ? 2158 HOH A O   1 
HETATM 1220 O  O   . HOH E 4 .   ? -0.622  -11.511 1.584   1.00 31.34 ? 2159 HOH A O   1 
HETATM 1221 O  O   . HOH E 4 .   ? 11.881  -9.784  5.486   1.00 28.15 ? 2160 HOH A O   1 
HETATM 1222 O  O   . HOH E 4 .   ? -15.504 -13.803 0.122   1.00 19.59 ? 2161 HOH A O   1 
HETATM 1223 O  O   . HOH E 4 .   ? -16.855 5.472   2.107   1.00 31.21 ? 2162 HOH A O   1 
HETATM 1224 O  O   . HOH E 4 .   ? 5.227   0.726   -14.891 1.00 33.10 ? 2163 HOH A O   1 
HETATM 1225 O  O   . HOH E 4 .   ? -13.178 -7.494  -3.738  1.00 16.80 ? 2164 HOH A O   1 
HETATM 1226 O  O   . HOH E 4 .   ? -2.605  -10.057 10.109  1.00 21.25 ? 2165 HOH A O   1 
HETATM 1227 O  O   . HOH E 4 .   ? 16.090  -7.978  -10.641 1.00 29.45 ? 2166 HOH A O   1 
HETATM 1228 O  O   . HOH E 4 .   ? -2.896  0.371   16.520  1.00 28.10 ? 2167 HOH A O   1 
HETATM 1229 O  O   . HOH E 4 .   ? 13.683  9.475   -4.234  1.00 20.50 ? 2168 HOH A O   1 
HETATM 1230 O  O   . HOH E 4 .   ? 17.866  -5.998  3.061   1.00 27.47 ? 2169 HOH A O   1 
HETATM 1231 O  O   . HOH E 4 .   ? -0.393  -9.440  -11.081 1.00 43.21 ? 2170 HOH A O   1 
HETATM 1232 O  O   . HOH E 4 .   ? 19.790  2.417   -9.865  1.00 27.83 ? 2171 HOH A O   1 
HETATM 1233 O  O   . HOH E 4 .   ? 21.662  -7.927  -2.500  1.00 34.44 ? 2172 HOH A O   1 
HETATM 1234 O  O   . HOH E 4 .   ? -13.679 -6.498  -6.101  1.00 32.81 ? 2173 HOH A O   1 
HETATM 1235 O  O   . HOH E 4 .   ? -12.787 9.066   15.038  1.00 33.15 ? 2174 HOH A O   1 
HETATM 1236 O  O   . HOH E 4 .   ? -8.544  -10.440 6.991   1.00 34.05 ? 2175 HOH A O   1 
HETATM 1237 O  O   . HOH E 4 .   ? 8.399   -3.999  10.719  1.00 23.36 ? 2176 HOH A O   1 
HETATM 1238 O  O   . HOH E 4 .   ? 15.803  -10.854 -10.509 1.00 36.36 ? 2177 HOH A O   1 
HETATM 1239 O  O   . HOH E 4 .   ? -9.278  -13.273 1.996   1.00 37.89 ? 2178 HOH A O   1 
HETATM 1240 O  O   . HOH E 4 .   ? -13.960 -11.553 2.489   1.00 26.32 ? 2179 HOH A O   1 
HETATM 1241 O  O   . HOH E 4 .   ? -1.228  -14.011 -8.896  1.00 38.62 ? 2180 HOH A O   1 
HETATM 1242 O  O   . HOH E 4 .   ? 3.268   -9.074  2.988   1.00 31.81 ? 2181 HOH A O   1 
HETATM 1243 O  O   . HOH E 4 .   ? -20.202 -3.355  -0.635  1.00 47.27 ? 2182 HOH A O   1 
HETATM 1244 O  O   . HOH E 4 .   ? -1.597  4.024   16.014  1.00 29.68 ? 2183 HOH A O   1 
HETATM 1245 O  O   . HOH E 4 .   ? -12.284 10.700  6.053   1.00 38.41 ? 2184 HOH A O   1 
HETATM 1246 O  O   . HOH E 4 .   ? -2.962  -12.513 8.872   1.00 20.19 ? 2185 HOH A O   1 
HETATM 1247 O  O   . HOH E 4 .   ? 10.937  12.483  -2.731  1.00 44.00 ? 2186 HOH A O   1 
HETATM 1248 O  O   . HOH E 4 .   ? 1.038   -11.588 8.233   1.00 23.12 ? 2187 HOH A O   1 
HETATM 1249 O  O   . HOH E 4 .   ? 3.247   -8.862  0.268   1.00 16.19 ? 2188 HOH A O   1 
HETATM 1250 O  O   . HOH E 4 .   ? -10.340 9.991   -8.106  1.00 33.46 ? 2189 HOH A O   1 
HETATM 1251 O  O   . HOH E 4 .   ? -3.487  11.811  8.982   1.00 36.82 ? 2190 HOH A O   1 
HETATM 1252 O  O   . HOH E 4 .   ? 22.586  3.114   -5.713  1.00 31.71 ? 2191 HOH A O   1 
HETATM 1253 O  O   . HOH E 4 .   ? -16.869 -13.791 -8.497  1.00 31.82 ? 2192 HOH A O   1 
HETATM 1254 O  O   . HOH E 4 .   ? -12.181 11.941  -8.519  1.00 38.68 ? 2193 HOH A O   1 
HETATM 1255 O  O   . HOH E 4 .   ? 1.835   -12.047 4.405   1.00 34.13 ? 2194 HOH A O   1 
HETATM 1256 O  O   . HOH E 4 .   ? -1.302  12.869  10.194  1.00 40.87 ? 2195 HOH A O   1 
HETATM 1257 O  O   . HOH E 4 .   ? 4.843   0.886   13.173  1.00 21.59 ? 2196 HOH A O   1 
HETATM 1258 O  O   . HOH E 4 .   ? -5.602  11.977  7.172   1.00 77.53 ? 2197 HOH A O   1 
HETATM 1259 O  O   . HOH E 4 .   ? -20.377 -5.783  7.593   1.00 20.39 ? 2198 HOH A O   1 
HETATM 1260 O  O   . HOH E 4 .   ? -16.339 -11.469 -7.609  1.00 40.14 ? 2199 HOH A O   1 
HETATM 1261 O  O   . HOH E 4 .   ? -2.793  -9.281  8.010   1.00 30.81 ? 2200 HOH A O   1 
HETATM 1262 O  O   . HOH E 4 .   ? -16.215 -8.928  -4.499  1.00 36.18 ? 2201 HOH A O   1 
HETATM 1263 O  O   . HOH E 4 .   ? 6.501   2.089   15.585  1.00 25.67 ? 2202 HOH A O   1 
HETATM 1264 O  O   . HOH E 4 .   ? 1.289   -10.272 2.423   1.00 31.98 ? 2203 HOH A O   1 
HETATM 1265 O  O   . HOH E 4 .   ? 5.302   2.909   -14.140 1.00 26.62 ? 2204 HOH A O   1 
HETATM 1266 O  O   . HOH E 4 .   ? 5.895   12.934  6.729   1.00 27.39 ? 2205 HOH A O   1 
HETATM 1267 O  O   . HOH E 4 .   ? -14.001 -0.516  14.858  1.00 31.53 ? 2206 HOH A O   1 
HETATM 1268 O  O   . HOH E 4 .   ? 9.984   -12.539 -11.307 1.00 38.60 ? 2207 HOH A O   1 
HETATM 1269 O  O   . HOH E 4 .   ? 2.313   -8.025  -9.874  1.00 37.60 ? 2208 HOH A O   1 
HETATM 1270 O  O   . HOH E 4 .   ? -6.969  -10.829 -11.363 1.00 23.47 ? 2209 HOH A O   1 
HETATM 1271 O  O   . HOH E 4 .   ? 4.131   -7.853  -3.847  1.00 35.17 ? 2210 HOH A O   1 
HETATM 1272 O  O   . HOH E 4 .   ? -22.540 -5.363  2.868   1.00 37.44 ? 2211 HOH A O   1 
HETATM 1273 O  O   . HOH E 4 .   ? -13.962 12.071  4.549   1.00 44.04 ? 2212 HOH A O   1 
HETATM 1274 O  O   . HOH E 4 .   ? 3.593   -12.454 -9.975  1.00 36.16 ? 2213 HOH A O   1 
HETATM 1275 O  O   . HOH E 4 .   ? -14.418 10.085  7.077   1.00 35.43 ? 2214 HOH A O   1 
HETATM 1276 O  O   . HOH E 4 .   ? 5.576   4.888   10.750  1.00 23.69 ? 2215 HOH A O   1 
HETATM 1277 O  O   . HOH E 4 .   ? 6.954   8.808   10.833  1.00 23.83 ? 2216 HOH A O   1 
HETATM 1278 O  O   . HOH E 4 .   ? 7.992   6.708   11.912  1.00 28.44 ? 2217 HOH A O   1 
# 
